data_8T7X
# 
_entry.id   8T7X 
# 
_audit_conform.dict_name       mmcif_pdbx.dic 
_audit_conform.dict_version    5.383 
_audit_conform.dict_location   http://mmcif.pdb.org/dictionaries/ascii/mmcif_pdbx.dic 
# 
loop_
_database_2.database_id 
_database_2.database_code 
_database_2.pdbx_database_accession 
_database_2.pdbx_DOI 
PDB   8T7X         pdb_00008t7x 10.2210/pdb8t7x/pdb 
WWPDB D_1000275301 ?            ?                   
# 
_pdbx_database_status.status_code                     REL 
_pdbx_database_status.status_code_sf                  REL 
_pdbx_database_status.status_code_mr                  ? 
_pdbx_database_status.entry_id                        8T7X 
_pdbx_database_status.recvd_initial_deposition_date   2023-06-21 
_pdbx_database_status.SG_entry                        N 
_pdbx_database_status.deposit_site                    RCSB 
_pdbx_database_status.process_site                    RCSB 
_pdbx_database_status.status_code_cs                  ? 
_pdbx_database_status.status_code_nmr_data            ? 
_pdbx_database_status.methods_development_category    ? 
_pdbx_database_status.pdb_format_compatible           Y 
# 
loop_
_audit_author.name 
_audit_author.pdbx_ordinal 
_audit_author.identifier_ORCID 
'Simmons, C.R.'      1 0000-0002-2290-6132 
'MacCulloch, T.'     2 0000-0001-5875-3361 
'Stephanopoulos, N.' 3 0000-0001-7859-410X 
'Yan, H.'            4 0000-0001-7397-9852 
# 
_citation.abstract                  ? 
_citation.abstract_id_CAS           ? 
_citation.book_id_ISBN              ? 
_citation.book_publisher            ? 
_citation.book_publisher_city       ? 
_citation.book_title                ? 
_citation.coordinate_linkage        ? 
_citation.country                   US 
_citation.database_id_Medline       ? 
_citation.details                   ? 
_citation.id                        primary 
_citation.journal_abbrev            J.Am.Chem.Soc. 
_citation.journal_id_ASTM           JACSAT 
_citation.journal_id_CSD            ? 
_citation.journal_id_ISSN           1520-5126 
_citation.journal_full              ? 
_citation.journal_issue             ? 
_citation.journal_volume            145 
_citation.language                  ? 
_citation.page_first                26075 
_citation.page_last                 26085 
_citation.title                     
;Site-Specific Arrangement and Structure Determination of Minor Groove Binding Molecules in Self-Assembled Three-Dimensional DNA Crystals.
;
_citation.year                      2023 
_citation.database_id_CSD           ? 
_citation.pdbx_database_id_DOI      10.1021/jacs.3c07802 
_citation.pdbx_database_id_PubMed   37987645 
_citation.pdbx_database_id_patent   ? 
_citation.unpublished_flag          ? 
# 
loop_
_citation_author.citation_id 
_citation_author.name 
_citation_author.ordinal 
_citation_author.identifier_ORCID 
primary 'Simmons, C.R.'      1 0000-0002-2290-6132 
primary 'Buchberger, A.'     2 ?                   
primary 'Henry, S.J.W.'      3 0000-0002-5132-3948 
primary 'Novacek, A.'        4 ?                   
primary 'Fahmi, N.E.'        5 ?                   
primary 'MacCulloch, T.'     6 ?                   
primary 'Stephanopoulos, N.' 7 0000-0001-7859-410X 
primary 'Yan, H.'            8 0000-0001-7397-9852 
# 
_cell.angle_alpha                  90.00 
_cell.angle_alpha_esd              ? 
_cell.angle_beta                   90.00 
_cell.angle_beta_esd               ? 
_cell.angle_gamma                  120.00 
_cell.angle_gamma_esd              ? 
_cell.entry_id                     8T7X 
_cell.details                      ? 
_cell.formula_units_Z              ? 
_cell.length_a                     68.479 
_cell.length_a_esd                 ? 
_cell.length_b                     68.479 
_cell.length_b_esd                 ? 
_cell.length_c                     60.082 
_cell.length_c_esd                 ? 
_cell.volume                       ? 
_cell.volume_esd                   ? 
_cell.Z_PDB                        3 
_cell.reciprocal_angle_alpha       ? 
_cell.reciprocal_angle_beta        ? 
_cell.reciprocal_angle_gamma       ? 
_cell.reciprocal_angle_alpha_esd   ? 
_cell.reciprocal_angle_beta_esd    ? 
_cell.reciprocal_angle_gamma_esd   ? 
_cell.reciprocal_length_a          ? 
_cell.reciprocal_length_b          ? 
_cell.reciprocal_length_c          ? 
_cell.reciprocal_length_a_esd      ? 
_cell.reciprocal_length_b_esd      ? 
_cell.reciprocal_length_c_esd      ? 
_cell.pdbx_unique_axis             ? 
_cell.pdbx_esd_method              ? 
# 
_symmetry.entry_id                         8T7X 
_symmetry.cell_setting                     ? 
_symmetry.Int_Tables_number                145 
_symmetry.space_group_name_Hall            ? 
_symmetry.space_group_name_H-M             'P 32' 
_symmetry.pdbx_full_space_group_name_H-M   ? 
# 
loop_
_entity.id 
_entity.type 
_entity.src_method 
_entity.pdbx_description 
_entity.formula_weight 
_entity.pdbx_number_of_molecules 
_entity.pdbx_ec 
_entity.pdbx_mutation 
_entity.pdbx_fragment 
_entity.details 
1 polymer     syn 
;DNA (5'-D(*GP*AP*GP*AP*AP*TP*TP*CP*CP*TP*GP*AP*CP*GP*AP*CP*AP*AP*TP*TP*A)-3')
;
6455.211 1 ? ? ? ? 
2 polymer     syn 
;DNA (5'-D(P*CP*GP*TP*CP*A)-3')
;
1480.012 1 ? ? ? ? 
3 polymer     syn 
;DNA (5'-D(*TP*CP*TP*AP*AP*TP*TP*GP*T)-3')
;
2720.808 1 ? ? ? ? 
4 polymer     syn 
;DNA (5'-D(P*GP*GP*AP*AP*TP*TP*C)-3')
;
2137.435 1 ? ? ? ? 
5 non-polymer syn '6-AMIDINE-2-(4-AMIDINO-PHENYL)INDOLE'                                          277.324  2 ? ? ? ? 
6 non-polymer syn 'CACODYLATE ION'                                                                136.989  1 ? ? ? ? 
# 
loop_
_entity_poly.entity_id 
_entity_poly.type 
_entity_poly.nstd_linkage 
_entity_poly.nstd_monomer 
_entity_poly.pdbx_seq_one_letter_code 
_entity_poly.pdbx_seq_one_letter_code_can 
_entity_poly.pdbx_strand_id 
_entity_poly.pdbx_target_identifier 
1 polydeoxyribonucleotide no no 
;(DG)(DA)(DG)(DA)(DA)(DT)(DT)(DC)(DC)(DT)(DG)(DA)(DC)(DG)(DA)(DC)(DA)(DA)(DT)(DT)
(DA)
;
GAGAATTCCTGACGACAATTA A ? 
2 polydeoxyribonucleotide no no '(DC)(DG)(DT)(DC)(DA)'                                                                  CGTCA B ? 
3 polydeoxyribonucleotide no no '(DT)(DC)(DT)(DA)(DA)(DT)(DT)(DG)(DT)'                                                  TCTAATTGT 
C ? 
4 polydeoxyribonucleotide no no '(DG)(DG)(DA)(DA)(DT)(DT)(DC)'                                                          GGAATTC D 
? 
# 
loop_
_entity_poly_seq.entity_id 
_entity_poly_seq.num 
_entity_poly_seq.mon_id 
_entity_poly_seq.hetero 
1 1  DG n 
1 2  DA n 
1 3  DG n 
1 4  DA n 
1 5  DA n 
1 6  DT n 
1 7  DT n 
1 8  DC n 
1 9  DC n 
1 10 DT n 
1 11 DG n 
1 12 DA n 
1 13 DC n 
1 14 DG n 
1 15 DA n 
1 16 DC n 
1 17 DA n 
1 18 DA n 
1 19 DT n 
1 20 DT n 
1 21 DA n 
2 1  DC n 
2 2  DG n 
2 3  DT n 
2 4  DC n 
2 5  DA n 
3 1  DT n 
3 2  DC n 
3 3  DT n 
3 4  DA n 
3 5  DA n 
3 6  DT n 
3 7  DT n 
3 8  DG n 
3 9  DT n 
4 1  DG n 
4 2  DG n 
4 3  DA n 
4 4  DA n 
4 5  DT n 
4 6  DT n 
4 7  DC n 
# 
loop_
_pdbx_entity_src_syn.entity_id 
_pdbx_entity_src_syn.pdbx_src_id 
_pdbx_entity_src_syn.pdbx_alt_source_flag 
_pdbx_entity_src_syn.pdbx_beg_seq_num 
_pdbx_entity_src_syn.pdbx_end_seq_num 
_pdbx_entity_src_syn.organism_scientific 
_pdbx_entity_src_syn.organism_common_name 
_pdbx_entity_src_syn.ncbi_taxonomy_id 
_pdbx_entity_src_syn.details 
1 1 sample 1 21 'synthetic construct' ? 32630 ? 
2 1 sample 1 5  'synthetic construct' ? 32630 ? 
3 1 sample 1 9  'synthetic construct' ? 32630 ? 
4 1 sample 1 7  'synthetic construct' ? 32630 ? 
# 
loop_
_struct_ref.id 
_struct_ref.db_name 
_struct_ref.db_code 
_struct_ref.pdbx_db_accession 
_struct_ref.pdbx_db_isoform 
_struct_ref.entity_id 
_struct_ref.pdbx_seq_one_letter_code 
_struct_ref.pdbx_align_begin 
1 PDB 8T7X 8T7X ? 1 ? 1 
2 PDB 8T7X 8T7X ? 2 ? 1 
3 PDB 8T7X 8T7X ? 3 ? 1 
4 PDB 8T7X 8T7X ? 4 ? 1 
# 
loop_
_struct_ref_seq.align_id 
_struct_ref_seq.ref_id 
_struct_ref_seq.pdbx_PDB_id_code 
_struct_ref_seq.pdbx_strand_id 
_struct_ref_seq.seq_align_beg 
_struct_ref_seq.pdbx_seq_align_beg_ins_code 
_struct_ref_seq.seq_align_end 
_struct_ref_seq.pdbx_seq_align_end_ins_code 
_struct_ref_seq.pdbx_db_accession 
_struct_ref_seq.db_align_beg 
_struct_ref_seq.pdbx_db_align_beg_ins_code 
_struct_ref_seq.db_align_end 
_struct_ref_seq.pdbx_db_align_end_ins_code 
_struct_ref_seq.pdbx_auth_seq_align_beg 
_struct_ref_seq.pdbx_auth_seq_align_end 
1 1 8T7X A 1 ? 21 ? 8T7X 1  ? 21 ? 1  21 
2 2 8T7X B 1 ? 5  ? 8T7X 1  ? 5  ? 1  5  
3 3 8T7X C 1 ? 9  ? 8T7X 1  ? 9  ? 1  9  
4 4 8T7X D 1 ? 7  ? 8T7X 10 ? 16 ? 10 16 
# 
loop_
_chem_comp.id 
_chem_comp.type 
_chem_comp.mon_nstd_flag 
_chem_comp.name 
_chem_comp.pdbx_synonyms 
_chem_comp.formula 
_chem_comp.formula_weight 
CAC non-polymer   . 'CACODYLATE ION'                       dimethylarsinate 'C2 H6 As O2 -1'  136.989 
DA  'DNA linking' y "2'-DEOXYADENOSINE-5'-MONOPHOSPHATE"   ?                'C10 H14 N5 O6 P' 331.222 
DAP non-polymer   . '6-AMIDINE-2-(4-AMIDINO-PHENYL)INDOLE' ?                'C16 H15 N5'      277.324 
DC  'DNA linking' y "2'-DEOXYCYTIDINE-5'-MONOPHOSPHATE"    ?                'C9 H14 N3 O7 P'  307.197 
DG  'DNA linking' y "2'-DEOXYGUANOSINE-5'-MONOPHOSPHATE"   ?                'C10 H14 N5 O7 P' 347.221 
DT  'DNA linking' y "THYMIDINE-5'-MONOPHOSPHATE"           ?                'C10 H15 N2 O8 P' 322.208 
# 
_exptl.absorpt_coefficient_mu     ? 
_exptl.absorpt_correction_T_max   ? 
_exptl.absorpt_correction_T_min   ? 
_exptl.absorpt_correction_type    ? 
_exptl.absorpt_process_details    ? 
_exptl.entry_id                   8T7X 
_exptl.crystals_number            1 
_exptl.details                    ? 
_exptl.method                     'X-RAY DIFFRACTION' 
_exptl.method_details             ? 
# 
_exptl_crystal.colour                       ? 
_exptl_crystal.density_diffrn               ? 
_exptl_crystal.density_Matthews             6.36 
_exptl_crystal.density_method               ? 
_exptl_crystal.density_percent_sol          80.65 
_exptl_crystal.description                  ? 
_exptl_crystal.F_000                        ? 
_exptl_crystal.id                           1 
_exptl_crystal.preparation                  ? 
_exptl_crystal.size_max                     ? 
_exptl_crystal.size_mid                     ? 
_exptl_crystal.size_min                     ? 
_exptl_crystal.size_rad                     ? 
_exptl_crystal.colour_lustre                ? 
_exptl_crystal.colour_modifier              ? 
_exptl_crystal.colour_primary               ? 
_exptl_crystal.density_meas                 ? 
_exptl_crystal.density_meas_esd             ? 
_exptl_crystal.density_meas_gt              ? 
_exptl_crystal.density_meas_lt              ? 
_exptl_crystal.density_meas_temp            ? 
_exptl_crystal.density_meas_temp_esd        ? 
_exptl_crystal.density_meas_temp_gt         ? 
_exptl_crystal.density_meas_temp_lt         ? 
_exptl_crystal.pdbx_crystal_image_url       ? 
_exptl_crystal.pdbx_crystal_image_format    ? 
_exptl_crystal.pdbx_mosaicity               ? 
_exptl_crystal.pdbx_mosaicity_esd           ? 
_exptl_crystal.pdbx_mosaic_method           ? 
_exptl_crystal.pdbx_mosaic_block_size       ? 
_exptl_crystal.pdbx_mosaic_block_size_esd   ? 
# 
_exptl_crystal_grow.apparatus       ? 
_exptl_crystal_grow.atmosphere      ? 
_exptl_crystal_grow.crystal_id      1 
_exptl_crystal_grow.details         ? 
_exptl_crystal_grow.method          'VAPOR DIFFUSION, SITTING DROP' 
_exptl_crystal_grow.method_ref      ? 
_exptl_crystal_grow.pH              ? 
_exptl_crystal_grow.pressure        ? 
_exptl_crystal_grow.pressure_esd    ? 
_exptl_crystal_grow.seeding         ? 
_exptl_crystal_grow.seeding_ref     ? 
_exptl_crystal_grow.temp_details    'temperature gradient generated from 60 to 25 C at 0.3 degrees per hour' 
_exptl_crystal_grow.temp_esd        ? 
_exptl_crystal_grow.time            ? 
_exptl_crystal_grow.pdbx_details    
;0.5 mL of 0.05 M Cacodylate pH 6.0 with 18 mM MgCl2, 2.25 mM spermine, 1 mM CuSO4, and 9% Isopropanol was added to the reservoir with 2 uL added to the drop containing 4 uL of DNA stock.
;
_exptl_crystal_grow.pdbx_pH_range   ? 
_exptl_crystal_grow.temp            298 
# 
_diffrn.ambient_environment              ? 
_diffrn.ambient_temp                     100 
_diffrn.ambient_temp_details             ? 
_diffrn.ambient_temp_esd                 ? 
_diffrn.crystal_id                       1 
_diffrn.crystal_support                  ? 
_diffrn.crystal_treatment                ? 
_diffrn.details                          ? 
_diffrn.id                               1 
_diffrn.ambient_pressure                 ? 
_diffrn.ambient_pressure_esd             ? 
_diffrn.ambient_pressure_gt              ? 
_diffrn.ambient_pressure_lt              ? 
_diffrn.ambient_temp_gt                  ? 
_diffrn.ambient_temp_lt                  ? 
_diffrn.pdbx_serial_crystal_experiment   N 
# 
_diffrn_detector.details                      ? 
_diffrn_detector.detector                     PIXEL 
_diffrn_detector.diffrn_id                    1 
_diffrn_detector.type                         'DECTRIS PILATUS3 6M' 
_diffrn_detector.area_resol_mean              ? 
_diffrn_detector.dtime                        ? 
_diffrn_detector.pdbx_frames_total            ? 
_diffrn_detector.pdbx_collection_time_total   ? 
_diffrn_detector.pdbx_collection_date         2022-10-15 
_diffrn_detector.pdbx_frequency               ? 
_diffrn_detector.id                           ? 
_diffrn_detector.number_of_axes               ? 
# 
_diffrn_radiation.collimation                      ? 
_diffrn_radiation.diffrn_id                        1 
_diffrn_radiation.filter_edge                      ? 
_diffrn_radiation.inhomogeneity                    ? 
_diffrn_radiation.monochromator                    ? 
_diffrn_radiation.polarisn_norm                    ? 
_diffrn_radiation.polarisn_ratio                   ? 
_diffrn_radiation.probe                            ? 
_diffrn_radiation.type                             ? 
_diffrn_radiation.xray_symbol                      ? 
_diffrn_radiation.wavelength_id                    1 
_diffrn_radiation.pdbx_monochromatic_or_laue_m_l   M 
_diffrn_radiation.pdbx_wavelength_list             ? 
_diffrn_radiation.pdbx_wavelength                  ? 
_diffrn_radiation.pdbx_diffrn_protocol             'SINGLE WAVELENGTH' 
_diffrn_radiation.pdbx_analyzer                    ? 
_diffrn_radiation.pdbx_scattering_type             x-ray 
# 
_diffrn_radiation_wavelength.id           1 
_diffrn_radiation_wavelength.wavelength   0.92 
_diffrn_radiation_wavelength.wt           1.0 
# 
_diffrn_source.current                     ? 
_diffrn_source.details                     ? 
_diffrn_source.diffrn_id                   1 
_diffrn_source.power                       ? 
_diffrn_source.size                        ? 
_diffrn_source.source                      SYNCHROTRON 
_diffrn_source.target                      ? 
_diffrn_source.type                        'ALS BEAMLINE 5.0.2' 
_diffrn_source.voltage                     ? 
_diffrn_source.take-off_angle              ? 
_diffrn_source.pdbx_wavelength_list        0.92 
_diffrn_source.pdbx_wavelength             ? 
_diffrn_source.pdbx_synchrotron_beamline   5.0.2 
_diffrn_source.pdbx_synchrotron_site       ALS 
# 
_reflns.B_iso_Wilson_estimate                          ? 
_reflns.entry_id                                       8T7X 
_reflns.data_reduction_details                         ? 
_reflns.data_reduction_method                          ? 
_reflns.d_resolution_high                              3.05 
_reflns.d_resolution_low                               50.00 
_reflns.details                                        ? 
_reflns.limit_h_max                                    ? 
_reflns.limit_h_min                                    ? 
_reflns.limit_k_max                                    ? 
_reflns.limit_k_min                                    ? 
_reflns.limit_l_max                                    ? 
_reflns.limit_l_min                                    ? 
_reflns.number_all                                     ? 
_reflns.number_obs                                     5900 
_reflns.observed_criterion                             ? 
_reflns.observed_criterion_F_max                       ? 
_reflns.observed_criterion_F_min                       ? 
_reflns.observed_criterion_I_max                       ? 
_reflns.observed_criterion_I_min                       ? 
_reflns.observed_criterion_sigma_F                     ? 
_reflns.observed_criterion_sigma_I                     ? 
_reflns.percent_possible_obs                           99.9 
_reflns.R_free_details                                 ? 
_reflns.Rmerge_F_all                                   ? 
_reflns.Rmerge_F_obs                                   ? 
_reflns.Friedel_coverage                               ? 
_reflns.number_gt                                      ? 
_reflns.threshold_expression                           ? 
_reflns.pdbx_redundancy                                10.0 
_reflns.pdbx_netI_over_av_sigmaI                       ? 
_reflns.pdbx_netI_over_sigmaI                          10.3 
_reflns.pdbx_res_netI_over_av_sigmaI_2                 ? 
_reflns.pdbx_res_netI_over_sigmaI_2                    ? 
_reflns.pdbx_chi_squared                               1.965 
_reflns.pdbx_scaling_rejects                           ? 
_reflns.pdbx_d_res_high_opt                            ? 
_reflns.pdbx_d_res_low_opt                             ? 
_reflns.pdbx_d_res_opt_method                          ? 
_reflns.phase_calculation_details                      ? 
_reflns.pdbx_Rrim_I_all                                0.094 
_reflns.pdbx_Rpim_I_all                                0.030 
_reflns.pdbx_d_opt                                     ? 
_reflns.pdbx_number_measured_all                       58825 
_reflns.pdbx_diffrn_id                                 1 
_reflns.pdbx_ordinal                                   1 
_reflns.pdbx_CC_half                                   0.912 
_reflns.pdbx_CC_star                                   0.977 
_reflns.pdbx_R_split                                   ? 
_reflns.pdbx_Rmerge_I_obs                              0.089 
_reflns.pdbx_Rmerge_I_all                              ? 
_reflns.pdbx_Rsym_value                                ? 
_reflns.pdbx_CC_split_method                           ? 
_reflns.pdbx_aniso_diffraction_limit_axis_1_ortho[1]   ? 
_reflns.pdbx_aniso_diffraction_limit_axis_1_ortho[2]   ? 
_reflns.pdbx_aniso_diffraction_limit_axis_1_ortho[3]   ? 
_reflns.pdbx_aniso_diffraction_limit_axis_2_ortho[1]   ? 
_reflns.pdbx_aniso_diffraction_limit_axis_2_ortho[2]   ? 
_reflns.pdbx_aniso_diffraction_limit_axis_2_ortho[3]   ? 
_reflns.pdbx_aniso_diffraction_limit_axis_3_ortho[1]   ? 
_reflns.pdbx_aniso_diffraction_limit_axis_3_ortho[2]   ? 
_reflns.pdbx_aniso_diffraction_limit_axis_3_ortho[3]   ? 
_reflns.pdbx_aniso_diffraction_limit_1                 ? 
_reflns.pdbx_aniso_diffraction_limit_2                 ? 
_reflns.pdbx_aniso_diffraction_limit_3                 ? 
_reflns.pdbx_aniso_B_tensor_eigenvector_1_ortho[1]     ? 
_reflns.pdbx_aniso_B_tensor_eigenvector_1_ortho[2]     ? 
_reflns.pdbx_aniso_B_tensor_eigenvector_1_ortho[3]     ? 
_reflns.pdbx_aniso_B_tensor_eigenvector_2_ortho[1]     ? 
_reflns.pdbx_aniso_B_tensor_eigenvector_2_ortho[2]     ? 
_reflns.pdbx_aniso_B_tensor_eigenvector_2_ortho[3]     ? 
_reflns.pdbx_aniso_B_tensor_eigenvector_3_ortho[1]     ? 
_reflns.pdbx_aniso_B_tensor_eigenvector_3_ortho[2]     ? 
_reflns.pdbx_aniso_B_tensor_eigenvector_3_ortho[3]     ? 
_reflns.pdbx_aniso_B_tensor_eigenvalue_1               ? 
_reflns.pdbx_aniso_B_tensor_eigenvalue_2               ? 
_reflns.pdbx_aniso_B_tensor_eigenvalue_3               ? 
_reflns.pdbx_orthogonalization_convention              ? 
_reflns.pdbx_percent_possible_ellipsoidal              ? 
_reflns.pdbx_percent_possible_spherical                ? 
_reflns.pdbx_percent_possible_ellipsoidal_anomalous    ? 
_reflns.pdbx_percent_possible_spherical_anomalous      ? 
_reflns.pdbx_redundancy_anomalous                      ? 
_reflns.pdbx_CC_half_anomalous                         ? 
_reflns.pdbx_absDiff_over_sigma_anomalous              ? 
_reflns.pdbx_percent_possible_anomalous                ? 
_reflns.pdbx_observed_signal_threshold                 ? 
_reflns.pdbx_signal_type                               ? 
_reflns.pdbx_signal_details                            ? 
_reflns.pdbx_signal_software_id                        ? 
# 
loop_
_reflns_shell.d_res_high 
_reflns_shell.d_res_low 
_reflns_shell.meanI_over_sigI_all 
_reflns_shell.meanI_over_sigI_obs 
_reflns_shell.number_measured_all 
_reflns_shell.number_measured_obs 
_reflns_shell.number_possible 
_reflns_shell.number_unique_all 
_reflns_shell.number_unique_obs 
_reflns_shell.percent_possible_obs 
_reflns_shell.Rmerge_F_all 
_reflns_shell.Rmerge_F_obs 
_reflns_shell.meanI_over_sigI_gt 
_reflns_shell.meanI_over_uI_all 
_reflns_shell.meanI_over_uI_gt 
_reflns_shell.number_measured_gt 
_reflns_shell.number_unique_gt 
_reflns_shell.percent_possible_gt 
_reflns_shell.Rmerge_F_gt 
_reflns_shell.Rmerge_I_gt 
_reflns_shell.pdbx_redundancy 
_reflns_shell.pdbx_chi_squared 
_reflns_shell.pdbx_netI_over_sigmaI_all 
_reflns_shell.pdbx_netI_over_sigmaI_obs 
_reflns_shell.pdbx_Rrim_I_all 
_reflns_shell.pdbx_Rpim_I_all 
_reflns_shell.pdbx_rejects 
_reflns_shell.pdbx_ordinal 
_reflns_shell.pdbx_diffrn_id 
_reflns_shell.pdbx_CC_half 
_reflns_shell.pdbx_CC_star 
_reflns_shell.pdbx_R_split 
_reflns_shell.percent_possible_all 
_reflns_shell.Rmerge_I_all 
_reflns_shell.Rmerge_I_obs 
_reflns_shell.pdbx_Rsym_value 
_reflns_shell.pdbx_percent_possible_ellipsoidal 
_reflns_shell.pdbx_percent_possible_spherical 
_reflns_shell.pdbx_percent_possible_ellipsoidal_anomalous 
_reflns_shell.pdbx_percent_possible_spherical_anomalous 
_reflns_shell.pdbx_redundancy_anomalous 
_reflns_shell.pdbx_CC_half_anomalous 
_reflns_shell.pdbx_absDiff_over_sigma_anomalous 
_reflns_shell.pdbx_percent_possible_anomalous 
3.05 3.10  ? ? ? ? ? ? 323 ? ? ? ? ? ? ? ? ? ? ? 9.2  0.459 ? ? 0.915 0.299 ? 1  1 0.946 0.986 ? 100.0 ? 0.863 ? ? ? ? ? ? ? ? ? 
3.10 3.16  ? ? ? ? ? ? 268 ? ? ? ? ? ? ? ? ? ? ? 9.6  0.688 ? ? 0.280 0.090 ? 2  1 0.994 0.998 ? 100.0 ? 0.265 ? ? ? ? ? ? ? ? ? 
3.16 3.22  ? ? ? ? ? ? 310 ? ? ? ? ? ? ? ? ? ? ? 9.9  1.379 ? ? 0.146 0.046 ? 3  1 0.997 0.999 ? 100.0 ? 0.138 ? ? ? ? ? ? ? ? ? 
3.22 3.29  ? ? ? ? ? ? 281 ? ? ? ? ? ? ? ? ? ? ? 10.2 1.111 ? ? 0.149 0.046 ? 4  1 0.997 0.999 ? 100.0 ? 0.141 ? ? ? ? ? ? ? ? ? 
3.29 3.36  ? ? ? ? ? ? 295 ? ? ? ? ? ? ? ? ? ? ? 9.8  0.770 ? ? 0.218 0.069 ? 5  1 0.991 0.998 ? 100.0 ? 0.207 ? ? ? ? ? ? ? ? ? 
3.36 3.43  ? ? ? ? ? ? 284 ? ? ? ? ? ? ? ? ? ? ? 9.9  1.560 ? ? 0.272 0.084 ? 6  1 0.992 0.998 ? 99.6  ? 0.259 ? ? ? ? ? ? ? ? ? 
3.43 3.52  ? ? ? ? ? ? 299 ? ? ? ? ? ? ? ? ? ? ? 8.8  1.052 ? ? 0.134 0.044 ? 7  1 0.996 0.999 ? 99.7  ? 0.126 ? ? ? ? ? ? ? ? ? 
3.52 3.62  ? ? ? ? ? ? 304 ? ? ? ? ? ? ? ? ? ? ? 9.7  0.830 ? ? 0.156 0.050 ? 8  1 0.997 0.999 ? 100.0 ? 0.148 ? ? ? ? ? ? ? ? ? 
3.62 3.72  ? ? ? ? ? ? 298 ? ? ? ? ? ? ? ? ? ? ? 10.6 1.087 ? ? 0.186 0.057 ? 9  1 0.990 0.998 ? 100.0 ? 0.177 ? ? ? ? ? ? ? ? ? 
3.72 3.84  ? ? ? ? ? ? 281 ? ? ? ? ? ? ? ? ? ? ? 10.3 1.055 ? ? 0.137 0.043 ? 10 1 0.995 0.999 ? 100.0 ? 0.130 ? ? ? ? ? ? ? ? ? 
3.84 3.98  ? ? ? ? ? ? 302 ? ? ? ? ? ? ? ? ? ? ? 10.4 1.270 ? ? 0.125 0.039 ? 11 1 0.994 0.998 ? 100.0 ? 0.119 ? ? ? ? ? ? ? ? ? 
3.98 4.14  ? ? ? ? ? ? 298 ? ? ? ? ? ? ? ? ? ? ? 10.3 1.665 ? ? 0.106 0.033 ? 12 1 0.996 0.999 ? 100.0 ? 0.101 ? ? ? ? ? ? ? ? ? 
4.14 4.33  ? ? ? ? ? ? 297 ? ? ? ? ? ? ? ? ? ? ? 10.2 1.531 ? ? 0.100 0.031 ? 13 1 0.996 0.999 ? 100.0 ? 0.095 ? ? ? ? ? ? ? ? ? 
4.33 4.56  ? ? ? ? ? ? 303 ? ? ? ? ? ? ? ? ? ? ? 9.6  1.696 ? ? 0.097 0.031 ? 14 1 0.996 0.999 ? 100.0 ? 0.092 ? ? ? ? ? ? ? ? ? 
4.56 4.84  ? ? ? ? ? ? 275 ? ? ? ? ? ? ? ? ? ? ? 9.6  2.250 ? ? 0.096 0.031 ? 15 1 0.994 0.999 ? 99.3  ? 0.090 ? ? ? ? ? ? ? ? ? 
4.84 5.21  ? ? ? ? ? ? 289 ? ? ? ? ? ? ? ? ? ? ? 10.6 2.890 ? ? 0.092 0.028 ? 16 1 0.996 0.999 ? 100.0 ? 0.087 ? ? ? ? ? ? ? ? ? 
5.21 5.74  ? ? ? ? ? ? 311 ? ? ? ? ? ? ? ? ? ? ? 10.6 3.521 ? ? 0.090 0.028 ? 17 1 0.995 0.999 ? 100.0 ? 0.086 ? ? ? ? ? ? ? ? ? 
5.74 6.57  ? ? ? ? ? ? 289 ? ? ? ? ? ? ? ? ? ? ? 10.0 3.540 ? ? 0.094 0.029 ? 18 1 0.994 0.999 ? 100.0 ? 0.089 ? ? ? ? ? ? ? ? ? 
6.57 8.27  ? ? ? ? ? ? 302 ? ? ? ? ? ? ? ? ? ? ? 9.9  4.331 ? ? 0.078 0.024 ? 19 1 0.999 1.000 ? 100.0 ? 0.074 ? ? ? ? ? ? ? ? ? 
8.27 50.00 ? ? ? ? ? ? 291 ? ? ? ? ? ? ? ? ? ? ? 10.1 6.194 ? ? 0.080 0.026 ? 20 1 0.987 0.997 ? 99.7  ? 0.076 ? ? ? ? ? ? ? ? ? 
# 
_refine.aniso_B[1][1]                            ? 
_refine.aniso_B[1][2]                            ? 
_refine.aniso_B[1][3]                            ? 
_refine.aniso_B[2][2]                            ? 
_refine.aniso_B[2][3]                            ? 
_refine.aniso_B[3][3]                            ? 
_refine.B_iso_max                                ? 
_refine.B_iso_mean                               ? 
_refine.B_iso_min                                ? 
_refine.correlation_coeff_Fo_to_Fc               ? 
_refine.correlation_coeff_Fo_to_Fc_free          ? 
_refine.details                                  ? 
_refine.diff_density_max                         ? 
_refine.diff_density_max_esd                     ? 
_refine.diff_density_min                         ? 
_refine.diff_density_min_esd                     ? 
_refine.diff_density_rms                         ? 
_refine.diff_density_rms_esd                     ? 
_refine.entry_id                                 8T7X 
_refine.pdbx_refine_id                           'X-RAY DIFFRACTION' 
_refine.ls_abs_structure_details                 ? 
_refine.ls_abs_structure_Flack                   ? 
_refine.ls_abs_structure_Flack_esd               ? 
_refine.ls_abs_structure_Rogers                  ? 
_refine.ls_abs_structure_Rogers_esd              ? 
_refine.ls_d_res_high                            3.07 
_refine.ls_d_res_low                             42.21 
_refine.ls_extinction_coef                       ? 
_refine.ls_extinction_coef_esd                   ? 
_refine.ls_extinction_expression                 ? 
_refine.ls_extinction_method                     ? 
_refine.ls_goodness_of_fit_all                   ? 
_refine.ls_goodness_of_fit_all_esd               ? 
_refine.ls_goodness_of_fit_obs                   ? 
_refine.ls_goodness_of_fit_obs_esd               ? 
_refine.ls_hydrogen_treatment                    ? 
_refine.ls_matrix_type                           ? 
_refine.ls_number_constraints                    ? 
_refine.ls_number_parameters                     ? 
_refine.ls_number_reflns_all                     ? 
_refine.ls_number_reflns_obs                     5775 
_refine.ls_number_reflns_R_free                  281 
_refine.ls_number_reflns_R_work                  ? 
_refine.ls_number_restraints                     ? 
_refine.ls_percent_reflns_obs                    97.57 
_refine.ls_percent_reflns_R_free                 4.87 
_refine.ls_R_factor_all                          ? 
_refine.ls_R_factor_obs                          0.1982 
_refine.ls_R_factor_R_free                       0.2218 
_refine.ls_R_factor_R_free_error                 ? 
_refine.ls_R_factor_R_free_error_details         ? 
_refine.ls_R_factor_R_work                       0.1970 
_refine.ls_R_Fsqd_factor_obs                     ? 
_refine.ls_R_I_factor_obs                        ? 
_refine.ls_redundancy_reflns_all                 ? 
_refine.ls_redundancy_reflns_obs                 ? 
_refine.ls_restrained_S_all                      ? 
_refine.ls_restrained_S_obs                      ? 
_refine.ls_shift_over_esd_max                    ? 
_refine.ls_shift_over_esd_mean                   ? 
_refine.ls_structure_factor_coef                 ? 
_refine.ls_weighting_details                     ? 
_refine.ls_weighting_scheme                      ? 
_refine.ls_wR_factor_all                         ? 
_refine.ls_wR_factor_obs                         ? 
_refine.ls_wR_factor_R_free                      ? 
_refine.ls_wR_factor_R_work                      ? 
_refine.occupancy_max                            ? 
_refine.occupancy_min                            ? 
_refine.solvent_model_details                    'FLAT BULK SOLVENT MODEL' 
_refine.solvent_model_param_bsol                 ? 
_refine.solvent_model_param_ksol                 ? 
_refine.pdbx_R_complete                          ? 
_refine.ls_R_factor_gt                           ? 
_refine.ls_goodness_of_fit_gt                    ? 
_refine.ls_goodness_of_fit_ref                   ? 
_refine.ls_shift_over_su_max                     ? 
_refine.ls_shift_over_su_max_lt                  ? 
_refine.ls_shift_over_su_mean                    ? 
_refine.ls_shift_over_su_mean_lt                 ? 
_refine.pdbx_ls_sigma_I                          ? 
_refine.pdbx_ls_sigma_F                          2.02 
_refine.pdbx_ls_sigma_Fsqd                       ? 
_refine.pdbx_data_cutoff_high_absF               ? 
_refine.pdbx_data_cutoff_high_rms_absF           ? 
_refine.pdbx_data_cutoff_low_absF                ? 
_refine.pdbx_isotropic_thermal_model             ? 
_refine.pdbx_ls_cross_valid_method               'FREE R-VALUE' 
_refine.pdbx_method_to_determine_struct          'MOLECULAR REPLACEMENT' 
_refine.pdbx_starting_model                      ? 
_refine.pdbx_stereochemistry_target_values       ML 
_refine.pdbx_R_Free_selection_details            ? 
_refine.pdbx_stereochem_target_val_spec_case     ? 
_refine.pdbx_overall_ESU_R                       ? 
_refine.pdbx_overall_ESU_R_Free                  ? 
_refine.pdbx_solvent_vdw_probe_radii             1.11 
_refine.pdbx_solvent_ion_probe_radii             ? 
_refine.pdbx_solvent_shrinkage_radii             0.90 
_refine.pdbx_real_space_R                        ? 
_refine.pdbx_density_correlation                 ? 
_refine.pdbx_pd_number_of_powder_patterns        ? 
_refine.pdbx_pd_number_of_points                 ? 
_refine.pdbx_pd_meas_number_of_points            ? 
_refine.pdbx_pd_proc_ls_prof_R_factor            ? 
_refine.pdbx_pd_proc_ls_prof_wR_factor           ? 
_refine.pdbx_pd_Marquardt_correlation_coeff      ? 
_refine.pdbx_pd_Fsqrd_R_factor                   ? 
_refine.pdbx_pd_ls_matrix_band_width             ? 
_refine.pdbx_overall_phase_error                 26.92 
_refine.pdbx_overall_SU_R_free_Cruickshank_DPI   ? 
_refine.pdbx_overall_SU_R_free_Blow_DPI          ? 
_refine.pdbx_overall_SU_R_Blow_DPI               ? 
_refine.pdbx_TLS_residual_ADP_flag               ? 
_refine.pdbx_diffrn_id                           1 
_refine.overall_SU_B                             ? 
_refine.overall_SU_ML                            0.25 
_refine.overall_SU_R_Cruickshank_DPI             ? 
_refine.overall_SU_R_free                        ? 
_refine.overall_FOM_free_R_set                   ? 
_refine.overall_FOM_work_R_set                   ? 
_refine.pdbx_average_fsc_overall                 ? 
_refine.pdbx_average_fsc_work                    ? 
_refine.pdbx_average_fsc_free                    ? 
# 
_refine_hist.pdbx_refine_id                   'X-RAY DIFFRACTION' 
_refine_hist.cycle_id                         LAST 
_refine_hist.pdbx_number_atoms_protein        0 
_refine_hist.pdbx_number_atoms_nucleic_acid   855 
_refine_hist.pdbx_number_atoms_ligand         43 
_refine_hist.number_atoms_solvent             0 
_refine_hist.number_atoms_total               898 
_refine_hist.d_res_high                       3.07 
_refine_hist.d_res_low                        42.21 
# 
loop_
_refine_ls_restr.pdbx_refine_id 
_refine_ls_restr.criterion 
_refine_ls_restr.dev_ideal 
_refine_ls_restr.dev_ideal_target 
_refine_ls_restr.number 
_refine_ls_restr.rejects 
_refine_ls_restr.type 
_refine_ls_restr.weight 
_refine_ls_restr.pdbx_restraint_function 
'X-RAY DIFFRACTION' ? 0.009  ? 1002 ? f_bond_d           ? ? 
'X-RAY DIFFRACTION' ? 1.088  ? 1533 ? f_angle_d          ? ? 
'X-RAY DIFFRACTION' ? 34.939 ? 410  ? f_dihedral_angle_d ? ? 
'X-RAY DIFFRACTION' ? 0.068  ? 166  ? f_chiral_restr     ? ? 
'X-RAY DIFFRACTION' ? 0.007  ? 50   ? f_plane_restr      ? ? 
# 
loop_
_refine_ls_shell.pdbx_refine_id 
_refine_ls_shell.d_res_high 
_refine_ls_shell.d_res_low 
_refine_ls_shell.number_reflns_all 
_refine_ls_shell.number_reflns_obs 
_refine_ls_shell.number_reflns_R_free 
_refine_ls_shell.number_reflns_R_work 
_refine_ls_shell.percent_reflns_obs 
_refine_ls_shell.percent_reflns_R_free 
_refine_ls_shell.R_factor_all 
_refine_ls_shell.R_factor_obs 
_refine_ls_shell.R_factor_R_free_error 
_refine_ls_shell.R_factor_R_work 
_refine_ls_shell.redundancy_reflns_all 
_refine_ls_shell.redundancy_reflns_obs 
_refine_ls_shell.wR_factor_all 
_refine_ls_shell.wR_factor_obs 
_refine_ls_shell.wR_factor_R_free 
_refine_ls_shell.wR_factor_R_work 
_refine_ls_shell.pdbx_R_complete 
_refine_ls_shell.pdbx_total_number_of_bins_used 
_refine_ls_shell.pdbx_phase_error 
_refine_ls_shell.pdbx_fsc_work 
_refine_ls_shell.pdbx_fsc_free 
_refine_ls_shell.R_factor_R_free 
'X-RAY DIFFRACTION' 3.07 3.86  . . 137 2683 95.00  . . . . 0.2927 . . . . . . . . . . . 0.3407 
'X-RAY DIFFRACTION' 3.87 42.21 . . 144 2811 100.00 . . . . 0.1694 . . . . . . . . . . . 0.1903 
# 
_struct.entry_id                     8T7X 
_struct.title                        
;Sequence specific (AATT) orientation of DAPI molecules at two unique minor groove binding sites within a self-assembled 3D DNA lattice (4x5)
;
_struct.pdbx_model_details           ? 
_struct.pdbx_formula_weight          ? 
_struct.pdbx_formula_weight_method   ? 
_struct.pdbx_model_type_details      ? 
_struct.pdbx_CASP_flag               N 
# 
_struct_keywords.entry_id        8T7X 
_struct_keywords.text            
;Self-Assembly, DNA Nanotechnology, DNA Scaffold, Crystal Lattice, DNA, Minor Groove Binders, Netropsin, DAPI, Hoechst, ImPyPy, polyamide, host-guest
;
_struct_keywords.pdbx_keywords   DNA 
# 
loop_
_struct_asym.id 
_struct_asym.pdbx_blank_PDB_chainid_flag 
_struct_asym.pdbx_modified 
_struct_asym.entity_id 
_struct_asym.details 
A N N 1 ? 
B N N 2 ? 
C N N 3 ? 
D N N 4 ? 
E N N 5 ? 
F N N 6 ? 
G N N 5 ? 
# 
loop_
_struct_conn.id 
_struct_conn.conn_type_id 
_struct_conn.pdbx_leaving_atom_flag 
_struct_conn.pdbx_PDB_id 
_struct_conn.ptnr1_label_asym_id 
_struct_conn.ptnr1_label_comp_id 
_struct_conn.ptnr1_label_seq_id 
_struct_conn.ptnr1_label_atom_id 
_struct_conn.pdbx_ptnr1_label_alt_id 
_struct_conn.pdbx_ptnr1_PDB_ins_code 
_struct_conn.pdbx_ptnr1_standard_comp_id 
_struct_conn.ptnr1_symmetry 
_struct_conn.ptnr2_label_asym_id 
_struct_conn.ptnr2_label_comp_id 
_struct_conn.ptnr2_label_seq_id 
_struct_conn.ptnr2_label_atom_id 
_struct_conn.pdbx_ptnr2_label_alt_id 
_struct_conn.pdbx_ptnr2_PDB_ins_code 
_struct_conn.ptnr1_auth_asym_id 
_struct_conn.ptnr1_auth_comp_id 
_struct_conn.ptnr1_auth_seq_id 
_struct_conn.ptnr2_auth_asym_id 
_struct_conn.ptnr2_auth_comp_id 
_struct_conn.ptnr2_auth_seq_id 
_struct_conn.ptnr2_symmetry 
_struct_conn.pdbx_ptnr3_label_atom_id 
_struct_conn.pdbx_ptnr3_label_seq_id 
_struct_conn.pdbx_ptnr3_label_comp_id 
_struct_conn.pdbx_ptnr3_label_asym_id 
_struct_conn.pdbx_ptnr3_label_alt_id 
_struct_conn.pdbx_ptnr3_PDB_ins_code 
_struct_conn.details 
_struct_conn.pdbx_dist_value 
_struct_conn.pdbx_value_order 
_struct_conn.pdbx_role 
hydrog1  hydrog ? ? A DG 3  N1 ? ? ? 1_555 D DC 7 N3 ? ? A DG 3  D DC 16 1_555 ? ? ? ? ? ? WATSON-CRICK ? ? ? 
hydrog2  hydrog ? ? A DG 3  N2 ? ? ? 1_555 D DC 7 O2 ? ? A DG 3  D DC 16 1_555 ? ? ? ? ? ? WATSON-CRICK ? ? ? 
hydrog3  hydrog ? ? A DG 3  O6 ? ? ? 1_555 D DC 7 N4 ? ? A DG 3  D DC 16 1_555 ? ? ? ? ? ? WATSON-CRICK ? ? ? 
hydrog4  hydrog ? ? A DA 4  N1 ? ? ? 1_555 D DT 6 N3 ? ? A DA 4  D DT 15 1_555 ? ? ? ? ? ? WATSON-CRICK ? ? ? 
hydrog5  hydrog ? ? A DA 4  N6 ? ? ? 1_555 D DT 6 O4 ? ? A DA 4  D DT 15 1_555 ? ? ? ? ? ? WATSON-CRICK ? ? ? 
hydrog6  hydrog ? ? A DA 5  N1 ? ? ? 1_555 D DT 5 N3 ? ? A DA 5  D DT 14 1_555 ? ? ? ? ? ? 'DA-DT PAIR' ? ? ? 
hydrog7  hydrog ? ? A DT 6  N3 ? ? ? 1_555 D DA 4 N1 ? ? A DT 6  D DA 13 1_555 ? ? ? ? ? ? WATSON-CRICK ? ? ? 
hydrog8  hydrog ? ? A DT 6  O4 ? ? ? 1_555 D DA 4 N6 ? ? A DT 6  D DA 13 1_555 ? ? ? ? ? ? WATSON-CRICK ? ? ? 
hydrog9  hydrog ? ? A DT 7  N3 ? ? ? 1_555 D DA 3 N1 ? ? A DT 7  D DA 12 1_555 ? ? ? ? ? ? WATSON-CRICK ? ? ? 
hydrog10 hydrog ? ? A DT 7  O4 ? ? ? 1_555 D DA 3 N6 ? ? A DT 7  D DA 12 1_555 ? ? ? ? ? ? WATSON-CRICK ? ? ? 
hydrog11 hydrog ? ? A DC 8  N3 ? ? ? 1_555 D DG 2 N1 ? ? A DC 8  D DG 11 1_555 ? ? ? ? ? ? WATSON-CRICK ? ? ? 
hydrog12 hydrog ? ? A DC 8  N4 ? ? ? 1_555 D DG 2 O6 ? ? A DC 8  D DG 11 1_555 ? ? ? ? ? ? WATSON-CRICK ? ? ? 
hydrog13 hydrog ? ? A DC 8  O2 ? ? ? 1_555 D DG 2 N2 ? ? A DC 8  D DG 11 1_555 ? ? ? ? ? ? WATSON-CRICK ? ? ? 
hydrog14 hydrog ? ? A DC 9  N3 ? ? ? 1_555 D DG 1 N1 ? ? A DC 9  D DG 10 1_555 ? ? ? ? ? ? WATSON-CRICK ? ? ? 
hydrog15 hydrog ? ? A DC 9  N4 ? ? ? 1_555 D DG 1 O6 ? ? A DC 9  D DG 10 1_555 ? ? ? ? ? ? WATSON-CRICK ? ? ? 
hydrog16 hydrog ? ? A DC 9  O2 ? ? ? 1_555 D DG 1 N2 ? ? A DC 9  D DG 10 1_555 ? ? ? ? ? ? WATSON-CRICK ? ? ? 
hydrog17 hydrog ? ? A DT 10 N3 ? ? ? 1_555 B DA 5 N1 ? ? A DT 10 B DA 5  1_555 ? ? ? ? ? ? WATSON-CRICK ? ? ? 
hydrog18 hydrog ? ? A DT 10 O4 ? ? ? 1_555 B DA 5 N6 ? ? A DT 10 B DA 5  1_555 ? ? ? ? ? ? WATSON-CRICK ? ? ? 
hydrog19 hydrog ? ? A DG 11 N1 ? ? ? 1_555 B DC 4 N3 ? ? A DG 11 B DC 4  1_555 ? ? ? ? ? ? WATSON-CRICK ? ? ? 
hydrog20 hydrog ? ? A DG 11 N2 ? ? ? 1_555 B DC 4 O2 ? ? A DG 11 B DC 4  1_555 ? ? ? ? ? ? WATSON-CRICK ? ? ? 
hydrog21 hydrog ? ? A DG 11 O6 ? ? ? 1_555 B DC 4 N4 ? ? A DG 11 B DC 4  1_555 ? ? ? ? ? ? WATSON-CRICK ? ? ? 
hydrog22 hydrog ? ? A DA 12 N1 ? ? ? 1_555 B DT 3 N3 ? ? A DA 12 B DT 3  1_555 ? ? ? ? ? ? WATSON-CRICK ? ? ? 
hydrog23 hydrog ? ? A DA 12 N6 ? ? ? 1_555 B DT 3 O4 ? ? A DA 12 B DT 3  1_555 ? ? ? ? ? ? WATSON-CRICK ? ? ? 
hydrog24 hydrog ? ? A DC 13 N3 ? ? ? 1_555 B DG 2 N1 ? ? A DC 13 B DG 2  1_555 ? ? ? ? ? ? WATSON-CRICK ? ? ? 
hydrog25 hydrog ? ? A DC 13 N4 ? ? ? 1_555 B DG 2 O6 ? ? A DC 13 B DG 2  1_555 ? ? ? ? ? ? WATSON-CRICK ? ? ? 
hydrog26 hydrog ? ? A DC 13 O2 ? ? ? 1_555 B DG 2 N2 ? ? A DC 13 B DG 2  1_555 ? ? ? ? ? ? WATSON-CRICK ? ? ? 
hydrog27 hydrog ? ? A DG 14 N1 ? ? ? 1_555 B DC 1 N3 ? ? A DG 14 B DC 1  1_555 ? ? ? ? ? ? WATSON-CRICK ? ? ? 
hydrog28 hydrog ? ? A DG 14 N2 ? ? ? 1_555 B DC 1 O2 ? ? A DG 14 B DC 1  1_555 ? ? ? ? ? ? WATSON-CRICK ? ? ? 
hydrog29 hydrog ? ? A DG 14 O6 ? ? ? 1_555 B DC 1 N4 ? ? A DG 14 B DC 1  1_555 ? ? ? ? ? ? WATSON-CRICK ? ? ? 
hydrog30 hydrog ? ? A DA 15 N1 ? ? ? 1_555 C DG 8 N1 ? ? A DA 15 C DG 8  1_555 ? ? ? ? ? ? TYPE_8_PAIR  ? ? ? 
hydrog31 hydrog ? ? A DA 15 N6 ? ? ? 1_555 C DG 8 O6 ? ? A DA 15 C DG 8  1_555 ? ? ? ? ? ? TYPE_8_PAIR  ? ? ? 
hydrog32 hydrog ? ? A DA 15 N1 ? ? ? 1_555 C DT 9 N3 ? ? A DA 15 C DT 9  1_555 ? ? ? ? ? ? WATSON-CRICK ? ? ? 
hydrog33 hydrog ? ? A DA 15 N6 ? ? ? 1_555 C DT 9 O4 ? ? A DA 15 C DT 9  1_555 ? ? ? ? ? ? WATSON-CRICK ? ? ? 
hydrog34 hydrog ? ? A DC 16 N3 ? ? ? 1_555 C DG 8 N1 ? ? A DC 16 C DG 8  1_555 ? ? ? ? ? ? WATSON-CRICK ? ? ? 
hydrog35 hydrog ? ? A DC 16 N4 ? ? ? 1_555 C DG 8 O6 ? ? A DC 16 C DG 8  1_555 ? ? ? ? ? ? WATSON-CRICK ? ? ? 
hydrog36 hydrog ? ? A DC 16 O2 ? ? ? 1_555 C DG 8 N2 ? ? A DC 16 C DG 8  1_555 ? ? ? ? ? ? WATSON-CRICK ? ? ? 
hydrog37 hydrog ? ? A DA 17 N1 ? ? ? 1_555 C DT 7 N3 ? ? A DA 17 C DT 7  1_555 ? ? ? ? ? ? WATSON-CRICK ? ? ? 
hydrog38 hydrog ? ? A DA 17 N6 ? ? ? 1_555 C DT 7 O4 ? ? A DA 17 C DT 7  1_555 ? ? ? ? ? ? WATSON-CRICK ? ? ? 
hydrog39 hydrog ? ? A DA 18 N1 ? ? ? 1_555 C DT 6 N3 ? ? A DA 18 C DT 6  1_555 ? ? ? ? ? ? WATSON-CRICK ? ? ? 
hydrog40 hydrog ? ? A DA 18 N6 ? ? ? 1_555 C DT 6 O4 ? ? A DA 18 C DT 6  1_555 ? ? ? ? ? ? WATSON-CRICK ? ? ? 
hydrog41 hydrog ? ? A DT 19 N3 ? ? ? 1_555 C DA 5 N1 ? ? A DT 19 C DA 5  1_555 ? ? ? ? ? ? WATSON-CRICK ? ? ? 
hydrog42 hydrog ? ? A DT 19 O4 ? ? ? 1_555 C DA 5 N6 ? ? A DT 19 C DA 5  1_555 ? ? ? ? ? ? WATSON-CRICK ? ? ? 
hydrog43 hydrog ? ? A DT 20 N3 ? ? ? 1_555 C DA 4 N1 ? ? A DT 20 C DA 4  1_555 ? ? ? ? ? ? WATSON-CRICK ? ? ? 
hydrog44 hydrog ? ? A DT 20 O4 ? ? ? 1_555 C DA 4 N6 ? ? A DT 20 C DA 4  1_555 ? ? ? ? ? ? WATSON-CRICK ? ? ? 
hydrog45 hydrog ? ? A DA 21 N1 ? ? ? 1_555 C DT 3 N3 ? ? A DA 21 C DT 3  1_555 ? ? ? ? ? ? WATSON-CRICK ? ? ? 
hydrog46 hydrog ? ? A DA 21 N6 ? ? ? 1_555 C DT 3 O4 ? ? A DA 21 C DT 3  1_555 ? ? ? ? ? ? WATSON-CRICK ? ? ? 
# 
_struct_conn_type.id          hydrog 
_struct_conn_type.criteria    ? 
_struct_conn_type.reference   ? 
# 
_atom_sites.entry_id                    8T7X 
_atom_sites.Cartn_transf_matrix[1][1]   ? 
_atom_sites.Cartn_transf_matrix[1][2]   ? 
_atom_sites.Cartn_transf_matrix[1][3]   ? 
_atom_sites.Cartn_transf_matrix[2][1]   ? 
_atom_sites.Cartn_transf_matrix[2][2]   ? 
_atom_sites.Cartn_transf_matrix[2][3]   ? 
_atom_sites.Cartn_transf_matrix[3][1]   ? 
_atom_sites.Cartn_transf_matrix[3][2]   ? 
_atom_sites.Cartn_transf_matrix[3][3]   ? 
_atom_sites.Cartn_transf_vector[1]      ? 
_atom_sites.Cartn_transf_vector[2]      ? 
_atom_sites.Cartn_transf_vector[3]      ? 
_atom_sites.fract_transf_matrix[1][1]   -0.01251763 
_atom_sites.fract_transf_matrix[1][2]   0.00068238 
_atom_sites.fract_transf_matrix[1][3]   0.01127709 
_atom_sites.fract_transf_matrix[2][1]   -0.00244038 
_atom_sites.fract_transf_matrix[2][2]   0.01401714 
_atom_sites.fract_transf_matrix[2][3]   0.00904939 
_atom_sites.fract_transf_matrix[3][1]   -0.01026732 
_atom_sites.fract_transf_matrix[3][2]   0.00579660 
_atom_sites.fract_transf_matrix[3][3]   -0.01174753 
_atom_sites.fract_transf_vector[1]      0.066068 
_atom_sites.fract_transf_vector[2]      0.018942 
_atom_sites.fract_transf_vector[3]      0.009667 
_atom_sites.solution_primary            ? 
_atom_sites.solution_secondary          ? 
_atom_sites.solution_hydrogens          ? 
_atom_sites.special_details             ? 
# 
loop_
_atom_type.symbol 
AS 
C  
H  
N  
O  
P  
# 
loop_
_atom_site.group_PDB 
_atom_site.id 
_atom_site.type_symbol 
_atom_site.label_atom_id 
_atom_site.label_alt_id 
_atom_site.label_comp_id 
_atom_site.label_asym_id 
_atom_site.label_entity_id 
_atom_site.label_seq_id 
_atom_site.pdbx_PDB_ins_code 
_atom_site.Cartn_x 
_atom_site.Cartn_y 
_atom_site.Cartn_z 
_atom_site.occupancy 
_atom_site.B_iso_or_equiv 
_atom_site.pdbx_formal_charge 
_atom_site.auth_seq_id 
_atom_site.auth_comp_id 
_atom_site.auth_asym_id 
_atom_site.auth_atom_id 
_atom_site.pdbx_PDB_model_num 
ATOM   1    O  "O5'"  . DG  A 1 1  ? -5.656  -36.884 -15.664 1.00 145.57 ? 1   DG  A "O5'"  1 
ATOM   2    C  "C5'"  . DG  A 1 1  ? -5.788  -36.105 -14.474 1.00 143.05 ? 1   DG  A "C5'"  1 
ATOM   3    C  "C4'"  . DG  A 1 1  ? -6.190  -34.668 -14.789 1.00 149.08 ? 1   DG  A "C4'"  1 
ATOM   4    O  "O4'"  . DG  A 1 1  ? -6.779  -34.064 -13.601 1.00 144.98 ? 1   DG  A "O4'"  1 
ATOM   5    C  "C3'"  . DG  A 1 1  ? -5.051  -33.723 -15.155 1.00 149.94 ? 1   DG  A "C3'"  1 
ATOM   6    O  "O3'"  . DG  A 1 1  ? -5.577  -32.585 -15.914 1.00 158.65 ? 1   DG  A "O3'"  1 
ATOM   7    C  "C2'"  . DG  A 1 1  ? -4.532  -33.359 -13.774 1.00 141.06 ? 1   DG  A "C2'"  1 
ATOM   8    C  "C1'"  . DG  A 1 1  ? -5.841  -33.155 -13.021 1.00 136.00 ? 1   DG  A "C1'"  1 
ATOM   9    N  N9     . DG  A 1 1  ? -5.775  -33.409 -11.589 1.00 123.04 ? 1   DG  A N9     1 
ATOM   10   C  C8     . DG  A 1 1  ? -4.663  -33.688 -10.824 1.00 119.78 ? 1   DG  A C8     1 
ATOM   11   N  N7     . DG  A 1 1  ? -4.938  -33.864 -9.560  1.00 111.42 ? 1   DG  A N7     1 
ATOM   12   C  C5     . DG  A 1 1  ? -6.315  -33.686 -9.492  1.00 115.96 ? 1   DG  A C5     1 
ATOM   13   C  C6     . DG  A 1 1  ? -7.188  -33.746 -8.386  1.00 119.02 ? 1   DG  A C6     1 
ATOM   14   O  O6     . DG  A 1 1  ? -6.911  -33.987 -7.202  1.00 116.96 ? 1   DG  A O6     1 
ATOM   15   N  N1     . DG  A 1 1  ? -8.512  -33.500 -8.765  1.00 119.59 ? 1   DG  A N1     1 
ATOM   16   C  C2     . DG  A 1 1  ? -8.925  -33.229 -10.049 1.00 116.21 ? 1   DG  A C2     1 
ATOM   17   N  N2     . DG  A 1 1  ? -10.230 -33.024 -10.225 1.00 111.03 ? 1   DG  A N2     1 
ATOM   18   N  N3     . DG  A 1 1  ? -8.117  -33.169 -11.087 1.00 114.30 ? 1   DG  A N3     1 
ATOM   19   C  C4     . DG  A 1 1  ? -6.834  -33.404 -10.734 1.00 118.27 ? 1   DG  A C4     1 
ATOM   20   H  "H5'"  . DG  A 1 1  ? -4.940  -36.100 -14.003 1.00 171.92 ? 1   DG  A "H5'"  1 
ATOM   21   H  "H5''" . DG  A 1 1  ? -6.464  -36.506 -13.906 1.00 171.92 ? 1   DG  A "H5''" 1 
ATOM   22   H  "H4'"  . DG  A 1 1  ? -6.834  -34.691 -15.515 1.00 179.15 ? 1   DG  A "H4'"  1 
ATOM   23   H  "H3'"  . DG  A 1 1  ? -4.353  -34.153 -15.674 1.00 180.19 ? 1   DG  A "H3'"  1 
ATOM   24   H  "H2'"  . DG  A 1 1  ? -4.004  -34.075 -13.389 1.00 169.53 ? 1   DG  A "H2'"  1 
ATOM   25   H  "H2''" . DG  A 1 1  ? -3.998  -32.550 -13.792 1.00 169.53 ? 1   DG  A "H2''" 1 
ATOM   26   H  "H1'"  . DG  A 1 1  ? -6.139  -32.241 -13.155 1.00 163.46 ? 1   DG  A "H1'"  1 
ATOM   27   H  H8     . DG  A 1 1  ? -3.803  -33.744 -11.173 1.00 143.99 ? 1   DG  A H8     1 
ATOM   28   H  H1     . DG  A 1 1  ? -9.112  -33.521 -8.149  1.00 143.77 ? 1   DG  A H1     1 
ATOM   29   H  H21    . DG  A 1 1  ? -10.537 -32.855 -11.009 1.00 133.49 ? 1   DG  A H21    1 
ATOM   30   H  H22    . DG  A 1 1  ? -10.765 -33.062 -9.552  1.00 133.49 ? 1   DG  A H22    1 
ATOM   31   H  "HO5'" . DG  A 1 1  ? -5.143  -37.550 -15.668 1.00 174.95 ? 1   DG  A "HO5'" 1 
ATOM   32   P  P      . DA  A 1 2  ? -4.997  -31.082 -15.780 1.00 152.69 ? 2   DA  A P      1 
ATOM   33   O  OP1    . DA  A 1 2  ? -3.745  -31.025 -16.569 1.00 125.04 ? 2   DA  A OP1    1 
ATOM   34   O  OP2    . DA  A 1 2  ? -4.988  -30.636 -14.371 1.00 144.50 ? 2   DA  A OP2    1 
ATOM   35   O  "O5'"  . DA  A 1 2  ? -6.126  -30.175 -16.480 1.00 133.81 ? 2   DA  A "O5'"  1 
ATOM   36   C  "C5'"  . DA  A 1 2  ? -7.492  -30.626 -16.552 1.00 128.67 ? 2   DA  A "C5'"  1 
ATOM   37   C  "C4'"  . DA  A 1 2  ? -8.399  -29.891 -15.564 1.00 132.82 ? 2   DA  A "C4'"  1 
ATOM   38   O  "O4'"  . DA  A 1 2  ? -8.120  -30.325 -14.197 1.00 134.74 ? 2   DA  A "O4'"  1 
ATOM   39   C  "C3'"  . DA  A 1 2  ? -8.266  -28.358 -15.537 1.00 138.61 ? 2   DA  A "C3'"  1 
ATOM   40   O  "O3'"  . DA  A 1 2  ? -9.570  -27.744 -15.603 1.00 136.13 ? 2   DA  A "O3'"  1 
ATOM   41   C  "C2'"  . DA  A 1 2  ? -7.570  -28.104 -14.200 1.00 134.79 ? 2   DA  A "C2'"  1 
ATOM   42   C  "C1'"  . DA  A 1 2  ? -8.188  -29.191 -13.364 1.00 123.53 ? 2   DA  A "C1'"  1 
ATOM   43   N  N9     . DA  A 1 2  ? -7.516  -29.465 -12.099 1.00 124.12 ? 2   DA  A N9     1 
ATOM   44   C  C8     . DA  A 1 2  ? -6.170  -29.572 -11.876 1.00 128.95 ? 2   DA  A C8     1 
ATOM   45   N  N7     . DA  A 1 2  ? -5.861  -29.835 -10.624 1.00 128.10 ? 2   DA  A N7     1 
ATOM   46   C  C5     . DA  A 1 2  ? -7.091  -29.908 -9.985  1.00 127.00 ? 2   DA  A C5     1 
ATOM   47   C  C6     . DA  A 1 2  ? -7.453  -30.162 -8.645  1.00 120.91 ? 2   DA  A C6     1 
ATOM   48   N  N6     . DA  A 1 2  ? -6.565  -30.395 -7.674  1.00 122.23 ? 2   DA  A N6     1 
ATOM   49   N  N1     . DA  A 1 2  ? -8.770  -30.170 -8.344  1.00 116.48 ? 2   DA  A N1     1 
ATOM   50   C  C2     . DA  A 1 2  ? -9.655  -29.932 -9.319  1.00 117.46 ? 2   DA  A C2     1 
ATOM   51   N  N3     . DA  A 1 2  ? -9.435  -29.681 -10.609 1.00 119.77 ? 2   DA  A N3     1 
ATOM   52   C  C4     . DA  A 1 2  ? -8.119  -29.684 -10.879 1.00 125.73 ? 2   DA  A C4     1 
ATOM   53   H  "H5'"  . DA  A 1 2  ? -7.519  -31.575 -16.355 1.00 154.66 ? 2   DA  A "H5'"  1 
ATOM   54   H  "H5''" . DA  A 1 2  ? -7.824  -30.480 -17.451 1.00 154.66 ? 2   DA  A "H5''" 1 
ATOM   55   H  "H4'"  . DA  A 1 2  ? -9.316  -30.119 -15.783 1.00 159.64 ? 2   DA  A "H4'"  1 
ATOM   56   H  "H3'"  . DA  A 1 2  ? -7.709  -28.045 -16.268 1.00 166.59 ? 2   DA  A "H3'"  1 
ATOM   57   H  "H2'"  . DA  A 1 2  ? -6.609  -28.203 -14.270 1.00 162.01 ? 2   DA  A "H2'"  1 
ATOM   58   H  "H2''" . DA  A 1 2  ? -7.772  -27.221 -13.851 1.00 162.01 ? 2   DA  A "H2''" 1 
ATOM   59   H  "H1'"  . DA  A 1 2  ? -9.107  -28.973 -13.145 1.00 148.49 ? 2   DA  A "H1'"  1 
ATOM   60   H  H8     . DA  A 1 2  ? -5.534  -29.469 -12.546 1.00 155.00 ? 2   DA  A H8     1 
ATOM   61   H  H61    . DA  A 1 2  ? -6.835  -30.548 -6.871  1.00 146.93 ? 2   DA  A H61    1 
ATOM   62   H  H62    . DA  A 1 2  ? -5.724  -30.395 -7.850  1.00 146.93 ? 2   DA  A H62    1 
ATOM   63   H  H2     . DA  A 1 2  ? -10.548 -29.945 -9.061  1.00 141.21 ? 2   DA  A H2     1 
ATOM   64   P  P      . DG  A 1 3  ? -9.748  -26.144 -15.573 1.00 132.37 ? 3   DG  A P      1 
ATOM   65   O  OP1    . DG  A 1 3  ? -9.244  -25.654 -16.876 1.00 112.41 ? 3   DG  A OP1    1 
ATOM   66   O  OP2    . DG  A 1 3  ? -9.210  -25.603 -14.305 1.00 131.16 ? 3   DG  A OP2    1 
ATOM   67   O  "O5'"  . DG  A 1 3  ? -11.330 -25.927 -15.472 1.00 122.67 ? 3   DG  A "O5'"  1 
ATOM   68   C  "C5'"  . DG  A 1 3  ? -12.123 -26.791 -14.653 1.00 124.68 ? 3   DG  A "C5'"  1 
ATOM   69   C  "C4'"  . DG  A 1 3  ? -12.448 -26.169 -13.295 1.00 128.57 ? 3   DG  A "C4'"  1 
ATOM   70   O  "O4'"  . DG  A 1 3  ? -11.517 -26.650 -12.291 1.00 130.64 ? 3   DG  A "O4'"  1 
ATOM   71   C  "C3'"  . DG  A 1 3  ? -12.382 -24.633 -13.217 1.00 130.04 ? 3   DG  A "C3'"  1 
ATOM   72   O  "O3'"  . DG  A 1 3  ? -13.676 -24.107 -12.897 1.00 137.75 ? 3   DG  A "O3'"  1 
ATOM   73   C  "C2'"  . DG  A 1 3  ? -11.344 -24.358 -12.114 1.00 126.28 ? 3   DG  A "C2'"  1 
ATOM   74   C  "C1'"  . DG  A 1 3  ? -11.371 -25.649 -11.319 1.00 119.67 ? 3   DG  A "C1'"  1 
ATOM   75   N  N9     . DG  A 1 3  ? -10.171 -25.921 -10.531 1.00 114.41 ? 3   DG  A N9     1 
ATOM   76   C  C8     . DG  A 1 3  ? -8.869  -25.925 -10.971 1.00 120.23 ? 3   DG  A C8     1 
ATOM   77   N  N7     . DG  A 1 3  ? -8.004  -26.222 -10.038 1.00 113.67 ? 3   DG  A N7     1 
ATOM   78   C  C5     . DG  A 1 3  ? -8.785  -26.437 -8.910  1.00 113.20 ? 3   DG  A C5     1 
ATOM   79   C  C6     . DG  A 1 3  ? -8.406  -26.793 -7.597  1.00 112.65 ? 3   DG  A C6     1 
ATOM   80   O  O6     . DG  A 1 3  ? -7.266  -26.991 -7.156  1.00 108.33 ? 3   DG  A O6     1 
ATOM   81   N  N1     . DG  A 1 3  ? -9.511  -26.914 -6.757  1.00 111.19 ? 3   DG  A N1     1 
ATOM   82   C  C2     . DG  A 1 3  ? -10.818 -26.713 -7.145  1.00 112.57 ? 3   DG  A C2     1 
ATOM   83   N  N2     . DG  A 1 3  ? -11.750 -26.870 -6.197  1.00 115.23 ? 3   DG  A N2     1 
ATOM   84   N  N3     . DG  A 1 3  ? -11.186 -26.379 -8.375  1.00 107.76 ? 3   DG  A N3     1 
ATOM   85   C  C4     . DG  A 1 3  ? -10.122 -26.259 -9.200  1.00 110.32 ? 3   DG  A C4     1 
ATOM   86   H  "H5'"  . DG  A 1 3  ? -11.639 -27.619 -14.511 1.00 149.87 ? 3   DG  A "H5'"  1 
ATOM   87   H  "H5''" . DG  A 1 3  ? -12.954 -26.985 -15.115 1.00 149.87 ? 3   DG  A "H5''" 1 
ATOM   88   H  "H4'"  . DG  A 1 3  ? -13.345 -26.446 -13.048 1.00 154.54 ? 3   DG  A "H4'"  1 
ATOM   89   H  "H3'"  . DG  A 1 3  ? -12.057 -24.269 -14.055 1.00 156.30 ? 3   DG  A "H3'"  1 
ATOM   90   H  "H2'"  . DG  A 1 3  ? -10.465 -24.193 -12.490 1.00 151.80 ? 3   DG  A "H2'"  1 
ATOM   91   H  "H2''" . DG  A 1 3  ? -11.602 -23.600 -11.567 1.00 151.80 ? 3   DG  A "H2''" 1 
ATOM   92   H  "H1'"  . DG  A 1 3  ? -12.123 -25.643 -10.706 1.00 143.86 ? 3   DG  A "H1'"  1 
ATOM   93   H  H8     . DG  A 1 3  ? -8.626  -25.736 -11.849 1.00 144.54 ? 3   DG  A H8     1 
ATOM   94   H  H1     . DG  A 1 3  ? -9.368  -27.130 -5.938  1.00 133.68 ? 3   DG  A H1     1 
ATOM   95   H  H21    . DG  A 1 3  ? -12.581 -26.756 -6.388  1.00 138.53 ? 3   DG  A H21    1 
ATOM   96   H  H22    . DG  A 1 3  ? -11.518 -27.087 -5.399  1.00 138.53 ? 3   DG  A H22    1 
ATOM   97   P  P      . DA  A 1 4  ? -13.949 -22.524 -12.880 1.00 133.60 ? 4   DA  A P      1 
ATOM   98   O  OP1    . DA  A 1 4  ? -15.251 -22.283 -13.546 1.00 112.65 ? 4   DA  A OP1    1 
ATOM   99   O  OP2    . DA  A 1 4  ? -12.719 -21.852 -13.364 1.00 121.10 ? 4   DA  A OP2    1 
ATOM   100  O  "O5'"  . DA  A 1 4  ? -14.143 -22.185 -11.329 1.00 115.71 ? 4   DA  A "O5'"  1 
ATOM   101  C  "C5'"  . DA  A 1 4  ? -15.443 -22.189 -10.766 1.00 106.12 ? 4   DA  A "C5'"  1 
ATOM   102  C  "C4'"  . DA  A 1 4  ? -15.365 -22.288 -9.260  1.00 117.40 ? 4   DA  A "C4'"  1 
ATOM   103  O  "O4'"  . DA  A 1 4  ? -14.125 -22.933 -8.900  1.00 110.98 ? 4   DA  A "O4'"  1 
ATOM   104  C  "C3'"  . DA  A 1 4  ? -15.385 -20.945 -8.528  1.00 121.57 ? 4   DA  A "C3'"  1 
ATOM   105  O  "O3'"  . DA  A 1 4  ? -16.480 -20.896 -7.635  1.00 129.61 ? 4   DA  A "O3'"  1 
ATOM   106  C  "C2'"  . DA  A 1 4  ? -14.038 -20.869 -7.800  1.00 117.28 ? 4   DA  A "C2'"  1 
ATOM   107  C  "C1'"  . DA  A 1 4  ? -13.570 -22.313 -7.770  1.00 112.05 ? 4   DA  A "C1'"  1 
ATOM   108  N  N9     . DA  A 1 4  ? -12.127 -22.483 -7.843  1.00 114.26 ? 4   DA  A N9     1 
ATOM   109  C  C8     . DA  A 1 4  ? -11.318 -22.223 -8.915  1.00 115.12 ? 4   DA  A C8     1 
ATOM   110  N  N7     . DA  A 1 4  ? -10.050 -22.494 -8.701  1.00 111.18 ? 4   DA  A N7     1 
ATOM   111  C  C5     . DA  A 1 4  ? -10.032 -22.976 -7.405  1.00 113.85 ? 4   DA  A C5     1 
ATOM   112  C  C6     . DA  A 1 4  ? -8.989  -23.441 -6.584  1.00 115.40 ? 4   DA  A C6     1 
ATOM   113  N  N6     . DA  A 1 4  ? -7.712  -23.490 -6.973  1.00 109.18 ? 4   DA  A N6     1 
ATOM   114  N  N1     . DA  A 1 4  ? -9.311  -23.850 -5.337  1.00 123.80 ? 4   DA  A N1     1 
ATOM   115  C  C2     . DA  A 1 4  ? -10.595 -23.797 -4.949  1.00 125.29 ? 4   DA  A C2     1 
ATOM   116  N  N3     . DA  A 1 4  ? -11.662 -23.383 -5.635  1.00 119.89 ? 4   DA  A N3     1 
ATOM   117  C  C4     . DA  A 1 4  ? -11.307 -22.982 -6.865  1.00 117.52 ? 4   DA  A C4     1 
ATOM   118  H  "H5'"  . DA  A 1 4  ? -15.940 -22.946 -11.113 1.00 127.60 ? 4   DA  A "H5'"  1 
ATOM   119  H  "H5''" . DA  A 1 4  ? -15.901 -21.371 -11.011 1.00 127.60 ? 4   DA  A "H5''" 1 
ATOM   120  H  "H4'"  . DA  A 1 4  ? -16.102 -22.824 -8.928  1.00 141.14 ? 4   DA  A "H4'"  1 
ATOM   121  H  "H3'"  . DA  A 1 4  ? -15.430 -20.226 -9.175  1.00 146.14 ? 4   DA  A "H3'"  1 
ATOM   122  H  "H2'"  . DA  A 1 4  ? -13.411 -20.309 -8.286  1.00 140.99 ? 4   DA  A "H2'"  1 
ATOM   123  H  "H2''" . DA  A 1 4  ? -14.145 -20.518 -6.903  1.00 140.99 ? 4   DA  A "H2''" 1 
ATOM   124  H  "H1'"  . DA  A 1 4  ? -13.902 -22.728 -6.958  1.00 134.72 ? 4   DA  A "H1'"  1 
ATOM   125  H  H8     . DA  A 1 4  ? -11.636 -21.887 -9.722  1.00 138.41 ? 4   DA  A H8     1 
ATOM   126  H  H61    . DA  A 1 4  ? -7.108  -23.779 -6.434  1.00 131.27 ? 4   DA  A H61    1 
ATOM   127  H  H62    . DA  A 1 4  ? -7.494  -23.232 -7.765  1.00 131.27 ? 4   DA  A H62    1 
ATOM   128  H  H2     . DA  A 1 4  ? -10.764 -24.090 -4.083  1.00 150.61 ? 4   DA  A H2     1 
ATOM   129  P  P      . DA  A 1 5  ? -16.846 -19.520 -6.905  1.00 133.78 ? 5   DA  A P      1 
ATOM   130  O  OP1    . DA  A 1 5  ? -18.263 -19.565 -6.466  1.00 123.02 ? 5   DA  A OP1    1 
ATOM   131  O  OP2    . DA  A 1 5  ? -16.388 -18.464 -7.835  1.00 126.13 ? 5   DA  A OP2    1 
ATOM   132  O  "O5'"  . DA  A 1 5  ? -15.902 -19.516 -5.610  1.00 122.14 ? 5   DA  A "O5'"  1 
ATOM   133  C  "C5'"  . DA  A 1 5  ? -16.253 -20.297 -4.476  1.00 117.44 ? 5   DA  A "C5'"  1 
ATOM   134  C  "C4'"  . DA  A 1 5  ? -15.092 -20.396 -3.504  1.00 126.72 ? 5   DA  A "C4'"  1 
ATOM   135  O  "O4'"  . DA  A 1 5  ? -13.897 -20.751 -4.220  1.00 121.28 ? 5   DA  A "O4'"  1 
ATOM   136  C  "C3'"  . DA  A 1 5  ? -14.762 -19.099 -2.776  1.00 127.66 ? 5   DA  A "C3'"  1 
ATOM   137  O  "O3'"  . DA  A 1 5  ? -15.262 -19.142 -1.459  1.00 137.10 ? 5   DA  A "O3'"  1 
ATOM   138  C  "C2'"  . DA  A 1 5  ? -13.226 -18.994 -2.814  1.00 114.30 ? 5   DA  A "C2'"  1 
ATOM   139  C  "C1'"  . DA  A 1 5  ? -12.778 -20.265 -3.520  1.00 115.77 ? 5   DA  A "C1'"  1 
ATOM   140  N  N9     . DA  A 1 5  ? -11.713 -20.073 -4.488  1.00 112.07 ? 5   DA  A N9     1 
ATOM   141  C  C8     . DA  A 1 5  ? -11.833 -19.509 -5.722  1.00 113.74 ? 5   DA  A C8     1 
ATOM   142  N  N7     . DA  A 1 5  ? -10.718 -19.490 -6.407  1.00 111.50 ? 5   DA  A N7     1 
ATOM   143  C  C5     . DA  A 1 5  ? -9.803  -20.095 -5.571  1.00 108.84 ? 5   DA  A C5     1 
ATOM   144  C  C6     . DA  A 1 5  ? -8.438  -20.376 -5.721  1.00 110.02 ? 5   DA  A C6     1 
ATOM   145  N  N6     . DA  A 1 5  ? -7.748  -20.066 -6.824  1.00 105.51 ? 5   DA  A N6     1 
ATOM   146  N  N1     . DA  A 1 5  ? -7.809  -20.997 -4.699  1.00 112.43 ? 5   DA  A N1     1 
ATOM   147  C  C2     . DA  A 1 5  ? -8.515  -21.307 -3.603  1.00 116.11 ? 5   DA  A C2     1 
ATOM   148  N  N3     . DA  A 1 5  ? -9.807  -21.088 -3.346  1.00 117.92 ? 5   DA  A N3     1 
ATOM   149  C  C4     . DA  A 1 5  ? -10.398 -20.470 -4.382  1.00 111.95 ? 5   DA  A C4     1 
ATOM   150  H  "H5'"  . DA  A 1 5  ? -16.502 -21.188 -4.767  1.00 141.18 ? 5   DA  A "H5'"  1 
ATOM   151  H  "H5''" . DA  A 1 5  ? -17.010 -19.887 -4.028  1.00 141.18 ? 5   DA  A "H5''" 1 
ATOM   152  H  "H4'"  . DA  A 1 5  ? -15.281 -21.088 -2.852  1.00 152.32 ? 5   DA  A "H4'"  1 
ATOM   153  H  "H3'"  . DA  A 1 5  ? -15.137 -18.353 -3.269  1.00 153.45 ? 5   DA  A "H3'"  1 
ATOM   154  H  "H2'"  . DA  A 1 5  ? -12.947 -18.207 -3.309  1.00 137.42 ? 5   DA  A "H2'"  1 
ATOM   155  H  "H2''" . DA  A 1 5  ? -12.861 -18.949 -1.917  1.00 137.42 ? 5   DA  A "H2''" 1 
ATOM   156  H  "H1'"  . DA  A 1 5  ? -12.495 -20.903 -2.846  1.00 139.19 ? 5   DA  A "H1'"  1 
ATOM   157  H  H8     . DA  A 1 5  ? -12.635 -19.168 -6.048  1.00 136.75 ? 5   DA  A H8     1 
ATOM   158  H  H61    . DA  A 1 5  ? -6.912  -20.262 -6.877  1.00 126.87 ? 5   DA  A H61    1 
ATOM   159  H  H62    . DA  A 1 5  ? -8.140  -19.670 -7.479  1.00 126.87 ? 5   DA  A H62    1 
ATOM   160  H  H2     . DA  A 1 5  ? -8.039  -21.735 -2.928  1.00 139.59 ? 5   DA  A H2     1 
ATOM   161  P  P      . DT  A 1 6  ? -15.142 -17.845 -0.527  1.00 145.71 ? 6   DT  A P      1 
ATOM   162  O  OP1    . DT  A 1 6  ? -15.996 -18.039 0.667   1.00 136.56 ? 6   DT  A OP1    1 
ATOM   163  O  OP2    . DT  A 1 6  ? -15.366 -16.680 -1.415  1.00 142.91 ? 6   DT  A OP2    1 
ATOM   164  O  "O5'"  . DT  A 1 6  ? -13.615 -17.864 -0.062  1.00 123.01 ? 6   DT  A "O5'"  1 
ATOM   165  C  "C5'"  . DT  A 1 6  ? -13.147 -18.943 0.718   1.00 124.59 ? 6   DT  A "C5'"  1 
ATOM   166  C  "C4'"  . DT  A 1 6  ? -11.648 -18.858 0.927   1.00 134.49 ? 6   DT  A "C4'"  1 
ATOM   167  O  "O4'"  . DT  A 1 6  ? -10.972 -18.904 -0.344  1.00 132.85 ? 6   DT  A "O4'"  1 
ATOM   168  C  "C3'"  . DT  A 1 6  ? -11.155 -17.573 1.595   1.00 135.64 ? 6   DT  A "C3'"  1 
ATOM   169  O  "O3'"  . DT  A 1 6  ? -10.852 -17.810 2.966   1.00 140.83 ? 6   DT  A "O3'"  1 
ATOM   170  C  "C2'"  . DT  A 1 6  ? -9.910  -17.165 0.785   1.00 123.67 ? 6   DT  A "C2'"  1 
ATOM   171  C  "C1'"  . DT  A 1 6  ? -9.702  -18.331 -0.169  1.00 125.15 ? 6   DT  A "C1'"  1 
ATOM   172  N  N1     . DT  A 1 6  ? -9.167  -17.950 -1.503  1.00 114.99 ? 6   DT  A N1     1 
ATOM   173  C  C2     . DT  A 1 6  ? -7.891  -18.333 -1.857  1.00 117.25 ? 6   DT  A C2     1 
ATOM   174  O  O2     . DT  A 1 6  ? -7.154  -18.966 -1.122  1.00 121.05 ? 6   DT  A O2     1 
ATOM   175  N  N3     . DT  A 1 6  ? -7.503  -17.942 -3.112  1.00 105.50 ? 6   DT  A N3     1 
ATOM   176  C  C4     . DT  A 1 6  ? -8.250  -17.231 -4.026  1.00 101.21 ? 6   DT  A C4     1 
ATOM   177  O  O4     . DT  A 1 6  ? -7.816  -16.927 -5.131  1.00 95.73  ? 6   DT  A O4     1 
ATOM   178  C  C5     . DT  A 1 6  ? -9.578  -16.868 -3.590  1.00 104.28 ? 6   DT  A C5     1 
ATOM   179  C  C7     . DT  A 1 6  ? -10.484 -16.093 -4.495  1.00 114.34 ? 6   DT  A C7     1 
ATOM   180  C  C6     . DT  A 1 6  ? -9.969  -17.244 -2.367  1.00 108.45 ? 6   DT  A C6     1 
ATOM   181  H  "H5'"  . DT  A 1 6  ? -13.359 -19.776 0.268   1.00 149.77 ? 6   DT  A "H5'"  1 
ATOM   182  H  "H5''" . DT  A 1 6  ? -13.590 -18.928 1.581   1.00 149.77 ? 6   DT  A "H5''" 1 
ATOM   183  H  "H4'"  . DT  A 1 6  ? -11.370 -19.620 1.459   1.00 161.64 ? 6   DT  A "H4'"  1 
ATOM   184  H  "H3'"  . DT  A 1 6  ? -11.831 -16.883 1.504   1.00 163.03 ? 6   DT  A "H3'"  1 
ATOM   185  H  "H2'"  . DT  A 1 6  ? -10.067 -16.340 0.298   1.00 148.67 ? 6   DT  A "H2'"  1 
ATOM   186  H  "H2''" . DT  A 1 6  ? -9.141  -17.047 1.364   1.00 148.67 ? 6   DT  A "H2''" 1 
ATOM   187  H  "H1'"  . DT  A 1 6  ? -9.095  -18.971 0.233   1.00 150.44 ? 6   DT  A "H1'"  1 
ATOM   188  H  H3     . DT  A 1 6  ? -6.708  -18.164 -3.354  1.00 126.86 ? 6   DT  A H3     1 
ATOM   189  H  H71    . DT  A 1 6  ? -11.308 -16.590 -4.617  1.00 137.47 ? 6   DT  A H71    1 
ATOM   190  H  H72    . DT  A 1 6  ? -10.675 -15.233 -4.089  1.00 137.47 ? 6   DT  A H72    1 
ATOM   191  H  H73    . DT  A 1 6  ? -10.044 -15.966 -5.349  1.00 137.47 ? 6   DT  A H73    1 
ATOM   192  H  H6     . DT  A 1 6  ? -10.826 -17.017 -2.087  1.00 130.39 ? 6   DT  A H6     1 
ATOM   193  P  P      . DT  A 1 7  ? -10.396 -16.595 3.912   1.00 148.71 ? 7   DT  A P      1 
ATOM   194  O  OP1    . DT  A 1 7  ? -10.569 -17.023 5.323   1.00 135.46 ? 7   DT  A OP1    1 
ATOM   195  O  OP2    . DT  A 1 7  ? -11.104 -15.388 3.422   1.00 132.45 ? 7   DT  A OP2    1 
ATOM   196  O  "O5'"  . DT  A 1 7  ? -8.831  -16.449 3.607   1.00 129.42 ? 7   DT  A "O5'"  1 
ATOM   197  C  "C5'"  . DT  A 1 7  ? -7.972  -17.538 3.868   1.00 118.40 ? 7   DT  A "C5'"  1 
ATOM   198  C  "C4'"  . DT  A 1 7  ? -6.592  -17.310 3.288   1.00 123.77 ? 7   DT  A "C4'"  1 
ATOM   199  O  "O4'"  . DT  A 1 7  ? -6.682  -17.070 1.859   1.00 120.63 ? 7   DT  A "O4'"  1 
ATOM   200  C  "C3'"  . DT  A 1 7  ? -5.826  -16.101 3.857   1.00 126.91 ? 7   DT  A "C3'"  1 
ATOM   201  O  "O3'"  . DT  A 1 7  ? -4.648  -16.526 4.534   1.00 135.98 ? 7   DT  A "O3'"  1 
ATOM   202  C  "C2'"  . DT  A 1 7  ? -5.493  -15.267 2.619   1.00 124.59 ? 7   DT  A "C2'"  1 
ATOM   203  C  "C1'"  . DT  A 1 7  ? -5.562  -16.300 1.518   1.00 119.06 ? 7   DT  A "C1'"  1 
ATOM   204  N  N1     . DT  A 1 7  ? -5.702  -15.731 0.139   1.00 113.07 ? 7   DT  A N1     1 
ATOM   205  C  C2     . DT  A 1 7  ? -4.690  -15.945 -0.784  1.00 115.36 ? 7   DT  A C2     1 
ATOM   206  O  O2     . DT  A 1 7  ? -3.685  -16.593 -0.542  1.00 116.95 ? 7   DT  A O2     1 
ATOM   207  N  N3     . DT  A 1 7  ? -4.903  -15.379 -2.009  1.00 107.92 ? 7   DT  A N3     1 
ATOM   208  C  C4     . DT  A 1 7  ? -5.993  -14.630 -2.400  1.00 109.24 ? 7   DT  A C4     1 
ATOM   209  O  O4     . DT  A 1 7  ? -6.093  -14.160 -3.528  1.00 106.28 ? 7   DT  A O4     1 
ATOM   210  C  C5     . DT  A 1 7  ? -7.011  -14.437 -1.388  1.00 109.40 ? 7   DT  A C5     1 
ATOM   211  C  C7     . DT  A 1 7  ? -8.241  -13.638 -1.699  1.00 102.78 ? 7   DT  A C7     1 
ATOM   212  C  C6     . DT  A 1 7  ? -6.815  -14.989 -0.179  1.00 107.16 ? 7   DT  A C6     1 
ATOM   213  H  "H5'"  . DT  A 1 7  ? -8.351  -18.341 3.476   1.00 142.34 ? 7   DT  A "H5'"  1 
ATOM   214  H  "H5''" . DT  A 1 7  ? -7.898  -17.659 4.827   1.00 142.34 ? 7   DT  A "H5''" 1 
ATOM   215  H  "H4'"  . DT  A 1 7  ? -6.068  -18.112 3.437   1.00 148.78 ? 7   DT  A "H4'"  1 
ATOM   216  H  "H3'"  . DT  A 1 7  ? -6.405  -15.599 4.452   1.00 152.55 ? 7   DT  A "H3'"  1 
ATOM   217  H  "H2'"  . DT  A 1 7  ? -6.142  -14.559 2.483   1.00 149.77 ? 7   DT  A "H2'"  1 
ATOM   218  H  "H2''" . DT  A 1 7  ? -4.608  -14.875 2.683   1.00 149.77 ? 7   DT  A "H2''" 1 
ATOM   219  H  "H1'"  . DT  A 1 7  ? -4.768  -16.858 1.504   1.00 143.13 ? 7   DT  A "H1'"  1 
ATOM   220  H  H3     . DT  A 1 7  ? -4.292  -15.505 -2.601  1.00 129.77 ? 7   DT  A H3     1 
ATOM   221  H  H71    . DT  A 1 7  ? -9.025  -14.181 -1.518  1.00 123.60 ? 7   DT  A H71    1 
ATOM   222  H  H72    . DT  A 1 7  ? -8.253  -12.844 -1.141  1.00 123.60 ? 7   DT  A H72    1 
ATOM   223  H  H73    . DT  A 1 7  ? -8.224  -13.384 -2.635  1.00 123.60 ? 7   DT  A H73    1 
ATOM   224  H  H6     . DT  A 1 7  ? -7.465  -14.863 0.475   1.00 128.85 ? 7   DT  A H6     1 
ATOM   225  P  P      . DC  A 1 8  ? -3.857  -15.522 5.509   1.00 139.26 ? 8   DC  A P      1 
ATOM   226  O  OP1    . DC  A 1 8  ? -2.597  -16.189 5.914   1.00 129.47 ? 8   DC  A OP1    1 
ATOM   227  O  OP2    . DC  A 1 8  ? -4.829  -14.987 6.492   1.00 129.25 ? 8   DC  A OP2    1 
ATOM   228  O  "O5'"  . DC  A 1 8  ? -3.435  -14.305 4.583   1.00 119.08 ? 8   DC  A "O5'"  1 
ATOM   229  C  "C5'"  . DC  A 1 8  ? -2.150  -13.763 4.722   1.00 121.04 ? 8   DC  A "C5'"  1 
ATOM   230  C  "C4'"  . DC  A 1 8  ? -1.172  -14.502 3.845   1.00 112.44 ? 8   DC  A "C4'"  1 
ATOM   231  O  "O4'"  . DC  A 1 8  ? -1.885  -15.088 2.723   1.00 112.39 ? 8   DC  A "O4'"  1 
ATOM   232  C  "C3'"  . DC  A 1 8  ? -0.099  -13.628 3.226   1.00 121.96 ? 8   DC  A "C3'"  1 
ATOM   233  O  "O3'"  . DC  A 1 8  ? 1.026   -13.550 4.052   1.00 129.09 ? 8   DC  A "O3'"  1 
ATOM   234  C  "C2'"  . DC  A 1 8  ? 0.200   -14.333 1.915   1.00 120.31 ? 8   DC  A "C2'"  1 
ATOM   235  C  "C1'"  . DC  A 1 8  ? -1.166  -14.863 1.516   1.00 122.77 ? 8   DC  A "C1'"  1 
ATOM   236  N  N1     . DC  A 1 8  ? -1.950  -13.917 0.631   1.00 114.46 ? 8   DC  A N1     1 
ATOM   237  C  C2     . DC  A 1 8  ? -1.480  -13.624 -0.663  1.00 117.52 ? 8   DC  A C2     1 
ATOM   238  O  O2     . DC  A 1 8  ? -0.422  -14.143 -1.058  1.00 118.89 ? 8   DC  A O2     1 
ATOM   239  N  N3     . DC  A 1 8  ? -2.200  -12.775 -1.450  1.00 107.33 ? 8   DC  A N3     1 
ATOM   240  C  C4     . DC  A 1 8  ? -3.337  -12.240 -0.988  1.00 107.19 ? 8   DC  A C4     1 
ATOM   241  N  N4     . DC  A 1 8  ? -4.010  -11.415 -1.792  1.00 100.04 ? 8   DC  A N4     1 
ATOM   242  C  C5     . DC  A 1 8  ? -3.830  -12.528 0.320   1.00 103.19 ? 8   DC  A C5     1 
ATOM   243  C  C6     . DC  A 1 8  ? -3.112  -13.360 1.087   1.00 109.71 ? 8   DC  A C6     1 
ATOM   244  H  "H5'"  . DC  A 1 8  ? -1.869  -13.834 5.648   1.00 145.51 ? 8   DC  A "H5'"  1 
ATOM   245  H  "H5''" . DC  A 1 8  ? -2.166  -12.827 4.468   1.00 145.51 ? 8   DC  A "H5''" 1 
ATOM   246  H  "H4'"  . DC  A 1 8  ? -0.752  -15.212 4.357   1.00 135.18 ? 8   DC  A "H4'"  1 
ATOM   247  H  "H3'"  . DC  A 1 8  ? -0.450  -12.739 3.060   1.00 146.62 ? 8   DC  A "H3'"  1 
ATOM   248  H  "H2'"  . DC  A 1 8  ? 0.547   -13.716 1.253   1.00 144.63 ? 8   DC  A "H2'"  1 
ATOM   249  H  "H2''" . DC  A 1 8  ? 0.837   -15.055 2.039   1.00 144.63 ? 8   DC  A "H2''" 1 
ATOM   250  H  "H1'"  . DC  A 1 8  ? -1.065  -15.711 1.054   1.00 147.58 ? 8   DC  A "H1'"  1 
ATOM   251  H  H41    . DC  A 1 8  ? -3.710  -11.241 -2.580  1.00 120.31 ? 8   DC  A H41    1 
ATOM   252  H  H42    . DC  A 1 8  ? -4.744  -11.056 -1.523  1.00 120.31 ? 8   DC  A H42    1 
ATOM   253  H  H5     . DC  A 1 8  ? -4.620  -12.150 0.630   1.00 124.09 ? 8   DC  A H5     1 
ATOM   254  H  H6     . DC  A 1 8  ? -3.410  -13.564 1.945   1.00 131.91 ? 8   DC  A H6     1 
ATOM   255  P  P      . DC  A 1 9  ? 2.365   -12.885 3.480   1.00 134.02 ? 9   DC  A P      1 
ATOM   256  O  OP1    . DC  A 1 9  ? 3.237   -13.924 2.880   1.00 123.31 ? 9   DC  A OP1    1 
ATOM   257  O  OP2    . DC  A 1 9  ? 2.866   -11.983 4.539   1.00 134.95 ? 9   DC  A OP2    1 
ATOM   258  O  "O5'"  . DC  A 1 9  ? 1.841   -11.975 2.296   1.00 113.36 ? 9   DC  A "O5'"  1 
ATOM   259  C  "C5'"  . DC  A 1 9  ? 2.720   -11.089 1.693   1.00 116.78 ? 9   DC  A "C5'"  1 
ATOM   260  C  "C4'"  . DC  A 1 9  ? 3.258   -11.659 0.409   1.00 106.65 ? 9   DC  A "C4'"  1 
ATOM   261  O  "O4'"  . DC  A 1 9  ? 2.165   -12.179 -0.384  1.00 114.09 ? 9   DC  A "O4'"  1 
ATOM   262  C  "C3'"  . DC  A 1 9  ? 3.981   -10.632 -0.441  1.00 103.71 ? 9   DC  A "C3'"  1 
ATOM   263  O  "O3'"  . DC  A 1 9  ? 5.324   -10.961 -0.543  1.00 99.74  ? 9   DC  A "O3'"  1 
ATOM   264  C  "C2'"  . DC  A 1 9  ? 3.280   -10.644 -1.800  1.00 108.37 ? 9   DC  A "C2'"  1 
ATOM   265  C  "C1'"  . DC  A 1 9  ? 1.992   -11.416 -1.567  1.00 113.51 ? 9   DC  A "C1'"  1 
ATOM   266  N  N1     . DC  A 1 9  ? 0.754   -10.559 -1.422  1.00 104.78 ? 9   DC  A N1     1 
ATOM   267  C  C2     . DC  A 1 9  ? 0.358   -9.701  -2.468  1.00 100.98 ? 9   DC  A C2     1 
ATOM   268  O  O2     . DC  A 1 9  ? 1.054   -9.628  -3.495  1.00 95.06  ? 9   DC  A O2     1 
ATOM   269  N  N3     . DC  A 1 9  ? -0.779  -8.965  -2.317  1.00 95.19  ? 9   DC  A N3     1 
ATOM   270  C  C4     . DC  A 1 9  ? -1.499  -9.068  -1.191  1.00 95.84  ? 9   DC  A C4     1 
ATOM   271  N  N4     . DC  A 1 9  ? -2.608  -8.327  -1.079  1.00 90.74  ? 9   DC  A N4     1 
ATOM   272  C  C5     . DC  A 1 9  ? -1.117  -9.937  -0.131  1.00 101.03 ? 9   DC  A C5     1 
ATOM   273  C  C6     . DC  A 1 9  ? -0.002  -10.660 -0.289  1.00 104.47 ? 9   DC  A C6     1 
ATOM   274  H  "H5'"  . DC  A 1 9  ? 3.457   -10.909 2.297   1.00 140.39 ? 9   DC  A "H5'"  1 
ATOM   275  H  "H5''" . DC  A 1 9  ? 2.257   -10.257 1.504   1.00 140.39 ? 9   DC  A "H5''" 1 
ATOM   276  H  "H4'"  . DC  A 1 9  ? 3.858   -12.401 0.587   1.00 128.24 ? 9   DC  A "H4'"  1 
ATOM   277  H  "H3'"  . DC  A 1 9  ? 3.855   -9.755  -0.045  1.00 124.71 ? 9   DC  A "H3'"  1 
ATOM   278  H  "H2'"  . DC  A 1 9  ? 3.089   -9.739  -2.096  1.00 130.30 ? 9   DC  A "H2'"  1 
ATOM   279  H  "H2''" . DC  A 1 9  ? 3.830   -11.084 -2.467  1.00 130.30 ? 9   DC  A "H2''" 1 
ATOM   280  H  "H1'"  . DC  A 1 9  ? 1.864   -12.022 -2.314  1.00 136.47 ? 9   DC  A "H1'"  1 
ATOM   281  H  H41    . DC  A 1 9  ? -3.087  -8.375  -0.366  1.00 109.14 ? 9   DC  A H41    1 
ATOM   282  H  H42    . DC  A 1 9  ? -2.842  -7.802  -1.719  1.00 109.14 ? 9   DC  A H42    1 
ATOM   283  H  H5     . DC  A 1 9  ? -1.625  -10.001 0.646   1.00 121.49 ? 9   DC  A H5     1 
ATOM   284  H  H6     . DC  A 1 9  ? 0.264   -11.243 0.386   1.00 125.62 ? 9   DC  A H6     1 
ATOM   285  P  P      . DT  A 1 10 ? 6.407   -9.787  -0.495  1.00 113.07 ? 10  DT  A P      1 
ATOM   286  O  OP1    . DT  A 1 10 ? 7.741   -10.379 -0.750  1.00 123.63 ? 10  DT  A OP1    1 
ATOM   287  O  OP2    . DT  A 1 10 ? 6.147   -9.028  0.752   1.00 123.62 ? 10  DT  A OP2    1 
ATOM   288  O  "O5'"  . DT  A 1 10 ? 6.004   -8.865  -1.733  1.00 97.48  ? 10  DT  A "O5'"  1 
ATOM   289  C  "C5'"  . DT  A 1 10 ? 6.160   -9.355  -3.056  1.00 100.43 ? 10  DT  A "C5'"  1 
ATOM   290  C  "C4'"  . DT  A 1 10 ? 5.810   -8.281  -4.064  1.00 104.68 ? 10  DT  A "C4'"  1 
ATOM   291  O  "O4'"  . DT  A 1 10 ? 4.376   -8.049  -4.080  1.00 104.58 ? 10  DT  A "O4'"  1 
ATOM   292  C  "C3'"  . DT  A 1 10 ? 6.447   -6.934  -3.752  1.00 105.85 ? 10  DT  A "C3'"  1 
ATOM   293  O  "O3'"  . DT  A 1 10 ? 7.368   -6.587  -4.740  1.00 102.81 ? 10  DT  A "O3'"  1 
ATOM   294  C  "C2'"  . DT  A 1 10 ? 5.279   -5.942  -3.669  1.00 106.50 ? 10  DT  A "C2'"  1 
ATOM   295  C  "C1'"  . DT  A 1 10 ? 4.135   -6.682  -4.334  1.00 95.41  ? 10  DT  A "C1'"  1 
ATOM   296  N  N1     . DT  A 1 10 ? 2.765   -6.326  -3.814  1.00 83.68  ? 10  DT  A N1     1 
ATOM   297  C  C2     . DT  A 1 10 ? 1.835   -5.792  -4.677  1.00 86.19  ? 10  DT  A C2     1 
ATOM   298  O  O2     . DT  A 1 10 ? 2.063   -5.570  -5.858  1.00 84.46  ? 10  DT  A O2     1 
ATOM   299  N  N3     . DT  A 1 10 ? 0.616   -5.524  -4.105  1.00 85.63  ? 10  DT  A N3     1 
ATOM   300  C  C4     . DT  A 1 10 ? 0.245   -5.738  -2.789  1.00 82.95  ? 10  DT  A C4     1 
ATOM   301  O  O4     . DT  A 1 10 ? -0.873  -5.470  -2.363  1.00 82.17  ? 10  DT  A O4     1 
ATOM   302  C  C5     . DT  A 1 10 ? 1.256   -6.299  -1.952  1.00 68.57  ? 10  DT  A C5     1 
ATOM   303  C  C7     . DT  A 1 10 ? 0.951   -6.568  -0.520  1.00 72.60  ? 10  DT  A C7     1 
ATOM   304  C  C6     . DT  A 1 10 ? 2.452   -6.569  -2.490  1.00 81.10  ? 10  DT  A C6     1 
ATOM   305  H  "H5'"  . DT  A 1 10 ? 5.578   -10.119 -3.187  1.00 120.77 ? 10  DT  A "H5'"  1 
ATOM   306  H  "H5''" . DT  A 1 10 ? 7.080   -9.633  -3.188  1.00 120.77 ? 10  DT  A "H5''" 1 
ATOM   307  H  "H4'"  . DT  A 1 10 ? 6.065   -8.572  -4.952  1.00 125.87 ? 10  DT  A "H4'"  1 
ATOM   308  H  "H3'"  . DT  A 1 10 ? 6.872   -6.984  -2.881  1.00 127.28 ? 10  DT  A "H3'"  1 
ATOM   309  H  "H2'"  . DT  A 1 10 ? 5.068   -5.730  -2.746  1.00 128.06 ? 10  DT  A "H2'"  1 
ATOM   310  H  "H2''" . DT  A 1 10 ? 5.486   -5.121  -4.142  1.00 128.06 ? 10  DT  A "H2''" 1 
ATOM   311  H  "H1'"  . DT  A 1 10 ? 4.151   -6.506  -5.288  1.00 114.75 ? 10  DT  A "H1'"  1 
ATOM   312  H  H3     . DT  A 1 10 ? 0.017   -5.186  -4.622  1.00 103.02 ? 10  DT  A H3     1 
ATOM   313  H  H71    . DT  A 1 10 ? 1.031   -7.519  -0.353  1.00 87.38  ? 10  DT  A H71    1 
ATOM   314  H  H72    . DT  A 1 10 ? 1.581   -6.080  0.034   1.00 87.38  ? 10  DT  A H72    1 
ATOM   315  H  H73    . DT  A 1 10 ? 0.047   -6.273  -0.328  1.00 87.38  ? 10  DT  A H73    1 
ATOM   316  H  H6     . DT  A 1 10 ? 3.107   -6.940  -1.945  1.00 97.58  ? 10  DT  A H6     1 
ATOM   317  P  P      . DG  A 1 11 ? 8.496   -5.513  -4.378  1.00 124.31 ? 11  DG  A P      1 
ATOM   318  O  OP1    . DG  A 1 11 ? 9.779   -5.969  -4.962  1.00 110.75 ? 11  DG  A OP1    1 
ATOM   319  O  OP2    . DG  A 1 11 ? 8.338   -5.205  -2.929  1.00 106.97 ? 11  DG  A OP2    1 
ATOM   320  O  "O5'"  . DG  A 1 11 ? 8.043   -4.226  -5.178  1.00 101.01 ? 11  DG  A "O5'"  1 
ATOM   321  C  "C5'"  . DG  A 1 11 ? 7.937   -4.292  -6.564  1.00 104.70 ? 11  DG  A "C5'"  1 
ATOM   322  C  "C4'"  . DG  A 1 11 ? 7.134   -3.126  -7.067  1.00 100.67 ? 11  DG  A "C4'"  1 
ATOM   323  O  "O4'"  . DG  A 1 11 ? 5.793   -3.197  -6.507  1.00 96.81  ? 11  DG  A "O4'"  1 
ATOM   324  C  "C3'"  . DG  A 1 11 ? 7.714   -1.776  -6.665  1.00 96.56  ? 11  DG  A "C3'"  1 
ATOM   325  O  "O3'"  . DG  A 1 11 ? 7.867   -0.949  -7.809  1.00 104.57 ? 11  DG  A "O3'"  1 
ATOM   326  C  "C2'"  . DG  A 1 11 ? 6.724   -1.223  -5.633  1.00 86.66  ? 11  DG  A "C2'"  1 
ATOM   327  C  "C1'"  . DG  A 1 11 ? 5.429   -1.965  -5.939  1.00 83.35  ? 11  DG  A "C1'"  1 
ATOM   328  N  N9     . DG  A 1 11 ? 4.598   -2.215  -4.758  1.00 76.50  ? 11  DG  A N9     1 
ATOM   329  C  C8     . DG  A 1 11 ? 5.020   -2.580  -3.501  1.00 84.19  ? 11  DG  A C8     1 
ATOM   330  N  N7     . DG  A 1 11 ? 4.042   -2.722  -2.642  1.00 78.85  ? 11  DG  A N7     1 
ATOM   331  C  C5     . DG  A 1 11 ? 2.905   -2.432  -3.376  1.00 75.98  ? 11  DG  A C5     1 
ATOM   332  C  C6     . DG  A 1 11 ? 1.546   -2.419  -2.981  1.00 76.76  ? 11  DG  A C6     1 
ATOM   333  O  O6     . DG  A 1 11 ? 1.067   -2.667  -1.863  1.00 79.98  ? 11  DG  A O6     1 
ATOM   334  N  N1     . DG  A 1 11 ? 0.708   -2.065  -4.037  1.00 69.60  ? 11  DG  A N1     1 
ATOM   335  C  C2     . DG  A 1 11 ? 1.137   -1.762  -5.310  1.00 77.91  ? 11  DG  A C2     1 
ATOM   336  N  N2     . DG  A 1 11 ? 0.186   -1.446  -6.199  1.00 79.20  ? 11  DG  A N2     1 
ATOM   337  N  N3     . DG  A 1 11 ? 2.408   -1.775  -5.692  1.00 74.81  ? 11  DG  A N3     1 
ATOM   338  C  C4     . DG  A 1 11 ? 3.231   -2.116  -4.679  1.00 75.55  ? 11  DG  A C4     1 
ATOM   339  H  "H5'"  . DG  A 1 11 ? 7.498   -5.121  -6.817  1.00 125.90 ? 11  DG  A "H5'"  1 
ATOM   340  H  "H5''" . DG  A 1 11 ? 8.823   -4.271  -6.958  1.00 125.90 ? 11  DG  A "H5''" 1 
ATOM   341  H  "H4'"  . DG  A 1 11 ? 7.050   -3.156  -8.032  1.00 121.07 ? 11  DG  A "H4'"  1 
ATOM   342  H  "H3'"  . DG  A 1 11 ? 8.569   -1.898  -6.225  1.00 116.13 ? 11  DG  A "H3'"  1 
ATOM   343  H  "H2'"  . DG  A 1 11 ? 7.024   -1.408  -4.730  1.00 104.25 ? 11  DG  A "H2'"  1 
ATOM   344  H  "H2''" . DG  A 1 11 ? 6.609   -0.266  -5.740  1.00 104.25 ? 11  DG  A "H2''" 1 
ATOM   345  H  "H1'"  . DG  A 1 11 ? 4.915   -1.458  -6.587  1.00 100.27 ? 11  DG  A "H1'"  1 
ATOM   346  H  H8     . DG  A 1 11 ? 5.914   -2.714  -3.284  1.00 101.28 ? 11  DG  A H8     1 
ATOM   347  H  H1     . DG  A 1 11 ? -0.137  -2.033  -3.882  1.00 83.78  ? 11  DG  A H1     1 
ATOM   348  H  H21    . DG  A 1 11 ? 0.401   -1.252  -7.009  1.00 95.30  ? 11  DG  A H21    1 
ATOM   349  H  H22    . DG  A 1 11 ? -0.640  -1.435  -5.959  1.00 95.30  ? 11  DG  A H22    1 
ATOM   350  P  P      . DA  A 1 12 ? 8.245   0.600   -7.649  1.00 115.54 ? 12  DA  A P      1 
ATOM   351  O  OP1    . DA  A 1 12 ? 9.088   0.977   -8.816  1.00 94.41  ? 12  DA  A OP1    1 
ATOM   352  O  OP2    . DA  A 1 12 ? 8.716   0.778   -6.245  1.00 83.81  ? 12  DA  A OP2    1 
ATOM   353  O  "O5'"  . DA  A 1 12 ? 6.828   1.325   -7.827  1.00 103.00 ? 12  DA  A "O5'"  1 
ATOM   354  C  "C5'"  . DA  A 1 12 ? 5.953   0.894   -8.864  1.00 93.72  ? 12  DA  A "C5'"  1 
ATOM   355  C  "C4'"  . DA  A 1 12 ? 4.641   1.646   -8.815  1.00 90.20  ? 12  DA  A "C4'"  1 
ATOM   356  O  "O4'"  . DA  A 1 12 ? 3.840   1.140   -7.710  1.00 91.11  ? 12  DA  A "O4'"  1 
ATOM   357  C  "C3'"  . DA  A 1 12 ? 4.792   3.150   -8.604  1.00 87.87  ? 12  DA  A "C3'"  1 
ATOM   358  O  "O3'"  . DA  A 1 12 ? 4.002   3.866   -9.536  1.00 91.53  ? 12  DA  A "O3'"  1 
ATOM   359  C  "C2'"  . DA  A 1 12 ? 4.349   3.369   -7.163  1.00 83.53  ? 12  DA  A "C2'"  1 
ATOM   360  C  "C1'"  . DA  A 1 12 ? 3.406   2.203   -6.895  1.00 84.77  ? 12  DA  A "C1'"  1 
ATOM   361  N  N9     . DA  A 1 12 ? 3.406   1.760   -5.499  1.00 73.19  ? 12  DA  A N9     1 
ATOM   362  C  C8     . DA  A 1 12 ? 4.494   1.486   -4.719  1.00 73.81  ? 12  DA  A C8     1 
ATOM   363  N  N7     . DA  A 1 12 ? 4.190   1.123   -3.496  1.00 65.70  ? 12  DA  A N7     1 
ATOM   364  C  C5     . DA  A 1 12 ? 2.809   1.154   -3.476  1.00 63.98  ? 12  DA  A C5     1 
ATOM   365  C  C6     . DA  A 1 12 ? 1.868   0.870   -2.462  1.00 72.73  ? 12  DA  A C6     1 
ATOM   366  N  N6     . DA  A 1 12 ? 2.207   0.480   -1.229  1.00 74.14  ? 12  DA  A N6     1 
ATOM   367  N  N1     . DA  A 1 12 ? 0.561   1.009   -2.765  1.00 72.02  ? 12  DA  A N1     1 
ATOM   368  C  C2     . DA  A 1 12 ? 0.228   1.402   -4.003  1.00 72.73  ? 12  DA  A C2     1 
ATOM   369  N  N3     . DA  A 1 12 ? 1.024   1.694   -5.036  1.00 68.76  ? 12  DA  A N3     1 
ATOM   370  C  C4     . DA  A 1 12 ? 2.311   1.549   -4.700  1.00 66.00  ? 12  DA  A C4     1 
ATOM   371  H  "H5'"  . DA  A 1 12 ? 5.781   -0.056  -8.762  1.00 112.72 ? 12  DA  A "H5'"  1 
ATOM   372  H  "H5''" . DA  A 1 12 ? 6.376   1.047   -9.723  1.00 112.72 ? 12  DA  A "H5''" 1 
ATOM   373  H  "H4'"  . DA  A 1 12 ? 4.142   1.499   -9.634  1.00 108.49 ? 12  DA  A "H4'"  1 
ATOM   374  H  "H3'"  . DA  A 1 12 ? 5.725   3.401   -8.691  1.00 105.70 ? 12  DA  A "H3'"  1 
ATOM   375  H  "H2'"  . DA  A 1 12 ? 5.108   3.349   -6.559  1.00 100.50 ? 12  DA  A "H2'"  1 
ATOM   376  H  "H2''" . DA  A 1 12 ? 3.890   4.218   -7.065  1.00 100.50 ? 12  DA  A "H2''" 1 
ATOM   377  H  "H1'"  . DA  A 1 12 ? 2.503   2.448   -7.150  1.00 101.99 ? 12  DA  A "H1'"  1 
ATOM   378  H  H8     . DA  A 1 12 ? 5.369   1.553   -5.027  1.00 88.84  ? 12  DA  A H8     1 
ATOM   379  H  H61    . DA  A 1 12 ? 1.597   0.321   -0.645  1.00 89.22  ? 12  DA  A H61    1 
ATOM   380  H  H62    . DA  A 1 12 ? 3.036   0.386   -1.021  1.00 89.22  ? 12  DA  A H62    1 
ATOM   381  H  H2     . DA  A 1 12 ? -0.684  1.481   -4.166  1.00 87.53  ? 12  DA  A H2     1 
ATOM   382  P  P      . DC  A 1 13 ? 4.047   5.471   -9.582  1.00 106.14 ? 13  DC  A P      1 
ATOM   383  O  OP1    . DC  A 1 13 ? 3.525   5.873   -10.914 1.00 89.73  ? 13  DC  A OP1    1 
ATOM   384  O  OP2    . DC  A 1 13 ? 5.337   5.973   -9.044  1.00 90.97  ? 13  DC  A OP2    1 
ATOM   385  O  "O5'"  . DC  A 1 13 ? 2.934   5.873   -8.546  1.00 88.08  ? 13  DC  A "O5'"  1 
ATOM   386  C  "C5'"  . DC  A 1 13 ? 1.667   5.321   -8.702  1.00 93.78  ? 13  DC  A "C5'"  1 
ATOM   387  C  "C4'"  . DC  A 1 13 ? 0.827   5.591   -7.496  1.00 87.48  ? 13  DC  A "C4'"  1 
ATOM   388  O  "O4'"  . DC  A 1 13 ? 1.288   4.790   -6.400  1.00 86.09  ? 13  DC  A "O4'"  1 
ATOM   389  C  "C3'"  . DC  A 1 13 ? 0.902   7.008   -6.970  1.00 80.49  ? 13  DC  A "C3'"  1 
ATOM   390  O  "O3'"  . DC  A 1 13 ? -0.037  7.839   -7.664  1.00 79.72  ? 13  DC  A "O3'"  1 
ATOM   391  C  "C2'"  . DC  A 1 13 ? 0.604   6.831   -5.469  1.00 81.69  ? 13  DC  A "C2'"  1 
ATOM   392  C  "C1'"  . DC  A 1 13 ? 0.699   5.316   -5.246  1.00 73.93  ? 13  DC  A "C1'"  1 
ATOM   393  N  N1     . DC  A 1 13 ? 1.489   4.915   -4.050  1.00 59.50  ? 13  DC  A N1     1 
ATOM   394  C  C2     . DC  A 1 13 ? 0.813   4.668   -2.864  1.00 64.44  ? 13  DC  A C2     1 
ATOM   395  O  O2     . DC  A 1 13 ? -0.416  4.792   -2.841  1.00 66.34  ? 13  DC  A O2     1 
ATOM   396  N  N3     . DC  A 1 13 ? 1.512   4.298   -1.765  1.00 60.32  ? 13  DC  A N3     1 
ATOM   397  C  C4     . DC  A 1 13 ? 2.829   4.168   -1.831  1.00 60.42  ? 13  DC  A C4     1 
ATOM   398  N  N4     . DC  A 1 13 ? 3.471   3.805   -0.716  1.00 57.86  ? 13  DC  A N4     1 
ATOM   399  C  C5     . DC  A 1 13 ? 3.547   4.410   -3.044  1.00 60.90  ? 13  DC  A C5     1 
ATOM   400  C  C6     . DC  A 1 13 ? 2.838   4.778   -4.121  1.00 66.84  ? 13  DC  A C6     1 
ATOM   401  H  "H5'"  . DC  A 1 13 ? 1.748   4.363   -8.831  1.00 112.80 ? 13  DC  A "H5'"  1 
ATOM   402  H  "H5''" . DC  A 1 13 ? 1.242   5.709   -9.484  1.00 112.80 ? 13  DC  A "H5''" 1 
ATOM   403  H  "H4'"  . DC  A 1 13 ? -0.092  5.364   -7.706  1.00 105.24 ? 13  DC  A "H4'"  1 
ATOM   404  H  "H3'"  . DC  A 1 13 ? 1.793   7.378   -7.070  1.00 96.84  ? 13  DC  A "H3'"  1 
ATOM   405  H  "H2'"  . DC  A 1 13 ? 1.258   7.303   -4.929  1.00 98.29  ? 13  DC  A "H2'"  1 
ATOM   406  H  "H2''" . DC  A 1 13 ? -0.282  7.159   -5.250  1.00 98.29  ? 13  DC  A "H2''" 1 
ATOM   407  H  "H1'"  . DC  A 1 13 ? -0.194  4.949   -5.151  1.00 88.97  ? 13  DC  A "H1'"  1 
ATOM   408  H  H41    . DC  A 1 13 ? 4.327   3.712   -0.723  1.00 69.70  ? 13  DC  A H41    1 
ATOM   409  H  H42    . DC  A 1 13 ? 3.030   3.665   0.009   1.00 69.70  ? 13  DC  A H42    1 
ATOM   410  H  H5     . DC  A 1 13 ? 4.471   4.315   -3.084  1.00 73.33  ? 13  DC  A H5     1 
ATOM   411  H  H6     . DC  A 1 13 ? 3.276   4.942   -4.925  1.00 80.47  ? 13  DC  A H6     1 
ATOM   412  P  P      . DG  A 1 14 ? -0.750  9.088   -6.948  1.00 95.66  ? 14  DG  A P      1 
ATOM   413  O  OP1    . DG  A 1 14 ? -1.305  9.929   -8.031  1.00 103.33 ? 14  DG  A OP1    1 
ATOM   414  O  OP2    . DG  A 1 14 ? 0.137   9.694   -5.923  1.00 79.68  ? 14  DG  A OP2    1 
ATOM   415  O  "O5'"  . DG  A 1 14 ? -1.970  8.416   -6.182  1.00 82.13  ? 14  DG  A "O5'"  1 
ATOM   416  C  "C5'"  . DG  A 1 14 ? -2.969  9.230   -5.646  1.00 89.68  ? 14  DG  A "C5'"  1 
ATOM   417  C  "C4'"  . DG  A 1 14 ? -3.200  8.917   -4.183  1.00 76.98  ? 14  DG  A "C4'"  1 
ATOM   418  O  "O4'"  . DG  A 1 14 ? -2.094  8.161   -3.655  1.00 82.42  ? 14  DG  A "O4'"  1 
ATOM   419  C  "C3'"  . DG  A 1 14 ? -3.310  10.148  -3.310  1.00 78.62  ? 14  DG  A "C3'"  1 
ATOM   420  O  "O3'"  . DG  A 1 14 ? -4.651  10.403  -3.023  1.00 76.18  ? 14  DG  A "O3'"  1 
ATOM   421  C  "C2'"  . DG  A 1 14 ? -2.485  9.826   -2.050  1.00 92.68  ? 14  DG  A "C2'"  1 
ATOM   422  C  "C1'"  . DG  A 1 14 ? -1.994  8.404   -2.264  1.00 86.21  ? 14  DG  A "C1'"  1 
ATOM   423  N  N9     . DG  A 1 14 ? -0.602  8.157   -1.819  1.00 71.65  ? 14  DG  A N9     1 
ATOM   424  C  C8     . DG  A 1 14 ? 0.562   8.330   -2.543  1.00 79.85  ? 14  DG  A C8     1 
ATOM   425  N  N7     . DG  A 1 14 ? 1.644   7.991   -1.890  1.00 62.38  ? 14  DG  A N7     1 
ATOM   426  C  C5     . DG  A 1 14 ? 1.167   7.573   -0.661  1.00 62.25  ? 14  DG  A C5     1 
ATOM   427  C  C6     . DG  A 1 14 ? 1.873   7.092   0.468   1.00 74.59  ? 14  DG  A C6     1 
ATOM   428  O  O6     . DG  A 1 14 ? 3.111   6.951   0.611   1.00 72.71  ? 14  DG  A O6     1 
ATOM   429  N  N1     . DG  A 1 14 ? 1.002   6.770   1.510   1.00 74.89  ? 14  DG  A N1     1 
ATOM   430  C  C2     . DG  A 1 14 ? -0.369  6.905   1.457   1.00 77.94  ? 14  DG  A C2     1 
ATOM   431  N  N2     . DG  A 1 14 ? -1.051  6.550   2.556   1.00 75.33  ? 14  DG  A N2     1 
ATOM   432  N  N3     . DG  A 1 14 ? -1.031  7.359   0.405   1.00 74.47  ? 14  DG  A N3     1 
ATOM   433  C  C4     . DG  A 1 14 ? -0.209  7.670   -0.607  1.00 58.20  ? 14  DG  A C4     1 
ATOM   434  H  "H5'"  . DG  A 1 14 ? -3.793  9.089   -6.137  1.00 107.87 ? 14  DG  A "H5'"  1 
ATOM   435  H  "H5''" . DG  A 1 14 ? -2.704  10.159  -5.735  1.00 107.87 ? 14  DG  A "H5''" 1 
ATOM   436  H  "H4'"  . DG  A 1 14 ? -4.000  8.375   -4.092  1.00 92.64  ? 14  DG  A "H4'"  1 
ATOM   437  H  "H3'"  . DG  A 1 14 ? -2.895  10.901  -3.759  1.00 94.61  ? 14  DG  A "H3'"  1 
ATOM   438  H  "H2'"  . DG  A 1 14 ? -1.737  10.439  -1.963  1.00 111.47 ? 14  DG  A "H2'"  1 
ATOM   439  H  "H2''" . DG  A 1 14 ? -3.036  9.885   -1.254  1.00 111.47 ? 14  DG  A "H2''" 1 
ATOM   440  H  "H1'"  . DG  A 1 14 ? -2.575  7.790   -1.786  1.00 103.71 ? 14  DG  A "H1'"  1 
ATOM   441  H  H8     . DG  A 1 14 ? 0.575   8.657   -3.413  1.00 96.08  ? 14  DG  A H8     1 
ATOM   442  H  H1     . DG  A 1 14 ? 1.345   6.465   2.237   1.00 90.13  ? 14  DG  A H1     1 
ATOM   443  H  H21    . DG  A 1 14 ? -1.908  6.618   2.572   1.00 90.66  ? 14  DG  A H21    1 
ATOM   444  H  H22    . DG  A 1 14 ? -0.630  6.255   3.246   1.00 90.66  ? 14  DG  A H22    1 
ATOM   445  P  P      . DA  A 1 15 ? -5.060  11.770  -2.296  1.00 102.88 ? 15  DA  A P      1 
ATOM   446  O  OP1    . DA  A 1 15 ? -6.512  11.936  -2.549  1.00 95.58  ? 15  DA  A OP1    1 
ATOM   447  O  OP2    . DA  A 1 15 ? -4.056  12.809  -2.659  1.00 78.67  ? 15  DA  A OP2    1 
ATOM   448  O  "O5'"  . DA  A 1 15 ? -4.914  11.421  -0.747  1.00 89.10  ? 15  DA  A "O5'"  1 
ATOM   449  C  "C5'"  . DA  A 1 15 ? -5.711  10.386  -0.211  1.00 84.78  ? 15  DA  A "C5'"  1 
ATOM   450  C  "C4'"  . DA  A 1 15 ? -5.673  10.404  1.299   1.00 92.64  ? 15  DA  A "C4'"  1 
ATOM   451  O  "O4'"  . DA  A 1 15 ? -4.410  9.852   1.770   1.00 91.70  ? 15  DA  A "O4'"  1 
ATOM   452  C  "C3'"  . DA  A 1 15 ? -5.789  11.797  1.901   1.00 89.92  ? 15  DA  A "C3'"  1 
ATOM   453  O  "O3'"  . DA  A 1 15 ? -6.652  11.777  3.028   1.00 87.23  ? 15  DA  A "O3'"  1 
ATOM   454  C  "C2'"  . DA  A 1 15 ? -4.349  12.158  2.255   1.00 97.38  ? 15  DA  A "C2'"  1 
ATOM   455  C  "C1'"  . DA  A 1 15 ? -3.718  10.803  2.560   1.00 92.50  ? 15  DA  A "C1'"  1 
ATOM   456  N  N9     . DA  A 1 15 ? -2.300  10.711  2.228   1.00 84.58  ? 15  DA  A N9     1 
ATOM   457  C  C8     . DA  A 1 15 ? -1.694  11.134  1.079   1.00 92.81  ? 15  DA  A C8     1 
ATOM   458  N  N7     . DA  A 1 15 ? -0.403  10.904  1.043   1.00 80.67  ? 15  DA  A N7     1 
ATOM   459  C  C5     . DA  A 1 15 ? -0.157  10.278  2.236   1.00 75.88  ? 15  DA  A C5     1 
ATOM   460  C  C6     . DA  A 1 15 ? 1.013   9.779   2.789   1.00 81.44  ? 15  DA  A C6     1 
ATOM   461  N  N6     . DA  A 1 15 ? 2.188   9.855   2.165   1.00 84.02  ? 15  DA  A N6     1 
ATOM   462  N  N1     . DA  A 1 15 ? 0.937   9.197   4.006   1.00 77.94  ? 15  DA  A N1     1 
ATOM   463  C  C2     . DA  A 1 15 ? -0.255  9.144   4.614   1.00 77.87  ? 15  DA  A C2     1 
ATOM   464  N  N3     . DA  A 1 15 ? -1.432  9.590   4.187   1.00 81.88  ? 15  DA  A N3     1 
ATOM   465  C  C4     . DA  A 1 15 ? -1.311  10.145  2.980   1.00 77.70  ? 15  DA  A C4     1 
ATOM   466  H  "H5'"  . DA  A 1 15 ? -5.380  9.531   -0.528  1.00 102.00 ? 15  DA  A "H5'"  1 
ATOM   467  H  "H5''" . DA  A 1 15 ? -6.627  10.500  -0.509  1.00 102.00 ? 15  DA  A "H5''" 1 
ATOM   468  H  "H4'"  . DA  A 1 15 ? -6.384  9.845   1.650   1.00 111.43 ? 15  DA  A "H4'"  1 
ATOM   469  H  "H3'"  . DA  A 1 15 ? -6.120  12.423  1.240   1.00 108.16 ? 15  DA  A "H3'"  1 
ATOM   470  H  "H2'"  . DA  A 1 15 ? -3.903  12.592  1.511   1.00 117.11 ? 15  DA  A "H2'"  1 
ATOM   471  H  "H2''" . DA  A 1 15 ? -4.314  12.743  3.028   1.00 117.11 ? 15  DA  A "H2''" 1 
ATOM   472  H  "H1'"  . DA  A 1 15 ? -3.840  10.608  3.502   1.00 111.25 ? 15  DA  A "H1'"  1 
ATOM   473  H  H8     . DA  A 1 15 ? -2.156  11.547  0.384   1.00 111.63 ? 15  DA  A H8     1 
ATOM   474  H  H61    . DA  A 1 15 ? 2.894   9.534   2.538   1.00 101.08 ? 15  DA  A H61    1 
ATOM   475  H  H62    . DA  A 1 15 ? 2.241   10.224  1.390   1.00 101.08 ? 15  DA  A H62    1 
ATOM   476  H  H2     . DA  A 1 15 ? -0.259  8.739   5.451   1.00 93.70  ? 15  DA  A H2     1 
ATOM   477  P  P      . DC  A 1 16 ? -6.994  13.143  3.787   1.00 97.52  ? 16  DC  A P      1 
ATOM   478  O  OP1    . DC  A 1 16 ? -8.239  12.919  4.565   1.00 82.03  ? 16  DC  A OP1    1 
ATOM   479  O  OP2    . DC  A 1 16 ? -6.828  14.243  2.799   1.00 79.86  ? 16  DC  A OP2    1 
ATOM   480  O  "O5'"  . DC  A 1 16 ? -5.800  13.287  4.821   1.00 86.60  ? 16  DC  A "O5'"  1 
ATOM   481  C  "C5'"  . DC  A 1 16 ? -5.507  12.219  5.677   1.00 85.15  ? 16  DC  A "C5'"  1 
ATOM   482  C  "C4'"  . DC  A 1 16 ? -4.298  12.536  6.519   1.00 96.85  ? 16  DC  A "C4'"  1 
ATOM   483  O  "O4'"  . DC  A 1 16 ? -3.084  12.293  5.753   1.00 91.30  ? 16  DC  A "O4'"  1 
ATOM   484  C  "C3'"  . DC  A 1 16 ? -4.215  13.996  6.981   1.00 95.40  ? 16  DC  A "C3'"  1 
ATOM   485  O  "O3'"  . DC  A 1 16 ? -4.042  14.061  8.398   1.00 96.95  ? 16  DC  A "O3'"  1 
ATOM   486  C  "C2'"  . DC  A 1 16 ? -3.011  14.543  6.206   1.00 87.40  ? 16  DC  A "C2'"  1 
ATOM   487  C  "C1'"  . DC  A 1 16 ? -2.162  13.298  6.072   1.00 80.07  ? 16  DC  A "C1'"  1 
ATOM   488  N  N1     . DC  A 1 16 ? -1.123  13.337  5.030   1.00 75.73  ? 16  DC  A N1     1 
ATOM   489  C  C2     . DC  A 1 16 ? 0.103   12.702  5.261   1.00 78.78  ? 16  DC  A C2     1 
ATOM   490  O  O2     . DC  A 1 16 ? 0.296   12.143  6.339   1.00 79.95  ? 16  DC  A O2     1 
ATOM   491  N  N3     . DC  A 1 16 ? 1.049   12.728  4.298   1.00 76.79  ? 16  DC  A N3     1 
ATOM   492  C  C4     . DC  A 1 16 ? 0.797   13.344  3.148   1.00 87.84  ? 16  DC  A C4     1 
ATOM   493  N  N4     . DC  A 1 16 ? 1.755   13.349  2.221   1.00 88.92  ? 16  DC  A N4     1 
ATOM   494  C  C5     . DC  A 1 16 ? -0.449  13.988  2.893   1.00 92.74  ? 16  DC  A C5     1 
ATOM   495  C  C6     . DC  A 1 16 ? -1.371  13.951  3.855   1.00 82.28  ? 16  DC  A C6     1 
ATOM   496  H  "H5'"  . DC  A 1 16 ? -5.334  11.423  5.150   1.00 102.44 ? 16  DC  A "H5'"  1 
ATOM   497  H  "H5''" . DC  A 1 16 ? -6.269  12.054  6.255   1.00 102.44 ? 16  DC  A "H5''" 1 
ATOM   498  H  "H4'"  . DC  A 1 16 ? -4.287  11.954  7.295   1.00 116.48 ? 16  DC  A "H4'"  1 
ATOM   499  H  "H3'"  . DC  A 1 16 ? -5.014  14.482  6.720   1.00 114.74 ? 16  DC  A "H3'"  1 
ATOM   500  H  "H2'"  . DC  A 1 16 ? -3.272  14.893  5.340   1.00 105.14 ? 16  DC  A "H2'"  1 
ATOM   501  H  "H2''" . DC  A 1 16 ? -2.552  15.238  6.703   1.00 105.14 ? 16  DC  A "H2''" 1 
ATOM   502  H  "H1'"  . DC  A 1 16 ? -1.711  13.119  6.913   1.00 96.35  ? 16  DC  A "H1'"  1 
ATOM   503  H  H41    . DC  A 1 16 ? 1.620   13.740  1.467   1.00 106.96 ? 16  DC  A H41    1 
ATOM   504  H  H42    . DC  A 1 16 ? 2.507   12.962  2.377   1.00 106.96 ? 16  DC  A H42    1 
ATOM   505  H  H5     . DC  A 1 16 ? -0.612  14.419  2.085   1.00 111.55 ? 16  DC  A H5     1 
ATOM   506  H  H6     . DC  A 1 16 ? -2.197  14.356  3.713   1.00 99.00  ? 16  DC  A H6     1 
ATOM   507  P  P      . DA  A 1 17 ? -4.112  15.471  9.163   1.00 109.74 ? 17  DA  A P      1 
ATOM   508  O  OP1    . DA  A 1 17 ? -5.548  15.842  9.203   1.00 94.86  ? 17  DA  A OP1    1 
ATOM   509  O  OP2    . DA  A 1 17 ? -3.108  16.384  8.555   1.00 91.88  ? 17  DA  A OP2    1 
ATOM   510  O  "O5'"  . DA  A 1 17 ? -3.621  15.144  10.659  1.00 107.01 ? 17  DA  A "O5'"  1 
ATOM   511  C  "C5'"  . DA  A 1 17 ? -2.830  13.976  10.951  1.00 101.93 ? 17  DA  A "C5'"  1 
ATOM   512  C  "C4'"  . DA  A 1 17 ? -1.339  14.301  11.060  1.00 103.20 ? 17  DA  A "C4'"  1 
ATOM   513  O  "O4'"  . DA  A 1 17 ? -0.741  14.184  9.764   1.00 93.20  ? 17  DA  A "O4'"  1 
ATOM   514  C  "C3'"  . DA  A 1 17 ? -0.986  15.714  11.547  1.00 115.52 ? 17  DA  A "C3'"  1 
ATOM   515  O  "O3'"  . DA  A 1 17 ? -0.718  15.707  13.004  1.00 124.25 ? 17  DA  A "O3'"  1 
ATOM   516  C  "C2'"  . DA  A 1 17 ? 0.222   16.125  10.670  1.00 107.06 ? 17  DA  A "C2'"  1 
ATOM   517  C  "C1'"  . DA  A 1 17 ? 0.431   14.947  9.728   1.00 90.45  ? 17  DA  A "C1'"  1 
ATOM   518  N  N9     . DA  A 1 17 ? 0.650   15.330  8.352   1.00 91.67  ? 17  DA  A N9     1 
ATOM   519  C  C8     . DA  A 1 17 ? -0.198  16.055  7.565   1.00 97.88  ? 17  DA  A C8     1 
ATOM   520  N  N7     . DA  A 1 17 ? 0.240   16.235  6.343   1.00 96.12  ? 17  DA  A N7     1 
ATOM   521  C  C5     . DA  A 1 17 ? 1.456   15.578  6.329   1.00 89.46  ? 17  DA  A C5     1 
ATOM   522  C  C6     . DA  A 1 17 ? 2.413   15.400  5.321   1.00 89.85  ? 17  DA  A C6     1 
ATOM   523  N  N6     . DA  A 1 17 ? 2.274   15.906  4.096   1.00 95.10  ? 17  DA  A N6     1 
ATOM   524  N  N1     . DA  A 1 17 ? 3.526   14.693  5.624   1.00 83.69  ? 17  DA  A N1     1 
ATOM   525  C  C2     . DA  A 1 17 ? 3.654   14.198  6.861   1.00 84.99  ? 17  DA  A C2     1 
ATOM   526  N  N3     . DA  A 1 17 ? 2.813   14.300  7.895   1.00 91.39  ? 17  DA  A N3     1 
ATOM   527  C  C4     . DA  A 1 17 ? 1.725   15.010  7.557   1.00 89.94  ? 17  DA  A C4     1 
ATOM   528  H  "H5'"  . DA  A 1 17 ? -2.959  13.325  10.244  1.00 122.57 ? 17  DA  A "H5'"  1 
ATOM   529  H  "H5''" . DA  A 1 17 ? -3.131  13.596  11.791  1.00 122.57 ? 17  DA  A "H5''" 1 
ATOM   530  H  "H4'"  . DA  A 1 17 ? -0.931  13.666  11.668  1.00 124.09 ? 17  DA  A "H4'"  1 
ATOM   531  H  "H3'"  . DA  A 1 17 ? -1.710  16.330  11.357  1.00 138.89 ? 17  DA  A "H3'"  1 
ATOM   532  H  "H2'"  . DA  A 1 17 ? 0.027   16.934  10.171  1.00 128.73 ? 17  DA  A "H2'"  1 
ATOM   533  H  "H2''" . DA  A 1 17 ? 1.010   16.273  11.216  1.00 128.73 ? 17  DA  A "H2''" 1 
ATOM   534  H  "H1'"  . DA  A 1 17 ? 1.180   14.421  10.051  1.00 108.80 ? 17  DA  A "H1'"  1 
ATOM   535  H  H8     . DA  A 1 17 ? -1.012  16.388  7.868   1.00 117.71 ? 17  DA  A H8     1 
ATOM   536  H  H61    . DA  A 1 17 ? 2.888   15.781  3.507   1.00 114.38 ? 17  DA  A H61    1 
ATOM   537  H  H62    . DA  A 1 17 ? 1.570   16.357  3.895   1.00 114.38 ? 17  DA  A H62    1 
ATOM   538  H  H2     . DA  A 1 17 ? 4.434   13.719  7.024   1.00 102.25 ? 17  DA  A H2     1 
ATOM   539  P  P      . DA  A 1 18 ? 0.679   16.193  13.650  1.00 126.62 ? 18  DA  A P      1 
ATOM   540  O  OP1    . DA  A 1 18 ? 0.549   15.997  15.115  1.00 106.96 ? 18  DA  A OP1    1 
ATOM   541  O  OP2    . DA  A 1 18 ? 1.013   17.537  13.109  1.00 111.88 ? 18  DA  A OP2    1 
ATOM   542  O  "O5'"  . DA  A 1 18 ? 1.752   15.148  13.073  1.00 98.95  ? 18  DA  A "O5'"  1 
ATOM   543  C  "C5'"  . DA  A 1 18 ? 3.000   14.965  13.723  1.00 90.17  ? 18  DA  A "C5'"  1 
ATOM   544  C  "C4'"  . DA  A 1 18 ? 4.145   15.573  12.920  1.00 99.53  ? 18  DA  A "C4'"  1 
ATOM   545  O  "O4'"  . DA  A 1 18 ? 3.769   15.701  11.529  1.00 108.34 ? 18  DA  A "O4'"  1 
ATOM   546  C  "C3'"  . DA  A 1 18 ? 4.544   16.984  13.342  1.00 107.78 ? 18  DA  A "C3'"  1 
ATOM   547  O  "O3'"  . DA  A 1 18 ? 5.612   16.961  14.338  1.00 103.14 ? 18  DA  A "O3'"  1 
ATOM   548  C  "C2'"  . DA  A 1 18 ? 4.942   17.677  12.022  1.00 110.85 ? 18  DA  A "C2'"  1 
ATOM   549  C  "C1'"  . DA  A 1 18 ? 4.641   16.641  10.937  1.00 105.31 ? 18  DA  A "C1'"  1 
ATOM   550  N  N9     . DA  A 1 18 ? 4.018   17.219  9.736   1.00 100.11 ? 18  DA  A N9     1 
ATOM   551  C  C8     . DA  A 1 18 ? 2.806   17.839  9.654   1.00 98.41  ? 18  DA  A C8     1 
ATOM   552  N  N7     . DA  A 1 18 ? 2.511   18.269  8.449   1.00 92.86  ? 18  DA  A N7     1 
ATOM   553  C  C5     . DA  A 1 18 ? 3.610   17.914  7.690   1.00 88.07  ? 18  DA  A C5     1 
ATOM   554  C  C6     . DA  A 1 18 ? 3.918   18.092  6.326   1.00 99.27  ? 18  DA  A C6     1 
ATOM   555  N  N6     . DA  A 1 18 ? 3.099   18.695  5.459   1.00 111.07 ? 18  DA  A N6     1 
ATOM   556  N  N1     . DA  A 1 18 ? 5.097   17.616  5.883   1.00 90.71  ? 18  DA  A N1     1 
ATOM   557  C  C2     . DA  A 1 18 ? 5.913   17.012  6.754   1.00 91.47  ? 18  DA  A C2     1 
ATOM   558  N  N3     . DA  A 1 18 ? 5.736   16.792  8.058   1.00 89.60  ? 18  DA  A N3     1 
ATOM   559  C  C4     . DA  A 1 18 ? 4.553   17.273  8.466   1.00 88.23  ? 18  DA  A C4     1 
ATOM   560  H  "H5'"  . DA  A 1 18 ? 3.162   14.016  13.837  1.00 108.46 ? 18  DA  A "H5'"  1 
ATOM   561  H  "H5''" . DA  A 1 18 ? 2.968   15.386  14.597  1.00 108.46 ? 18  DA  A "H5''" 1 
ATOM   562  H  "H4'"  . DA  A 1 18 ? 4.909   14.979  12.986  1.00 119.70 ? 18  DA  A "H4'"  1 
ATOM   563  H  "H3'"  . DA  A 1 18 ? 3.771   17.441  13.710  1.00 129.60 ? 18  DA  A "H3'"  1 
ATOM   564  H  "H2'"  . DA  A 1 18 ? 4.420   18.483  11.883  1.00 133.28 ? 18  DA  A "H2'"  1 
ATOM   565  H  "H2''" . DA  A 1 18 ? 5.885   17.908  12.025  1.00 133.28 ? 18  DA  A "H2''" 1 
ATOM   566  H  "H1'"  . DA  A 1 18 ? 5.454   16.185  10.670  1.00 126.63 ? 18  DA  A "H1'"  1 
ATOM   567  H  H8     . DA  A 1 18 ? 2.240   17.949  10.384  1.00 118.35 ? 18  DA  A H8     1 
ATOM   568  H  H61    . DA  A 1 18 ? 3.329   18.774  4.634   1.00 133.55 ? 18  DA  A H61    1 
ATOM   569  H  H62    . DA  A 1 18 ? 2.343   19.005  5.726   1.00 133.55 ? 18  DA  A H62    1 
ATOM   570  H  H2     . DA  A 1 18 ? 6.715   16.701  6.401   1.00 110.03 ? 18  DA  A H2     1 
ATOM   571  P  P      . DT  A 1 19 ? 7.158   16.739  13.939  1.00 104.67 ? 19  DT  A P      1 
ATOM   572  O  OP1    . DT  A 1 19 ? 7.249   16.032  12.642  1.00 112.89 ? 19  DT  A OP1    1 
ATOM   573  O  OP2    . DT  A 1 19 ? 7.836   16.190  15.129  1.00 98.08  ? 19  DT  A OP2    1 
ATOM   574  O  "O5'"  . DT  A 1 19 ? 7.727   18.211  13.734  1.00 105.76 ? 19  DT  A "O5'"  1 
ATOM   575  C  "C5'"  . DT  A 1 19 ? 9.117   18.400  13.532  1.00 103.97 ? 19  DT  A "C5'"  1 
ATOM   576  C  "C4'"  . DT  A 1 19 ? 9.490   18.238  12.069  1.00 99.06  ? 19  DT  A "C4'"  1 
ATOM   577  O  "O4'"  . DT  A 1 19 ? 8.321   18.398  11.250  1.00 99.34  ? 19  DT  A "O4'"  1 
ATOM   578  C  "C3'"  . DT  A 1 19 ? 10.452  19.293  11.547  1.00 105.79 ? 19  DT  A "C3'"  1 
ATOM   579  O  "O3'"  . DT  A 1 19 ? 11.794  18.903  11.712  1.00 91.01  ? 19  DT  A "O3'"  1 
ATOM   580  C  "C2'"  . DT  A 1 19 ? 10.079  19.460  10.076  1.00 100.00 ? 19  DT  A "C2'"  1 
ATOM   581  C  "C1'"  . DT  A 1 19 ? 8.734   18.763  9.952   1.00 95.49  ? 19  DT  A "C1'"  1 
ATOM   582  N  N1     . DT  A 1 19 ? 7.676   19.589  9.312   1.00 94.23  ? 19  DT  A N1     1 
ATOM   583  C  C2     . DT  A 1 19 ? 7.768   19.819  7.969   1.00 103.43 ? 19  DT  A C2     1 
ATOM   584  O  O2     . DT  A 1 19 ? 8.695   19.413  7.295   1.00 104.97 ? 19  DT  A O2     1 
ATOM   585  N  N3     . DT  A 1 19 ? 6.741   20.555  7.434   1.00 102.74 ? 19  DT  A N3     1 
ATOM   586  C  C4     . DT  A 1 19 ? 5.647   21.063  8.103   1.00 100.59 ? 19  DT  A C4     1 
ATOM   587  O  O4     . DT  A 1 19 ? 4.772   21.710  7.536   1.00 98.51  ? 19  DT  A O4     1 
ATOM   588  C  C5     . DT  A 1 19 ? 5.603   20.781  9.514   1.00 94.49  ? 19  DT  A C5     1 
ATOM   589  C  C7     . DT  A 1 19 ? 4.455   21.288  10.334  1.00 94.75  ? 19  DT  A C7     1 
ATOM   590  C  C6     . DT  A 1 19 ? 6.608   20.059  10.050  1.00 91.71  ? 19  DT  A C6     1 
ATOM   591  H  "H5'"  . DT  A 1 19 ? 9.606   17.749  14.058  1.00 125.02 ? 19  DT  A "H5'"  1 
ATOM   592  H  "H5''" . DT  A 1 19 ? 9.362   19.292  13.825  1.00 125.02 ? 19  DT  A "H5''" 1 
ATOM   593  H  "H4'"  . DT  A 1 19 ? 9.858   17.350  11.938  1.00 119.13 ? 19  DT  A "H4'"  1 
ATOM   594  H  "H3'"  . DT  A 1 19 ? 10.284  20.121  12.023  1.00 127.21 ? 19  DT  A "H3'"  1 
ATOM   595  H  "H2'"  . DT  A 1 19 ? 10.005  20.398  9.841   1.00 120.26 ? 19  DT  A "H2'"  1 
ATOM   596  H  "H2''" . DT  A 1 19 ? 10.740  19.042  9.500   1.00 120.26 ? 19  DT  A "H2''" 1 
ATOM   597  H  "H1'"  . DT  A 1 19 ? 8.856   17.952  9.434   1.00 114.85 ? 19  DT  A "H1'"  1 
ATOM   598  H  H3     . DT  A 1 19 ? 6.784   20.716  6.590   1.00 123.55 ? 19  DT  A H3     1 
ATOM   599  H  H71    . DT  A 1 19 ? 4.086   20.554  10.848  1.00 113.96 ? 19  DT  A H71    1 
ATOM   600  H  H72    . DT  A 1 19 ? 4.776   21.983  10.930  1.00 113.96 ? 19  DT  A H72    1 
ATOM   601  H  H73    . DT  A 1 19 ? 3.778   21.649  9.740   1.00 113.96 ? 19  DT  A H73    1 
ATOM   602  H  H6     . DT  A 1 19 ? 6.581   19.871  10.962  1.00 110.31 ? 19  DT  A H6     1 
ATOM   603  P  P      . DT  A 1 20 ? 12.851  20.015  12.168  1.00 120.86 ? 20  DT  A P      1 
ATOM   604  O  OP1    . DT  A 1 20 ? 13.265  19.671  13.552  1.00 121.51 ? 20  DT  A OP1    1 
ATOM   605  O  OP2    . DT  A 1 20 ? 12.217  21.324  11.889  1.00 114.27 ? 20  DT  A OP2    1 
ATOM   606  O  "O5'"  . DT  A 1 20 ? 14.063  19.884  11.125  1.00 103.41 ? 20  DT  A "O5'"  1 
ATOM   607  C  "C5'"  . DT  A 1 20 ? 13.809  19.533  9.770   1.00 107.81 ? 20  DT  A "C5'"  1 
ATOM   608  C  "C4'"  . DT  A 1 20 ? 13.798  20.744  8.822   1.00 111.24 ? 20  DT  A "C4'"  1 
ATOM   609  O  "O4'"  . DT  A 1 20 ? 12.439  21.020  8.430   1.00 108.41 ? 20  DT  A "O4'"  1 
ATOM   610  C  "C3'"  . DT  A 1 20 ? 14.320  22.084  9.373   1.00 112.53 ? 20  DT  A "C3'"  1 
ATOM   611  O  "O3'"  . DT  A 1 20 ? 15.755  22.299  9.049   1.00 128.64 ? 20  DT  A "O3'"  1 
ATOM   612  C  "C2'"  . DT  A 1 20 ? 13.391  23.135  8.728   1.00 114.44 ? 20  DT  A "C2'"  1 
ATOM   613  C  "C1'"  . DT  A 1 20 ? 12.403  22.310  7.898   1.00 102.10 ? 20  DT  A "C1'"  1 
ATOM   614  N  N1     . DT  A 1 20 ? 10.987  22.811  7.927   1.00 103.94 ? 20  DT  A N1     1 
ATOM   615  C  C2     . DT  A 1 20 ? 10.356  23.061  6.735   1.00 110.31 ? 20  DT  A C2     1 
ATOM   616  O  O2     . DT  A 1 20 ? 10.892  22.893  5.652   1.00 106.31 ? 20  DT  A O2     1 
ATOM   617  N  N3     . DT  A 1 20 ? 9.064   23.518  6.852   1.00 112.13 ? 20  DT  A N3     1 
ATOM   618  C  C4     . DT  A 1 20 ? 8.358   23.743  8.024   1.00 101.40 ? 20  DT  A C4     1 
ATOM   619  O  O4     . DT  A 1 20 ? 7.204   24.152  8.037   1.00 99.71  ? 20  DT  A O4     1 
ATOM   620  C  C5     . DT  A 1 20 ? 9.073   23.462  9.235   1.00 98.52  ? 20  DT  A C5     1 
ATOM   621  C  C7     . DT  A 1 20 ? 8.396   23.673  10.554  1.00 107.53 ? 20  DT  A C7     1 
ATOM   622  C  C6     . DT  A 1 20 ? 10.342  23.014  9.138   1.00 97.61  ? 20  DT  A C6     1 
ATOM   623  H  "H5'"  . DT  A 1 20 ? 12.947  19.093  9.720   1.00 129.63 ? 20  DT  A "H5'"  1 
ATOM   624  H  "H5''" . DT  A 1 20 ? 14.497  18.916  9.475   1.00 129.63 ? 20  DT  A "H5''" 1 
ATOM   625  H  "H4'"  . DT  A 1 20 ? 14.340  20.512  8.051   1.00 133.75 ? 20  DT  A "H4'"  1 
ATOM   626  H  "H3'"  . DT  A 1 20 ? 14.205  22.096  10.336  1.00 135.30 ? 20  DT  A "H3'"  1 
ATOM   627  H  "H2'"  . DT  A 1 20 ? 12.928  23.649  9.407   1.00 137.58 ? 20  DT  A "H2'"  1 
ATOM   628  H  "H2''" . DT  A 1 20 ? 13.896  23.741  8.163   1.00 137.58 ? 20  DT  A "H2''" 1 
ATOM   629  H  "H1'"  . DT  A 1 20 ? 12.700  22.293  6.975   1.00 122.77 ? 20  DT  A "H1'"  1 
ATOM   630  H  H3     . DT  A 1 20 ? 8.648   23.683  6.118   1.00 134.81 ? 20  DT  A H3     1 
ATOM   631  H  H71    . DT  A 1 20 ? 8.294   22.816  10.997  1.00 129.29 ? 20  DT  A H71    1 
ATOM   632  H  H72    . DT  A 1 20 ? 7.525   24.071  10.401  1.00 129.29 ? 20  DT  A H72    1 
ATOM   633  H  H73    . DT  A 1 20 ? 8.939   24.263  11.097  1.00 129.29 ? 20  DT  A H73    1 
ATOM   634  H  H6     . DT  A 1 20 ? 10.806  22.831  9.922   1.00 117.39 ? 20  DT  A H6     1 
ATOM   635  P  P      . DA  A 1 21 ? 16.273  22.706  7.569   1.00 126.60 ? 21  DA  A P      1 
ATOM   636  O  OP1    . DA  A 1 21 ? 15.324  22.169  6.576   1.00 117.97 ? 21  DA  A OP1    1 
ATOM   637  O  OP2    . DA  A 1 21 ? 17.718  22.388  7.464   1.00 108.90 ? 21  DA  A OP2    1 
ATOM   638  O  "O5'"  . DA  A 1 21 ? 16.180  24.299  7.536   1.00 126.63 ? 21  DA  A "O5'"  1 
ATOM   639  C  "C5'"  . DA  A 1 21 ? 16.690  25.012  6.407   1.00 125.40 ? 21  DA  A "C5'"  1 
ATOM   640  C  "C4'"  . DA  A 1 21 ? 15.687  25.006  5.269   1.00 108.19 ? 21  DA  A "C4'"  1 
ATOM   641  O  "O4'"  . DA  A 1 21 ? 14.343  25.006  5.820   1.00 118.70 ? 21  DA  A "O4'"  1 
ATOM   642  C  "C3'"  . DA  A 1 21 ? 15.755  26.213  4.336   1.00 122.50 ? 21  DA  A "C3'"  1 
ATOM   643  O  "O3'"  . DA  A 1 21 ? 15.641  25.791  2.973   1.00 114.35 ? 21  DA  A "O3'"  1 
ATOM   644  C  "C2'"  . DA  A 1 21 ? 14.576  27.082  4.792   1.00 123.30 ? 21  DA  A "C2'"  1 
ATOM   645  C  "C1'"  . DA  A 1 21 ? 13.576  26.030  5.225   1.00 116.13 ? 21  DA  A "C1'"  1 
ATOM   646  N  N9     . DA  A 1 21 ? 12.561  26.459  6.192   1.00 112.90 ? 21  DA  A N9     1 
ATOM   647  C  C8     . DA  A 1 21 ? 12.653  26.429  7.560   1.00 110.40 ? 21  DA  A C8     1 
ATOM   648  N  N7     . DA  A 1 21 ? 11.563  26.824  8.174   1.00 105.69 ? 21  DA  A N7     1 
ATOM   649  C  C5     . DA  A 1 21 ? 10.690  27.112  7.142   1.00 112.13 ? 21  DA  A C5     1 
ATOM   650  C  C6     . DA  A 1 21 ? 9.363   27.579  7.127   1.00 122.95 ? 21  DA  A C6     1 
ATOM   651  N  N6     . DA  A 1 21 ? 8.668   27.849  8.239   1.00 129.50 ? 21  DA  A N6     1 
ATOM   652  N  N1     . DA  A 1 21 ? 8.779   27.768  5.924   1.00 118.11 ? 21  DA  A N1     1 
ATOM   653  C  C2     . DA  A 1 21 ? 9.483   27.503  4.817   1.00 117.64 ? 21  DA  A C2     1 
ATOM   654  N  N3     . DA  A 1 21 ? 10.732  27.057  4.705   1.00 118.53 ? 21  DA  A N3     1 
ATOM   655  C  C4     . DA  A 1 21 ? 11.285  26.883  5.914   1.00 112.76 ? 21  DA  A C4     1 
ATOM   656  H  "H5'"  . DA  A 1 21 ? 17.513  24.593  6.109   1.00 150.75 ? 21  DA  A "H5'"  1 
ATOM   657  H  "H5''" . DA  A 1 21 ? 16.876  25.927  6.663   1.00 150.75 ? 21  DA  A "H5''" 1 
ATOM   658  H  "H4'"  . DA  A 1 21 ? 15.811  24.203  4.739   1.00 130.09 ? 21  DA  A "H4'"  1 
ATOM   659  H  "H3'"  . DA  A 1 21 ? 16.583  26.701  4.467   1.00 147.26 ? 21  DA  A "H3'"  1 
ATOM   660  H  "HO3'" . DA  A 1 21 ? 14.999  26.060  2.502   1.00 137.47 ? 21  DA  A "HO3'" 1 
ATOM   661  H  "H2'"  . DA  A 1 21 ? 14.823  27.663  5.529   1.00 148.22 ? 21  DA  A "H2'"  1 
ATOM   662  H  "H2''" . DA  A 1 21 ? 14.229  27.625  4.066   1.00 148.22 ? 21  DA  A "H2''" 1 
ATOM   663  H  "H1'"  . DA  A 1 21 ? 13.112  25.711  4.434   1.00 139.62 ? 21  DA  A "H1'"  1 
ATOM   664  H  H8     . DA  A 1 21 ? 13.418  26.153  8.010   1.00 132.75 ? 21  DA  A H8     1 
ATOM   665  H  H61    . DA  A 1 21 ? 7.860   28.140  8.180   1.00 155.65 ? 21  DA  A H61    1 
ATOM   666  H  H62    . DA  A 1 21 ? 9.028   27.734  9.010   1.00 155.65 ? 21  DA  A H62    1 
ATOM   667  H  H2     . DA  A 1 21 ? 9.037   27.650  4.014   1.00 141.43 ? 21  DA  A H2     1 
ATOM   668  P  P      . DC  B 2 1  ? 2.764   0.243   9.322   1.00 75.63  ? 1   DC  B P      1 
ATOM   669  O  OP1    . DC  B 2 1  ? 3.782   0.461   10.366  1.00 55.64  ? 1   DC  B OP1    1 
ATOM   670  O  OP2    . DC  B 2 1  ? 3.208   -0.322  8.029   1.00 80.97  ? 1   DC  B OP2    1 
ATOM   671  O  "O5'"  . DC  B 2 1  ? 2.172   1.670   8.941   1.00 64.89  ? 1   DC  B "O5'"  1 
ATOM   672  C  "C5'"  . DC  B 2 1  ? 1.488   2.439   9.920   1.00 77.36  ? 1   DC  B "C5'"  1 
ATOM   673  C  "C4'"  . DC  B 2 1  ? 0.437   3.336   9.277   1.00 70.96  ? 1   DC  B "C4'"  1 
ATOM   674  O  "O4'"  . DC  B 2 1  ? 1.083   4.352   8.490   1.00 67.77  ? 1   DC  B "O4'"  1 
ATOM   675  C  "C3'"  . DC  B 2 1  ? -0.489  2.637   8.314   1.00 67.20  ? 1   DC  B "C3'"  1 
ATOM   676  O  "O3'"  . DC  B 2 1  ? -1.575  2.076   8.997   1.00 72.19  ? 1   DC  B "O3'"  1 
ATOM   677  C  "C2'"  . DC  B 2 1  ? -0.910  3.745   7.365   1.00 65.61  ? 1   DC  B "C2'"  1 
ATOM   678  C  "C1'"  . DC  B 2 1  ? 0.276   4.698   7.390   1.00 62.95  ? 1   DC  B "C1'"  1 
ATOM   679  N  N1     . DC  B 2 1  ? 1.110   4.650   6.193   1.00 54.24  ? 1   DC  B N1     1 
ATOM   680  C  C2     . DC  B 2 1  ? 0.617   5.133   4.999   1.00 66.10  ? 1   DC  B C2     1 
ATOM   681  O  O2     . DC  B 2 1  ? -0.538  5.572   4.961   1.00 71.00  ? 1   DC  B O2     1 
ATOM   682  N  N3     . DC  B 2 1  ? 1.407   5.098   3.901   1.00 71.37  ? 1   DC  B N3     1 
ATOM   683  C  C4     . DC  B 2 1  ? 2.636   4.609   3.986   1.00 55.77  ? 1   DC  B C4     1 
ATOM   684  N  N4     . DC  B 2 1  ? 3.377   4.597   2.879   1.00 61.87  ? 1   DC  B N4     1 
ATOM   685  C  C5     . DC  B 2 1  ? 3.156   4.119   5.203   1.00 58.33  ? 1   DC  B C5     1 
ATOM   686  C  C6     . DC  B 2 1  ? 2.367   4.160   6.273   1.00 60.97  ? 1   DC  B C6     1 
ATOM   687  H  "H5'"  . DC  B 2 1  ? 2.128   2.989   10.397  1.00 93.09  ? 1   DC  B "H5'"  1 
ATOM   688  H  "H5''" . DC  B 2 1  ? 1.055   1.841   10.549  1.00 93.09  ? 1   DC  B "H5''" 1 
ATOM   689  H  "H4'"  . DC  B 2 1  ? -0.083  3.758   9.979   1.00 85.41  ? 1   DC  B "H4'"  1 
ATOM   690  H  "H3'"  . DC  B 2 1  ? -0.007  1.951   7.826   1.00 80.90  ? 1   DC  B "H3'"  1 
ATOM   691  H  "H2'"  . DC  B 2 1  ? -1.062  3.400   6.472   1.00 79.00  ? 1   DC  B "H2'"  1 
ATOM   692  H  "H2''" . DC  B 2 1  ? -1.717  4.183   7.676   1.00 79.00  ? 1   DC  B "H2''" 1 
ATOM   693  H  "H1'"  . DC  B 2 1  ? -0.069  5.596   7.516   1.00 75.80  ? 1   DC  B "H1'"  1 
ATOM   694  H  H41    . DC  B 2 1  ? 4.178   4.286   2.902   1.00 74.50  ? 1   DC  B H41    1 
ATOM   695  H  H42    . DC  B 2 1  ? 3.054   4.900   2.142   1.00 74.50  ? 1   DC  B H42    1 
ATOM   696  H  H5     . DC  B 2 1  ? 4.020   3.779   5.255   1.00 70.25  ? 1   DC  B H5     1 
ATOM   697  H  H6     . DC  B 2 1  ? 2.685   3.848   7.089   1.00 73.42  ? 1   DC  B H6     1 
ATOM   698  P  P      . DG  B 2 2  ? -2.285  0.771   8.396   1.00 87.82  ? 2   DG  B P      1 
ATOM   699  O  OP1    . DG  B 2 2  ? -3.263  0.298   9.407   1.00 76.17  ? 2   DG  B OP1    1 
ATOM   700  O  OP2    . DG  B 2 2  ? -1.239  -0.148  7.869   1.00 73.80  ? 2   DG  B OP2    1 
ATOM   701  O  "O5'"  . DG  B 2 2  ? -3.041  1.345   7.122   1.00 72.58  ? 2   DG  B "O5'"  1 
ATOM   702  C  "C5'"  . DG  B 2 2  ? -4.020  2.345   7.280   1.00 80.40  ? 2   DG  B "C5'"  1 
ATOM   703  C  "C4'"  . DG  B 2 2  ? -4.565  2.734   5.928   1.00 87.24  ? 2   DG  B "C4'"  1 
ATOM   704  O  "O4'"  . DG  B 2 2  ? -3.473  3.280   5.141   1.00 78.61  ? 2   DG  B "O4'"  1 
ATOM   705  C  "C3'"  . DG  B 2 2  ? -5.138  1.560   5.130   1.00 89.09  ? 2   DG  B "C3'"  1 
ATOM   706  O  "O3'"  . DG  B 2 2  ? -6.362  1.888   4.505   1.00 100.41 ? 2   DG  B "O3'"  1 
ATOM   707  C  "C2'"  . DG  B 2 2  ? -4.058  1.244   4.117   1.00 94.42  ? 2   DG  B "C2'"  1 
ATOM   708  C  "C1'"  . DG  B 2 2  ? -3.315  2.552   3.953   1.00 74.17  ? 2   DG  B "C1'"  1 
ATOM   709  N  N9     . DG  B 2 2  ? -1.912  2.320   3.700   1.00 69.31  ? 2   DG  B N9     1 
ATOM   710  C  C8     . DG  B 2 2  ? -1.038  1.609   4.473   1.00 75.25  ? 2   DG  B C8     1 
ATOM   711  N  N7     . DG  B 2 2  ? 0.155   1.520   3.953   1.00 71.96  ? 2   DG  B N7     1 
ATOM   712  C  C5     . DG  B 2 2  ? 0.041   2.193   2.756   1.00 58.93  ? 2   DG  B C5     1 
ATOM   713  C  C6     . DG  B 2 2  ? 1.003   2.433   1.770   1.00 78.70  ? 2   DG  B C6     1 
ATOM   714  O  O6     . DG  B 2 2  ? 2.192   2.071   1.761   1.00 93.19  ? 2   DG  B O6     1 
ATOM   715  N  N1     . DG  B 2 2  ? 0.476   3.172   0.709   1.00 72.06  ? 2   DG  B N1     1 
ATOM   716  C  C2     . DG  B 2 2  ? -0.825  3.609   0.637   1.00 70.48  ? 2   DG  B C2     1 
ATOM   717  N  N2     . DG  B 2 2  ? -1.172  4.302   -0.445  1.00 72.52  ? 2   DG  B N2     1 
ATOM   718  N  N3     . DG  B 2 2  ? -1.728  3.383   1.562   1.00 68.01  ? 2   DG  B N3     1 
ATOM   719  C  C4     . DG  B 2 2  ? -1.227  2.674   2.584   1.00 64.99  ? 2   DG  B C4     1 
ATOM   720  H  "H5'"  . DG  B 2 2  ? -3.627  3.122   7.708   1.00 96.75  ? 2   DG  B "H5'"  1 
ATOM   721  H  "H5''" . DG  B 2 2  ? -4.741  2.010   7.837   1.00 96.75  ? 2   DG  B "H5''" 1 
ATOM   722  H  "H4'"  . DG  B 2 2  ? -5.254  3.411   6.014   1.00 104.95 ? 2   DG  B "H4'"  1 
ATOM   723  H  "H3'"  . DG  B 2 2  ? -5.263  0.812   5.734   1.00 107.16 ? 2   DG  B "H3'"  1 
ATOM   724  H  "H2'"  . DG  B 2 2  ? -3.468  0.548   4.444   1.00 113.57 ? 2   DG  B "H2'"  1 
ATOM   725  H  "H2''" . DG  B 2 2  ? -4.447  0.958   3.275   1.00 113.57 ? 2   DG  B "H2''" 1 
ATOM   726  H  "H1'"  . DG  B 2 2  ? -3.705  3.087   3.244   1.00 89.26  ? 2   DG  B "H1'"  1 
ATOM   727  H  H8     . DG  B 2 2  ? -1.270  1.228   5.290   1.00 90.56  ? 2   DG  B H8     1 
ATOM   728  H  H1     . DG  B 2 2  ? 1.001   3.368   0.056   1.00 86.73  ? 2   DG  B H1     1 
ATOM   729  H  H21    . DG  B 2 2  ? -0.590  4.457   -1.060  1.00 87.29  ? 2   DG  B H21    1 
ATOM   730  H  H22    . DG  B 2 2  ? -1.977  4.592   -0.531  1.00 87.29  ? 2   DG  B H22    1 
ATOM   731  P  P      . DT  B 2 3  ? -7.121  0.778   3.617   1.00 115.86 ? 3   DT  B P      1 
ATOM   732  O  OP1    . DT  B 2 3  ? -8.553  0.924   3.976   1.00 107.82 ? 3   DT  B OP1    1 
ATOM   733  O  OP2    . DT  B 2 3  ? -6.397  -0.522  3.736   1.00 79.39  ? 3   DT  B OP2    1 
ATOM   734  O  "O5'"  . DT  B 2 3  ? -6.875  1.242   2.096   1.00 96.00  ? 3   DT  B "O5'"  1 
ATOM   735  C  "C5'"  . DT  B 2 3  ? -6.573  2.600   1.794   1.00 94.42  ? 3   DT  B "C5'"  1 
ATOM   736  C  "C4'"  . DT  B 2 3  ? -6.583  2.849   0.291   1.00 96.04  ? 3   DT  B "C4'"  1 
ATOM   737  O  "O4'"  . DT  B 2 3  ? -5.217  2.844   -0.212  1.00 93.63  ? 3   DT  B "O4'"  1 
ATOM   738  C  "C3'"  . DT  B 2 3  ? -7.345  1.823   -0.543  1.00 76.84  ? 3   DT  B "C3'"  1 
ATOM   739  O  "O3'"  . DT  B 2 3  ? -8.015  2.479   -1.614  1.00 83.45  ? 3   DT  B "O3'"  1 
ATOM   740  C  "C2'"  . DT  B 2 3  ? -6.250  0.866   -1.006  1.00 78.95  ? 3   DT  B "C2'"  1 
ATOM   741  C  "C1'"  . DT  B 2 3  ? -5.021  1.774   -1.112  1.00 81.44  ? 3   DT  B "C1'"  1 
ATOM   742  N  N1     . DT  B 2 3  ? -3.724  1.118   -0.760  1.00 73.60  ? 3   DT  B N1     1 
ATOM   743  C  C2     . DT  B 2 3  ? -2.639  1.301   -1.585  1.00 79.35  ? 3   DT  B C2     1 
ATOM   744  O  O2     . DT  B 2 3  ? -2.677  1.964   -2.611  1.00 84.28  ? 3   DT  B O2     1 
ATOM   745  N  N3     . DT  B 2 3  ? -1.496  0.679   -1.170  1.00 73.64  ? 3   DT  B N3     1 
ATOM   746  C  C4     . DT  B 2 3  ? -1.337  -0.092  -0.042  1.00 77.71  ? 3   DT  B C4     1 
ATOM   747  O  O4     . DT  B 2 3  ? -0.266  -0.622  0.245   1.00 83.40  ? 3   DT  B O4     1 
ATOM   748  C  C5     . DT  B 2 3  ? -2.515  -0.233  0.780   1.00 72.10  ? 3   DT  B C5     1 
ATOM   749  C  C7     . DT  B 2 3  ? -2.457  -1.044  2.039   1.00 66.19  ? 3   DT  B C7     1 
ATOM   750  C  C6     . DT  B 2 3  ? -3.634  0.376   0.392   1.00 68.02  ? 3   DT  B C6     1 
ATOM   751  H  "H5'"  . DT  B 2 3  ? -5.696  2.817   2.146   1.00 113.56 ? 3   DT  B "H5'"  1 
ATOM   752  H  "H5''" . DT  B 2 3  ? -7.233  3.174   2.214   1.00 113.56 ? 3   DT  B "H5''" 1 
ATOM   753  H  "H4'"  . DT  B 2 3  ? -6.973  3.721   0.123   1.00 115.50 ? 3   DT  B "H4'"  1 
ATOM   754  H  "H3'"  . DT  B 2 3  ? -7.982  1.331   -0.001  1.00 92.47  ? 3   DT  B "H3'"  1 
ATOM   755  H  "H2'"  . DT  B 2 3  ? -6.107  0.157   -0.360  1.00 95.00  ? 3   DT  B "H2'"  1 
ATOM   756  H  "H2''" . DT  B 2 3  ? -6.469  0.472   -1.865  1.00 95.00  ? 3   DT  B "H2''" 1 
ATOM   757  H  "H1'"  . DT  B 2 3  ? -4.975  2.109   -2.021  1.00 97.99  ? 3   DT  B "H1'"  1 
ATOM   758  H  H3     . DT  B 2 3  ? -0.801  0.781   -1.666  1.00 88.63  ? 3   DT  B H3     1 
ATOM   759  H  H71    . DT  B 2 3  ? -1.713  -1.664  1.982   1.00 79.68  ? 3   DT  B H71    1 
ATOM   760  H  H72    . DT  B 2 3  ? -2.334  -0.448  2.793   1.00 79.68  ? 3   DT  B H72    1 
ATOM   761  H  H73    . DT  B 2 3  ? -3.288  -1.535  2.136   1.00 79.68  ? 3   DT  B H73    1 
ATOM   762  H  H6     . DT  B 2 3  ? -4.391  0.294   0.925   1.00 81.89  ? 3   DT  B H6     1 
ATOM   763  P  P      . DC  B 2 4  ? -8.782  1.662   -2.763  1.00 89.18  ? 4   DC  B P      1 
ATOM   764  O  OP1    . DC  B 2 4  ? -9.805  2.594   -3.303  1.00 70.31  ? 4   DC  B OP1    1 
ATOM   765  O  OP2    . DC  B 2 4  ? -9.100  0.292   -2.288  1.00 84.14  ? 4   DC  B OP2    1 
ATOM   766  O  "O5'"  . DC  B 2 4  ? -7.687  1.484   -3.901  1.00 73.00  ? 4   DC  B "O5'"  1 
ATOM   767  C  "C5'"  . DC  B 2 4  ? -7.546  2.461   -4.882  1.00 62.95  ? 4   DC  B "C5'"  1 
ATOM   768  C  "C4'"  . DC  B 2 4  ? -6.491  2.046   -5.863  1.00 60.39  ? 4   DC  B "C4'"  1 
ATOM   769  O  "O4'"  . DC  B 2 4  ? -5.443  1.369   -5.155  1.00 61.53  ? 4   DC  B "O4'"  1 
ATOM   770  C  "C3'"  . DC  B 2 4  ? -6.960  1.065   -6.933  1.00 65.89  ? 4   DC  B "C3'"  1 
ATOM   771  O  "O3'"  . DC  B 2 4  ? -6.690  1.585   -8.209  1.00 63.50  ? 4   DC  B "O3'"  1 
ATOM   772  C  "C2'"  . DC  B 2 4  ? -6.171  -0.226  -6.637  1.00 66.15  ? 4   DC  B "C2'"  1 
ATOM   773  C  "C1'"  . DC  B 2 4  ? -4.957  0.323   -5.952  1.00 62.29  ? 4   DC  B "C1'"  1 
ATOM   774  N  N1     . DC  B 2 4  ? -4.218  -0.562  -5.051  1.00 62.29  ? 4   DC  B N1     1 
ATOM   775  C  C2     . DC  B 2 4  ? -2.881  -0.851  -5.334  1.00 69.12  ? 4   DC  B C2     1 
ATOM   776  O  O2     . DC  B 2 4  ? -2.387  -0.455  -6.405  1.00 73.08  ? 4   DC  B O2     1 
ATOM   777  N  N3     . DC  B 2 4  ? -2.168  -1.581  -4.445  1.00 68.05  ? 4   DC  B N3     1 
ATOM   778  C  C4     . DC  B 2 4  ? -2.733  -1.979  -3.306  1.00 78.88  ? 4   DC  B C4     1 
ATOM   779  N  N4     . DC  B 2 4  ? -1.994  -2.702  -2.454  1.00 82.44  ? 4   DC  B N4     1 
ATOM   780  C  C5     . DC  B 2 4  ? -4.085  -1.654  -2.983  1.00 74.54  ? 4   DC  B C5     1 
ATOM   781  C  C6     . DC  B 2 4  ? -4.773  -0.931  -3.869  1.00 66.09  ? 4   DC  B C6     1 
ATOM   782  H  "H5'"  . DC  B 2 4  ? -7.292  3.301   -4.470  1.00 75.80  ? 4   DC  B "H5'"  1 
ATOM   783  H  "H5''" . DC  B 2 4  ? -8.391  2.579   -5.345  1.00 75.80  ? 4   DC  B "H5''" 1 
ATOM   784  H  "H4'"  . DC  B 2 4  ? -6.128  2.832   -6.300  1.00 72.73  ? 4   DC  B "H4'"  1 
ATOM   785  H  "H3'"  . DC  B 2 4  ? -7.907  0.885   -6.829  1.00 79.33  ? 4   DC  B "H3'"  1 
ATOM   786  H  "H2'"  . DC  B 2 4  ? -6.668  -0.823  -6.056  1.00 79.64  ? 4   DC  B "H2'"  1 
ATOM   787  H  "H2''" . DC  B 2 4  ? -5.938  -0.698  -7.451  1.00 79.64  ? 4   DC  B "H2''" 1 
ATOM   788  H  "H1'"  . DC  B 2 4  ? -4.346  0.608   -6.649  1.00 75.00  ? 4   DC  B "H1'"  1 
ATOM   789  H  H41    . DC  B 2 4  ? -2.333  -2.972  -1.711  1.00 99.19  ? 4   DC  B H41    1 
ATOM   790  H  H42    . DC  B 2 4  ? -1.179  -2.895  -2.650  1.00 99.19  ? 4   DC  B H42    1 
ATOM   791  H  H5     . DC  B 2 4  ? -4.472  -1.936  -2.186  1.00 89.71  ? 4   DC  B H5     1 
ATOM   792  H  H6     . DC  B 2 4  ? -5.645  -0.675  -3.673  1.00 79.57  ? 4   DC  B H6     1 
ATOM   793  P  P      . DA  B 2 5  ? -7.548  1.101   -9.472  1.00 73.65  ? 5   DA  B P      1 
ATOM   794  O  OP1    . DA  B 2 5  ? -8.246  2.279   -10.053 1.00 75.80  ? 5   DA  B OP1    1 
ATOM   795  O  OP2    . DA  B 2 5  ? -8.331  -0.083  -9.036  1.00 79.80  ? 5   DA  B OP2    1 
ATOM   796  O  "O5'"  . DA  B 2 5  ? -6.445  0.610   -10.521 1.00 64.99  ? 5   DA  B "O5'"  1 
ATOM   797  C  "C5'"  . DA  B 2 5  ? -5.129  0.288   -10.092 1.00 78.36  ? 5   DA  B "C5'"  1 
ATOM   798  C  "C4'"  . DA  B 2 5  ? -4.772  -1.142  -10.442 1.00 70.05  ? 5   DA  B "C4'"  1 
ATOM   799  O  "O4'"  . DA  B 2 5  ? -4.210  -1.775  -9.286  1.00 86.13  ? 5   DA  B "O4'"  1 
ATOM   800  C  "C3'"  . DA  B 2 5  ? -5.939  -2.003  -10.846 1.00 65.72  ? 5   DA  B "C3'"  1 
ATOM   801  O  "O3'"  . DA  B 2 5  ? -6.039  -2.042  -12.237 1.00 48.77  ? 5   DA  B "O3'"  1 
ATOM   802  C  "C2'"  . DA  B 2 5  ? -5.634  -3.377  -10.258 1.00 72.94  ? 5   DA  B "C2'"  1 
ATOM   803  C  "C1'"  . DA  B 2 5  ? -4.437  -3.155  -9.339  1.00 70.43  ? 5   DA  B "C1'"  1 
ATOM   804  N  N9     . DA  B 2 5  ? -4.654  -3.613  -7.979  1.00 68.31  ? 5   DA  B N9     1 
ATOM   805  C  C8     . DA  B 2 5  ? -5.845  -3.667  -7.310  1.00 75.46  ? 5   DA  B C8     1 
ATOM   806  N  N7     . DA  B 2 5  ? -5.743  -4.108  -6.085  1.00 70.93  ? 5   DA  B N7     1 
ATOM   807  C  C5     . DA  B 2 5  ? -4.393  -4.338  -5.938  1.00 69.38  ? 5   DA  B C5     1 
ATOM   808  C  C6     . DA  B 2 5  ? -3.643  -4.811  -4.860  1.00 79.85  ? 5   DA  B C6     1 
ATOM   809  N  N6     . DA  B 2 5  ? -4.193  -5.143  -3.684  1.00 89.04  ? 5   DA  B N6     1 
ATOM   810  N  N1     . DA  B 2 5  ? -2.308  -4.936  -5.034  1.00 73.91  ? 5   DA  B N1     1 
ATOM   811  C  C2     . DA  B 2 5  ? -1.783  -4.606  -6.225  1.00 75.11  ? 5   DA  B C2     1 
ATOM   812  N  N3     . DA  B 2 5  ? -2.397  -4.149  -7.314  1.00 67.23  ? 5   DA  B N3     1 
ATOM   813  C  C4     . DA  B 2 5  ? -3.709  -4.037  -7.098  1.00 63.34  ? 5   DA  B C4     1 
ATOM   814  H  "H5'"  . DA  B 2 5  ? -5.071  0.404   -9.130  1.00 94.29  ? 5   DA  B "H5'"  1 
ATOM   815  H  "H5''" . DA  B 2 5  ? -4.499  0.888   -10.521 1.00 94.29  ? 5   DA  B "H5''" 1 
ATOM   816  H  "H4'"  . DA  B 2 5  ? -4.119  -1.145  -11.159 1.00 84.32  ? 5   DA  B "H4'"  1 
ATOM   817  H  "H3'"  . DA  B 2 5  ? -6.750  -1.661  -10.440 1.00 79.13  ? 5   DA  B "H3'"  1 
ATOM   818  H  "HO3'" . DA  B 2 5  ? -6.751  -1.802  -12.613 1.00 58.79  ? 5   DA  B "HO3'" 1 
ATOM   819  H  "H2'"  . DA  B 2 5  ? -6.393  -3.713  -9.757  1.00 87.79  ? 5   DA  B "H2'"  1 
ATOM   820  H  "H2''" . DA  B 2 5  ? -5.415  -4.011  -10.959 1.00 87.79  ? 5   DA  B "H2''" 1 
ATOM   821  H  "H1'"  . DA  B 2 5  ? -3.665  -3.598  -9.724  1.00 84.78  ? 5   DA  B "H1'"  1 
ATOM   822  H  H8     . DA  B 2 5  ? -6.654  -3.414  -7.693  1.00 90.81  ? 5   DA  B H8     1 
ATOM   823  H  H61    . DA  B 2 5  ? -3.696  -5.433  -3.044  1.00 107.11 ? 5   DA  B H61    1 
ATOM   824  H  H62    . DA  B 2 5  ? -5.040  -5.066  -3.568  1.00 107.11 ? 5   DA  B H62    1 
ATOM   825  H  H2     . DA  B 2 5  ? -0.862  -4.713  -6.299  1.00 90.40  ? 5   DA  B H2     1 
ATOM   826  O  "O5'"  . DT  C 3 1  ? 1.160   33.469  15.061  1.00 144.08 ? 1   DT  C "O5'"  1 
ATOM   827  C  "C5'"  . DT  C 3 1  ? 2.534   33.649  14.733  1.00 138.23 ? 1   DT  C "C5'"  1 
ATOM   828  C  "C4'"  . DT  C 3 1  ? 2.688   34.340  13.390  1.00 133.84 ? 1   DT  C "C4'"  1 
ATOM   829  O  "O4'"  . DT  C 3 1  ? 4.081   34.396  13.046  1.00 122.66 ? 1   DT  C "O4'"  1 
ATOM   830  C  "C3'"  . DT  C 3 1  ? 2.031   33.630  12.211  1.00 132.86 ? 1   DT  C "C3'"  1 
ATOM   831  O  "O3'"  . DT  C 3 1  ? 0.702   34.093  12.003  1.00 138.85 ? 1   DT  C "O3'"  1 
ATOM   832  C  "C2'"  . DT  C 3 1  ? 2.945   33.954  11.023  1.00 120.74 ? 1   DT  C "C2'"  1 
ATOM   833  C  "C1'"  . DT  C 3 1  ? 4.186   34.583  11.658  1.00 123.30 ? 1   DT  C "C1'"  1 
ATOM   834  N  N1     . DT  C 3 1  ? 5.475   33.994  11.191  1.00 121.15 ? 1   DT  C N1     1 
ATOM   835  C  C2     . DT  C 3 1  ? 5.735   33.946  9.842   1.00 126.01 ? 1   DT  C C2     1 
ATOM   836  O  O2     . DT  C 3 1  ? 4.950   34.344  8.999   1.00 130.00 ? 1   DT  C O2     1 
ATOM   837  N  N3     . DT  C 3 1  ? 6.949   33.407  9.509   1.00 123.45 ? 1   DT  C N3     1 
ATOM   838  C  C4     . DT  C 3 1  ? 7.913   32.926  10.373  1.00 123.79 ? 1   DT  C C4     1 
ATOM   839  O  O4     . DT  C 3 1  ? 8.979   32.461  9.973   1.00 120.04 ? 1   DT  C O4     1 
ATOM   840  C  C5     . DT  C 3 1  ? 7.581   33.011  11.780  1.00 120.07 ? 1   DT  C C5     1 
ATOM   841  C  C7     . DT  C 3 1  ? 8.549   32.524  12.815  1.00 119.39 ? 1   DT  C C7     1 
ATOM   842  C  C6     . DT  C 3 1  ? 6.391   33.538  12.118  1.00 116.86 ? 1   DT  C C6     1 
ATOM   843  H  "H5'"  . DT  C 3 1  ? 2.969   32.783  14.698  1.00 166.14 ? 1   DT  C "H5'"  1 
ATOM   844  H  "H5''" . DT  C 3 1  ? 2.957   34.187  15.420  1.00 166.14 ? 1   DT  C "H5''" 1 
ATOM   845  H  "H4'"  . DT  C 3 1  ? 2.329   35.239  13.463  1.00 160.86 ? 1   DT  C "H4'"  1 
ATOM   846  H  "H3'"  . DT  C 3 1  ? 2.033   32.675  12.377  1.00 159.69 ? 1   DT  C "H3'"  1 
ATOM   847  H  "H2'"  . DT  C 3 1  ? 3.177   33.146  10.536  1.00 145.15 ? 1   DT  C "H2'"  1 
ATOM   848  H  "H2''" . DT  C 3 1  ? 2.514   34.575  10.415  1.00 145.15 ? 1   DT  C "H2''" 1 
ATOM   849  H  "H1'"  . DT  C 3 1  ? 4.185   35.534  11.467  1.00 148.22 ? 1   DT  C "H1'"  1 
ATOM   850  H  H3     . DT  C 3 1  ? 7.131   33.363  8.669   1.00 148.40 ? 1   DT  C H3     1 
ATOM   851  H  H71    . DT  C 3 1  ? 8.640   33.199  13.505  1.00 143.52 ? 1   DT  C H71    1 
ATOM   852  H  H72    . DT  C 3 1  ? 8.210   31.701  13.201  1.00 143.52 ? 1   DT  C H72    1 
ATOM   853  H  H73    . DT  C 3 1  ? 9.407   32.363  12.394  1.00 143.52 ? 1   DT  C H73    1 
ATOM   854  H  H6     . DT  C 3 1  ? 6.174   33.596  13.020  1.00 140.49 ? 1   DT  C H6     1 
ATOM   855  H  "HO5'" . DT  C 3 1  ? 0.925   32.810  15.525  1.00 173.16 ? 1   DT  C "HO5'" 1 
ATOM   856  P  P      . DC  C 3 2  ? -0.340  33.178  11.192  1.00 148.65 ? 2   DC  C P      1 
ATOM   857  O  OP1    . DC  C 3 2  ? -1.620  33.909  11.040  1.00 137.64 ? 2   DC  C OP1    1 
ATOM   858  O  OP2    . DC  C 3 2  ? -0.325  31.851  11.849  1.00 146.83 ? 2   DC  C OP2    1 
ATOM   859  O  "O5'"  . DC  C 3 2  ? 0.328   33.031  9.745   1.00 122.27 ? 2   DC  C "O5'"  1 
ATOM   860  C  "C5'"  . DC  C 3 2  ? -0.341  33.549  8.613   1.00 126.19 ? 2   DC  C "C5'"  1 
ATOM   861  C  "C4'"  . DC  C 3 2  ? 0.548   33.498  7.390   1.00 136.56 ? 2   DC  C "C4'"  1 
ATOM   862  O  "O4'"  . DC  C 3 2  ? 1.925   33.458  7.796   1.00 129.30 ? 2   DC  C "O4'"  1 
ATOM   863  C  "C3'"  . DC  C 3 2  ? 0.373   32.269  6.530   1.00 136.16 ? 2   DC  C "C3'"  1 
ATOM   864  O  "O3'"  . DC  C 3 2  ? -0.644  32.469  5.591   1.00 141.70 ? 2   DC  C "O3'"  1 
ATOM   865  C  "C2'"  . DC  C 3 2  ? 1.743   32.088  5.868   1.00 126.95 ? 2   DC  C "C2'"  1 
ATOM   866  C  "C1'"  . DC  C 3 2  ? 2.694   32.868  6.766   1.00 128.78 ? 2   DC  C "C1'"  1 
ATOM   867  N  N1     . DC  C 3 2  ? 3.744   32.055  7.406   1.00 121.92 ? 2   DC  C N1     1 
ATOM   868  C  C2     . DC  C 3 2  ? 5.017   31.980  6.827   1.00 121.81 ? 2   DC  C C2     1 
ATOM   869  O  O2     . DC  C 3 2  ? 5.234   32.563  5.753   1.00 124.06 ? 2   DC  C O2     1 
ATOM   870  N  N3     . DC  C 3 2  ? 5.977   31.256  7.453   1.00 111.73 ? 2   DC  C N3     1 
ATOM   871  C  C4     . DC  C 3 2  ? 5.704   30.641  8.602   1.00 113.47 ? 2   DC  C C4     1 
ATOM   872  N  N4     . DC  C 3 2  ? 6.679   29.941  9.180   1.00 110.28 ? 2   DC  C N4     1 
ATOM   873  C  C5     . DC  C 3 2  ? 4.417   30.718  9.211   1.00 117.59 ? 2   DC  C C5     1 
ATOM   874  C  C6     . DC  C 3 2  ? 3.479   31.433  8.587   1.00 116.38 ? 2   DC  C C6     1 
ATOM   875  H  "H5'"  . DC  C 3 2  ? -0.596  34.469  8.786   1.00 151.69 ? 2   DC  C "H5'"  1 
ATOM   876  H  "H5''" . DC  C 3 2  ? -1.141  33.026  8.448   1.00 151.69 ? 2   DC  C "H5''" 1 
ATOM   877  H  "H4'"  . DC  C 3 2  ? 0.391   34.296  6.861   1.00 164.13 ? 2   DC  C "H4'"  1 
ATOM   878  H  "H3'"  . DC  C 3 2  ? 0.177   31.501  7.088   1.00 163.66 ? 2   DC  C "H3'"  1 
ATOM   879  H  "H2'"  . DC  C 3 2  ? 1.990   31.151  5.833   1.00 152.60 ? 2   DC  C "H2'"  1 
ATOM   880  H  "H2''" . DC  C 3 2  ? 1.742   32.448  4.967   1.00 152.60 ? 2   DC  C "H2''" 1 
ATOM   881  H  "H1'"  . DC  C 3 2  ? 3.104   33.561  6.226   1.00 154.79 ? 2   DC  C "H1'"  1 
ATOM   882  H  H41    . DC  C 3 2  ? 6.532   29.532  9.923   1.00 132.59 ? 2   DC  C H41    1 
ATOM   883  H  H42    . DC  C 3 2  ? 7.454   29.897  8.811   1.00 132.59 ? 2   DC  C H42    1 
ATOM   884  H  H5     . DC  C 3 2  ? 4.239   30.286  10.015  1.00 141.37 ? 2   DC  C H5     1 
ATOM   885  H  H6     . DC  C 3 2  ? 2.632   31.507  8.964   1.00 139.91 ? 2   DC  C H6     1 
ATOM   886  P  P      . DT  C 3 3  ? -0.816  31.423  4.394   1.00 154.69 ? 3   DT  C P      1 
ATOM   887  O  OP1    . DT  C 3 3  ? -2.098  31.721  3.710   1.00 148.53 ? 3   DT  C OP1    1 
ATOM   888  O  OP2    . DT  C 3 3  ? -0.566  30.082  4.966   1.00 145.78 ? 3   DT  C OP2    1 
ATOM   889  O  "O5'"  . DT  C 3 3  ? 0.413   31.745  3.423   1.00 128.11 ? 3   DT  C "O5'"  1 
ATOM   890  C  "C5'"  . DT  C 3 3  ? 0.420   31.199  2.139   1.00 139.83 ? 3   DT  C "C5'"  1 
ATOM   891  C  "C4'"  . DT  C 3 3  ? 1.815   30.805  1.693   1.00 140.27 ? 3   DT  C "C4'"  1 
ATOM   892  O  "O4'"  . DT  C 3 3  ? 2.749   30.813  2.788   1.00 135.25 ? 3   DT  C "O4'"  1 
ATOM   893  C  "C3'"  . DT  C 3 3  ? 1.932   29.397  1.162   1.00 137.02 ? 3   DT  C "C3'"  1 
ATOM   894  O  "O3'"  . DT  C 3 3  ? 1.443   29.308  -0.156  1.00 133.03 ? 3   DT  C "O3'"  1 
ATOM   895  C  "C2'"  . DT  C 3 3  ? 3.436   29.131  1.257   1.00 125.90 ? 3   DT  C "C2'"  1 
ATOM   896  C  "C1'"  . DT  C 3 3  ? 3.894   30.071  2.374   1.00 130.93 ? 3   DT  C "C1'"  1 
ATOM   897  N  N1     . DT  C 3 3  ? 4.475   29.369  3.548   1.00 124.34 ? 3   DT  C N1     1 
ATOM   898  C  C2     . DT  C 3 3  ? 5.841   29.168  3.600   1.00 125.40 ? 3   DT  C C2     1 
ATOM   899  O  O2     . DT  C 3 3  ? 6.610   29.527  2.714   1.00 121.79 ? 3   DT  C O2     1 
ATOM   900  N  N3     . DT  C 3 3  ? 6.279   28.528  4.736   1.00 118.34 ? 3   DT  C N3     1 
ATOM   901  C  C4     . DT  C 3 3  ? 5.502   28.082  5.796   1.00 110.53 ? 3   DT  C C4     1 
ATOM   902  O  O4     . DT  C 3 3  ? 5.981   27.517  6.776   1.00 100.42 ? 3   DT  C O4     1 
ATOM   903  C  C5     . DT  C 3 3  ? 4.085   28.328  5.670   1.00 107.38 ? 3   DT  C C5     1 
ATOM   904  C  C7     . DT  C 3 3  ? 3.152   27.897  6.756   1.00 103.11 ? 3   DT  C C7     1 
ATOM   905  C  C6     . DT  C 3 3  ? 3.644   28.953  4.567   1.00 110.72 ? 3   DT  C C6     1 
ATOM   906  H  "H5'"  . DT  C 3 3  ? 0.064   31.853  1.518   1.00 168.05 ? 3   DT  C "H5'"  1 
ATOM   907  H  "H5''" . DT  C 3 3  ? -0.147  30.413  2.129   1.00 168.05 ? 3   DT  C "H5''" 1 
ATOM   908  H  "H4'"  . DT  C 3 3  ? 2.095   31.460  1.034   1.00 168.58 ? 3   DT  C "H4'"  1 
ATOM   909  H  "H3'"  . DT  C 3 3  ? 1.443   28.779  1.729   1.00 164.69 ? 3   DT  C "H3'"  1 
ATOM   910  H  "H2'"  . DT  C 3 3  ? 3.613   28.205  1.486   1.00 151.34 ? 3   DT  C "H2'"  1 
ATOM   911  H  "H2''" . DT  C 3 3  ? 3.881   29.341  0.421   1.00 151.34 ? 3   DT  C "H2''" 1 
ATOM   912  H  "H1'"  . DT  C 3 3  ? 4.552   30.690  2.020   1.00 157.38 ? 3   DT  C "H1'"  1 
ATOM   913  H  H3     . DT  C 3 3  ? 7.125   28.388  4.795   1.00 142.27 ? 3   DT  C H3     1 
ATOM   914  H  H71    . DT  C 3 3  ? 2.676   28.672  7.091   1.00 123.99 ? 3   DT  C H71    1 
ATOM   915  H  H72    . DT  C 3 3  ? 2.522   27.254  6.393   1.00 123.99 ? 3   DT  C H72    1 
ATOM   916  H  H73    . DT  C 3 3  ? 3.666   27.489  7.470   1.00 123.99 ? 3   DT  C H73    1 
ATOM   917  H  H6     . DT  C 3 3  ? 2.731   29.111  4.485   1.00 133.12 ? 3   DT  C H6     1 
ATOM   918  P  P      . DA  C 3 4  ? 1.860   28.056  -1.062  1.00 147.02 ? 4   DA  C P      1 
ATOM   919  O  OP1    . DA  C 3 4  ? 0.813   27.870  -2.093  1.00 151.01 ? 4   DA  C OP1    1 
ATOM   920  O  OP2    . DA  C 3 4  ? 2.170   26.960  -0.118  1.00 120.77 ? 4   DA  C OP2    1 
ATOM   921  O  "O5'"  . DA  C 3 4  ? 3.229   28.532  -1.753  1.00 134.60 ? 4   DA  C "O5'"  1 
ATOM   922  C  "C5'"  . DA  C 3 4  ? 3.905   27.683  -2.664  1.00 122.62 ? 4   DA  C "C5'"  1 
ATOM   923  C  "C4'"  . DA  C 3 4  ? 5.187   27.143  -2.057  1.00 113.13 ? 4   DA  C "C4'"  1 
ATOM   924  O  "O4'"  . DA  C 3 4  ? 5.068   27.081  -0.625  1.00 109.82 ? 4   DA  C "O4'"  1 
ATOM   925  C  "C3'"  . DA  C 3 4  ? 5.544   25.733  -2.502  1.00 110.09 ? 4   DA  C "C3'"  1 
ATOM   926  O  "O3'"  . DA  C 3 4  ? 6.616   25.775  -3.409  1.00 121.75 ? 4   DA  C "O3'"  1 
ATOM   927  C  "C2'"  . DA  C 3 4  ? 5.891   24.978  -1.204  1.00 114.53 ? 4   DA  C "C2'"  1 
ATOM   928  C  "C1'"  . DA  C 3 4  ? 5.916   26.068  -0.146  1.00 113.94 ? 4   DA  C "C1'"  1 
ATOM   929  N  N9     . DA  C 3 4  ? 5.431   25.664  1.175   1.00 114.05 ? 4   DA  C N9     1 
ATOM   930  C  C8     . DA  C 3 4  ? 4.125   25.573  1.575   1.00 115.41 ? 4   DA  C C8     1 
ATOM   931  N  N7     . DA  C 3 4  ? 3.975   25.219  2.828   1.00 103.79 ? 4   DA  C N7     1 
ATOM   932  C  C5     . DA  C 3 4  ? 5.266   25.079  3.289   1.00 99.96  ? 4   DA  C C5     1 
ATOM   933  C  C6     . DA  C 3 4  ? 5.775   24.723  4.543   1.00 98.56  ? 4   DA  C C6     1 
ATOM   934  N  N6     . DA  C 3 4  ? 4.995   24.436  5.586   1.00 94.03  ? 4   DA  C N6     1 
ATOM   935  N  N1     . DA  C 3 4  ? 7.118   24.670  4.684   1.00 101.07 ? 4   DA  C N1     1 
ATOM   936  C  C2     . DA  C 3 4  ? 7.889   24.960  3.626   1.00 104.31 ? 4   DA  C C2     1 
ATOM   937  N  N3     . DA  C 3 4  ? 7.523   25.312  2.391   1.00 104.59 ? 4   DA  C N3     1 
ATOM   938  C  C4     . DA  C 3 4  ? 6.183   25.353  2.288   1.00 104.50 ? 4   DA  C C4     1 
ATOM   939  H  "H5'"  . DA  C 3 4  ? 4.119   28.182  -3.467  1.00 147.41 ? 4   DA  C "H5'"  1 
ATOM   940  H  "H5''" . DA  C 3 4  ? 3.326   26.940  -2.898  1.00 147.41 ? 4   DA  C "H5''" 1 
ATOM   941  H  "H4'"  . DA  C 3 4  ? 5.917   27.744  -2.273  1.00 136.02 ? 4   DA  C "H4'"  1 
ATOM   942  H  "H3'"  . DA  C 3 4  ? 4.766   25.311  -2.900  1.00 132.37 ? 4   DA  C "H3'"  1 
ATOM   943  H  "H2'"  . DA  C 3 4  ? 5.217   24.311  -1.000  1.00 137.69 ? 4   DA  C "H2'"  1 
ATOM   944  H  "H2''" . DA  C 3 4  ? 6.754   24.542  -1.275  1.00 137.69 ? 4   DA  C "H2''" 1 
ATOM   945  H  "H1'"  . DA  C 3 4  ? 6.825   26.393  -0.054  1.00 136.98 ? 4   DA  C "H1'"  1 
ATOM   946  H  H8     . DA  C 3 4  ? 3.409   25.748  1.008   1.00 138.75 ? 4   DA  C H8     1 
ATOM   947  H  H61    . DA  C 3 4  ? 5.348   24.220  6.339   1.00 113.10 ? 4   DA  C H61    1 
ATOM   948  H  H62    . DA  C 3 4  ? 4.140   24.466  5.504   1.00 113.10 ? 4   DA  C H62    1 
ATOM   949  H  H2     . DA  C 3 4  ? 8.805   24.909  3.772   1.00 125.43 ? 4   DA  C H2     1 
ATOM   950  P  P      . DA  C 3 5  ? 6.973   24.469  -4.259  1.00 127.02 ? 5   DA  C P      1 
ATOM   951  O  OP1    . DA  C 3 5  ? 7.773   24.858  -5.447  1.00 123.15 ? 5   DA  C OP1    1 
ATOM   952  O  OP2    . DA  C 3 5  ? 5.688   23.750  -4.445  1.00 113.21 ? 5   DA  C OP2    1 
ATOM   953  O  "O5'"  . DA  C 3 5  ? 7.911   23.648  -3.261  1.00 110.98 ? 5   DA  C "O5'"  1 
ATOM   954  C  "C5'"  . DA  C 3 5  ? 9.026   24.290  -2.652  1.00 116.12 ? 5   DA  C "C5'"  1 
ATOM   955  C  "C4'"  . DA  C 3 5  ? 9.679   23.373  -1.644  1.00 114.85 ? 5   DA  C "C4'"  1 
ATOM   956  O  "O4'"  . DA  C 3 5  ? 8.912   23.381  -0.412  1.00 113.66 ? 5   DA  C "O4'"  1 
ATOM   957  C  "C3'"  . DA  C 3 5  ? 9.752   21.921  -2.106  1.00 109.86 ? 5   DA  C "C3'"  1 
ATOM   958  O  "O3'"  . DA  C 3 5  ? 11.083  21.461  -2.128  1.00 112.51 ? 5   DA  C "O3'"  1 
ATOM   959  C  "C2'"  . DA  C 3 5  ? 8.877   21.149  -1.113  1.00 105.18 ? 5   DA  C "C2'"  1 
ATOM   960  C  "C1'"  . DA  C 3 5  ? 8.812   22.071  0.095   1.00 105.24 ? 5   DA  C "C1'"  1 
ATOM   961  N  N9     . DA  C 3 5  ? 7.572   21.966  0.863   1.00 94.52  ? 5   DA  C N9     1 
ATOM   962  C  C8     . DA  C 3 5  ? 6.299   22.127  0.396   1.00 98.67  ? 5   DA  C C8     1 
ATOM   963  N  N7     . DA  C 3 5  ? 5.372   21.988  1.317   1.00 93.95  ? 5   DA  C N7     1 
ATOM   964  C  C5     . DA  C 3 5  ? 6.089   21.722  2.468   1.00 93.98  ? 5   DA  C C5     1 
ATOM   965  C  C6     . DA  C 3 5  ? 5.689   21.476  3.794   1.00 97.21  ? 5   DA  C C6     1 
ATOM   966  N  N6     . DA  C 3 5  ? 4.409   21.461  4.182   1.00 98.76  ? 5   DA  C N6     1 
ATOM   967  N  N1     . DA  C 3 5  ? 6.657   21.250  4.709   1.00 98.37  ? 5   DA  C N1     1 
ATOM   968  C  C2     . DA  C 3 5  ? 7.939   21.269  4.309   1.00 99.46  ? 5   DA  C C2     1 
ATOM   969  N  N3     . DA  C 3 5  ? 8.437   21.485  3.090   1.00 94.42  ? 5   DA  C N3     1 
ATOM   970  C  C4     . DA  C 3 5  ? 7.449   21.707  2.207   1.00 92.08  ? 5   DA  C C4     1 
ATOM   971  H  "H5'"  . DA  C 3 5  ? 8.727   25.097  -2.205  1.00 139.60 ? 5   DA  C "H5'"  1 
ATOM   972  H  "H5''" . DA  C 3 5  ? 9.672   24.528  -3.336  1.00 139.60 ? 5   DA  C "H5''" 1 
ATOM   973  H  "H4'"  . DA  C 3 5  ? 10.572  23.686  -1.432  1.00 138.08 ? 5   DA  C "H4'"  1 
ATOM   974  H  "H3'"  . DA  C 3 5  ? 9.358   21.852  -2.990  1.00 132.09 ? 5   DA  C "H3'"  1 
ATOM   975  H  "H2'"  . DA  C 3 5  ? 7.991   20.989  -1.478  1.00 126.48 ? 5   DA  C "H2'"  1 
ATOM   976  H  "H2''" . DA  C 3 5  ? 9.280   20.298  -0.881  1.00 126.48 ? 5   DA  C "H2''" 1 
ATOM   977  H  "H1'"  . DA  C 3 5  ? 9.561   21.883  0.681   1.00 126.54 ? 5   DA  C "H1'"  1 
ATOM   978  H  H8     . DA  C 3 5  ? 6.105   22.317  -0.495  1.00 118.67 ? 5   DA  C H8     1 
ATOM   979  H  H61    . DA  C 3 5  ? 4.211   21.308  5.004   1.00 118.77 ? 5   DA  C H61    1 
ATOM   980  H  H62    . DA  C 3 5  ? 3.785   21.604  3.608   1.00 118.77 ? 5   DA  C H62    1 
ATOM   981  H  H2     . DA  C 3 5  ? 8.568   21.110  4.976   1.00 119.61 ? 5   DA  C H2     1 
ATOM   982  P  P      . DT  C 3 6  ? 11.369  19.966  -2.632  1.00 122.23 ? 6   DT  C P      1 
ATOM   983  O  OP1    . DT  C 3 6  ? 12.771  19.842  -3.121  1.00 99.36  ? 6   DT  C OP1    1 
ATOM   984  O  OP2    . DT  C 3 6  ? 10.219  19.647  -3.520  1.00 95.60  ? 6   DT  C OP2    1 
ATOM   985  O  "O5'"  . DT  C 3 6  ? 11.272  19.120  -1.283  1.00 106.22 ? 6   DT  C "O5'"  1 
ATOM   986  C  "C5'"  . DT  C 3 6  ? 12.146  19.440  -0.237  1.00 98.88  ? 6   DT  C "C5'"  1 
ATOM   987  C  "C4'"  . DT  C 3 6  ? 11.816  18.674  1.035   1.00 103.33 ? 6   DT  C "C4'"  1 
ATOM   988  O  "O4'"  . DT  C 3 6  ? 10.467  18.964  1.454   1.00 104.27 ? 6   DT  C "O4'"  1 
ATOM   989  C  "C3'"  . DT  C 3 6  ? 11.897  17.156  0.902   1.00 99.69  ? 6   DT  C "C3'"  1 
ATOM   990  O  "O3'"  . DT  C 3 6  ? 13.050  16.681  1.587   1.00 105.40 ? 6   DT  C "O3'"  1 
ATOM   991  C  "C2'"  . DT  C 3 6  ? 10.575  16.632  1.504   1.00 93.03  ? 6   DT  C "C2'"  1 
ATOM   992  C  "C1'"  . DT  C 3 6  ? 9.969   17.863  2.171   1.00 91.19  ? 6   DT  C "C1'"  1 
ATOM   993  N  N1     . DT  C 3 6  ? 8.465   17.944  2.149   1.00 79.35  ? 6   DT  C N1     1 
ATOM   994  C  C2     . DT  C 3 6  ? 7.767   17.910  3.337   1.00 88.53  ? 6   DT  C C2     1 
ATOM   995  O  O2     . DT  C 3 6  ? 8.300   17.772  4.420   1.00 95.22  ? 6   DT  C O2     1 
ATOM   996  N  N3     . DT  C 3 6  ? 6.404   18.027  3.212   1.00 84.60  ? 6   DT  C N3     1 
ATOM   997  C  C4     . DT  C 3 6  ? 5.686   18.187  2.046   1.00 83.86  ? 6   DT  C C4     1 
ATOM   998  O  O4     . DT  C 3 6  ? 4.459   18.281  2.039   1.00 78.45  ? 6   DT  C O4     1 
ATOM   999  C  C5     . DT  C 3 6  ? 6.482   18.230  0.836   1.00 87.72  ? 6   DT  C C5     1 
ATOM   1000 C  C7     . DT  C 3 6  ? 5.820   18.400  -0.501  1.00 97.72  ? 6   DT  C C7     1 
ATOM   1001 C  C6     . DT  C 3 6  ? 7.819   18.117  0.949   1.00 86.61  ? 6   DT  C C6     1 
ATOM   1002 H  "H5'"  . DT  C 3 6  ? 12.086  20.392  -0.055  1.00 118.92 ? 6   DT  C "H5'"  1 
ATOM   1003 H  "H5''" . DT  C 3 6  ? 13.052  19.228  -0.507  1.00 118.92 ? 6   DT  C "H5''" 1 
ATOM   1004 H  "H4'"  . DT  C 3 6  ? 12.416  18.963  1.740   1.00 124.26 ? 6   DT  C "H4'"  1 
ATOM   1005 H  "H3'"  . DT  C 3 6  ? 11.919  16.903  -0.034  1.00 119.89 ? 6   DT  C "H3'"  1 
ATOM   1006 H  "H2'"  . DT  C 3 6  ? 9.989   16.287  0.812   1.00 111.90 ? 6   DT  C "H2'"  1 
ATOM   1007 H  "H2''" . DT  C 3 6  ? 10.742  15.932  2.155   1.00 111.90 ? 6   DT  C "H2''" 1 
ATOM   1008 H  "H1'"  . DT  C 3 6  ? 10.260  17.883  3.097   1.00 109.68 ? 6   DT  C "H1'"  1 
ATOM   1009 H  H3     . DT  C 3 6  ? 5.948   17.998  3.941   1.00 101.78 ? 6   DT  C H3     1 
ATOM   1010 H  H71    . DT  C 3 6  ? 6.309   19.063  -1.013  1.00 117.53 ? 6   DT  C H71    1 
ATOM   1011 H  H72    . DT  C 3 6  ? 5.827   17.550  -0.967  1.00 117.53 ? 6   DT  C H72    1 
ATOM   1012 H  H73    . DT  C 3 6  ? 4.906   18.696  -0.366  1.00 117.53 ? 6   DT  C H73    1 
ATOM   1013 H  H6     . DT  C 3 6  ? 8.332   18.157  0.173   1.00 104.19 ? 6   DT  C H6     1 
ATOM   1014 P  P      . DT  C 3 7  ? 13.484  15.141  1.485   1.00 105.06 ? 7   DT  C P      1 
ATOM   1015 O  OP1    . DT  C 3 7  ? 14.926  15.051  1.840   1.00 87.02  ? 7   DT  C OP1    1 
ATOM   1016 O  OP2    . DT  C 3 7  ? 12.996  14.631  0.181   1.00 96.49  ? 7   DT  C OP2    1 
ATOM   1017 O  "O5'"  . DT  C 3 7  ? 12.648  14.465  2.658   1.00 87.06  ? 7   DT  C "O5'"  1 
ATOM   1018 C  "C5'"  . DT  C 3 7  ? 12.813  14.949  3.978   1.00 95.66  ? 7   DT  C "C5'"  1 
ATOM   1019 C  "C4'"  . DT  C 3 7  ? 11.782  14.346  4.894   1.00 96.48  ? 7   DT  C "C4'"  1 
ATOM   1020 O  "O4'"  . DT  C 3 7  ? 10.470  14.798  4.498   1.00 94.19  ? 7   DT  C "O4'"  1 
ATOM   1021 C  "C3'"  . DT  C 3 7  ? 11.715  12.818  4.847   1.00 91.75  ? 7   DT  C "C3'"  1 
ATOM   1022 O  "O3'"  . DT  C 3 7  ? 12.345  12.249  6.005   1.00 85.91  ? 7   DT  C "O3'"  1 
ATOM   1023 C  "C2'"  . DT  C 3 7  ? 10.207  12.504  4.766   1.00 88.80  ? 7   DT  C "C2'"  1 
ATOM   1024 C  "C1'"  . DT  C 3 7  ? 9.541   13.865  4.971   1.00 87.92  ? 7   DT  C "C1'"  1 
ATOM   1025 N  N1     . DT  C 3 7  ? 8.219   14.057  4.248   1.00 74.03  ? 7   DT  C N1     1 
ATOM   1026 C  C2     . DT  C 3 7  ? 7.062   14.175  4.993   1.00 80.11  ? 7   DT  C C2     1 
ATOM   1027 O  O2     . DT  C 3 7  ? 7.042   14.117  6.211   1.00 88.06  ? 7   DT  C O2     1 
ATOM   1028 N  N3     . DT  C 3 7  ? 5.919   14.356  4.261   1.00 75.52  ? 7   DT  C N3     1 
ATOM   1029 C  C4     . DT  C 3 7  ? 5.813   14.441  2.892   1.00 74.43  ? 7   DT  C C4     1 
ATOM   1030 O  O4     . DT  C 3 7  ? 4.734   14.603  2.330   1.00 72.05  ? 7   DT  C O4     1 
ATOM   1031 C  C5     . DT  C 3 7  ? 7.058   14.318  2.167   1.00 74.24  ? 7   DT  C C5     1 
ATOM   1032 C  C7     . DT  C 3 7  ? 7.063   14.392  0.660   1.00 77.75  ? 7   DT  C C7     1 
ATOM   1033 C  C6     . DT  C 3 7  ? 8.191   14.135  2.874   1.00 75.12  ? 7   DT  C C6     1 
ATOM   1034 H  "H5'"  . DT  C 3 7  ? 12.720  15.914  3.980   1.00 115.05 ? 7   DT  C "H5'"  1 
ATOM   1035 H  "H5''" . DT  C 3 7  ? 13.700  14.716  4.297   1.00 115.05 ? 7   DT  C "H5''" 1 
ATOM   1036 H  "H4'"  . DT  C 3 7  ? 11.951  14.634  5.805   1.00 116.03 ? 7   DT  C "H4'"  1 
ATOM   1037 H  "H3'"  . DT  C 3 7  ? 12.145  12.497  4.040   1.00 110.36 ? 7   DT  C "H3'"  1 
ATOM   1038 H  "H2'"  . DT  C 3 7  ? 9.976   12.130  3.901   1.00 106.82 ? 7   DT  C "H2'"  1 
ATOM   1039 H  "H2''" . DT  C 3 7  ? 9.944   11.880  5.460   1.00 106.82 ? 7   DT  C "H2''" 1 
ATOM   1040 H  "H1'"  . DT  C 3 7  ? 9.374   14.003  5.916   1.00 105.76 ? 7   DT  C "H1'"  1 
ATOM   1041 H  H3     . DT  C 3 7  ? 5.186   14.426  4.706   1.00 90.88  ? 7   DT  C H3     1 
ATOM   1042 H  H71    . DT  C 3 7  ? 6.156   14.540  0.348   1.00 93.56  ? 7   DT  C H71    1 
ATOM   1043 H  H72    . DT  C 3 7  ? 7.634   15.126  0.382   1.00 93.56  ? 7   DT  C H72    1 
ATOM   1044 H  H73    . DT  C 3 7  ? 7.404   13.556  0.304   1.00 93.56  ? 7   DT  C H73    1 
ATOM   1045 H  H6     . DT  C 3 7  ? 8.994   14.058  2.411   1.00 90.40  ? 7   DT  C H6     1 
ATOM   1046 P  P      . DG  C 3 8  ? 12.527  10.655  6.126   1.00 90.31  ? 8   DG  C P      1 
ATOM   1047 O  OP1    . DG  C 3 8  ? 13.779  10.392  6.876   1.00 86.00  ? 8   DG  C OP1    1 
ATOM   1048 O  OP2    . DG  C 3 8  ? 12.315  10.065  4.782   1.00 83.23  ? 8   DG  C OP2    1 
ATOM   1049 O  "O5'"  . DG  C 3 8  ? 11.322  10.239  7.076   1.00 73.21  ? 8   DG  C "O5'"  1 
ATOM   1050 C  "C5'"  . DG  C 3 8  ? 11.186  10.889  8.318   1.00 74.79  ? 8   DG  C "C5'"  1 
ATOM   1051 C  "C4'"  . DG  C 3 8  ? 9.840   10.596  8.924   1.00 80.85  ? 8   DG  C "C4'"  1 
ATOM   1052 O  "O4'"  . DG  C 3 8  ? 8.789   11.144  8.076   1.00 88.94  ? 8   DG  C "O4'"  1 
ATOM   1053 C  "C3'"  . DG  C 3 8  ? 9.539   9.107   9.072   1.00 63.04  ? 8   DG  C "C3'"  1 
ATOM   1054 O  "O3'"  . DG  C 3 8  ? 9.020   8.848   10.337  1.00 64.58  ? 8   DG  C "O3'"  1 
ATOM   1055 C  "C2'"  . DG  C 3 8  ? 8.538   8.832   7.965   1.00 68.30  ? 8   DG  C "C2'"  1 
ATOM   1056 C  "C1'"  . DG  C 3 8  ? 7.810   10.154  7.843   1.00 72.77  ? 8   DG  C "C1'"  1 
ATOM   1057 N  N9     . DG  C 3 8  ? 7.208   10.364  6.526   1.00 70.41  ? 8   DG  C N9     1 
ATOM   1058 C  C8     . DG  C 3 8  ? 7.851   10.370  5.313   1.00 74.99  ? 8   DG  C C8     1 
ATOM   1059 N  N7     . DG  C 3 8  ? 7.054   10.571  4.301   1.00 70.74  ? 8   DG  C N7     1 
ATOM   1060 C  C5     . DG  C 3 8  ? 5.808   10.695  4.881   1.00 63.86  ? 8   DG  C C5     1 
ATOM   1061 C  C6     . DG  C 3 8  ? 4.564   10.925  4.279   1.00 76.36  ? 8   DG  C C6     1 
ATOM   1062 O  O6     . DG  C 3 8  ? 4.321   11.063  3.067   1.00 81.57  ? 8   DG  C O6     1 
ATOM   1063 N  N1     . DG  C 3 8  ? 3.538   10.985  5.221   1.00 70.24  ? 8   DG  C N1     1 
ATOM   1064 C  C2     . DG  C 3 8  ? 3.712   10.839  6.576   1.00 66.00  ? 8   DG  C C2     1 
ATOM   1065 N  N2     . DG  C 3 8  ? 2.615   10.924  7.333   1.00 70.34  ? 8   DG  C N2     1 
ATOM   1066 N  N3     . DG  C 3 8  ? 4.882   10.631  7.153   1.00 67.07  ? 8   DG  C N3     1 
ATOM   1067 C  C4     . DG  C 3 8  ? 5.881   10.569  6.247   1.00 65.50  ? 8   DG  C C4     1 
ATOM   1068 H  "H5'"  . DG  C 3 8  ? 11.279  11.846  8.190   1.00 90.00  ? 8   DG  C "H5'"  1 
ATOM   1069 H  "H5''" . DG  C 3 8  ? 11.882  10.581  8.919   1.00 90.00  ? 8   DG  C "H5''" 1 
ATOM   1070 H  "H4'"  . DG  C 3 8  ? 9.774   11.023  9.792   1.00 97.28  ? 8   DG  C "H4'"  1 
ATOM   1071 H  "H3'"  . DG  C 3 8  ? 10.341  8.585   8.918   1.00 75.91  ? 8   DG  C "H3'"  1 
ATOM   1072 H  "H2'"  . DG  C 3 8  ? 8.985   8.598   7.136   1.00 82.22  ? 8   DG  C "H2'"  1 
ATOM   1073 H  "H2''" . DG  C 3 8  ? 7.931   8.117   8.210   1.00 82.22  ? 8   DG  C "H2''" 1 
ATOM   1074 H  "H1'"  . DG  C 3 8  ? 7.114   10.224  8.515   1.00 87.58  ? 8   DG  C "H1'"  1 
ATOM   1075 H  H8     . DG  C 3 8  ? 8.769   10.243  5.222   1.00 90.25  ? 8   DG  C H8     1 
ATOM   1076 H  H1     . DG  C 3 8  ? 2.739   11.122  4.934   1.00 84.55  ? 8   DG  C H1     1 
ATOM   1077 H  H21    . DG  C 3 8  ? 2.674   10.843  8.187   1.00 84.66  ? 8   DG  C H21    1 
ATOM   1078 H  H22    . DG  C 3 8  ? 1.849   11.060  6.966   1.00 84.66  ? 8   DG  C H22    1 
ATOM   1079 P  P      . DT  C 3 9  ? 8.670   7.353   10.769  1.00 81.45  ? 9   DT  C P      1 
ATOM   1080 O  OP1    . DT  C 3 9  ? 8.758   7.309   12.254  1.00 71.17  ? 9   DT  C OP1    1 
ATOM   1081 O  OP2    . DT  C 3 9  ? 9.456   6.444   9.891   1.00 71.24  ? 9   DT  C OP2    1 
ATOM   1082 O  "O5'"  . DT  C 3 9  ? 7.155   7.182   10.315  1.00 67.48  ? 9   DT  C "O5'"  1 
ATOM   1083 C  "C5'"  . DT  C 3 9  ? 6.122   7.453   11.203  1.00 57.08  ? 9   DT  C "C5'"  1 
ATOM   1084 C  "C4'"  . DT  C 3 9  ? 4.816   7.020   10.599  1.00 62.01  ? 9   DT  C "C4'"  1 
ATOM   1085 O  "O4'"  . DT  C 3 9  ? 4.557   7.758   9.389   1.00 75.43  ? 9   DT  C "O4'"  1 
ATOM   1086 C  "C3'"  . DT  C 3 9  ? 4.776   5.596   10.112  1.00 78.07  ? 9   DT  C "C3'"  1 
ATOM   1087 O  "O3'"  . DT  C 3 9  ? 4.633   4.674   11.180  1.00 83.43  ? 9   DT  C "O3'"  1 
ATOM   1088 C  "C2'"  . DT  C 3 9  ? 3.561   5.628   9.187   1.00 75.91  ? 9   DT  C "C2'"  1 
ATOM   1089 C  "C1'"  . DT  C 3 9  ? 3.556   7.066   8.660   1.00 67.21  ? 9   DT  C "C1'"  1 
ATOM   1090 N  N1     . DT  C 3 9  ? 3.844   7.178   7.213   1.00 58.92  ? 9   DT  C N1     1 
ATOM   1091 C  C2     . DT  C 3 9  ? 2.809   7.419   6.346   1.00 64.51  ? 9   DT  C C2     1 
ATOM   1092 O  O2     . DT  C 3 9  ? 1.658   7.534   6.709   1.00 66.43  ? 9   DT  C O2     1 
ATOM   1093 N  N3     . DT  C 3 9  ? 3.174   7.518   5.028   1.00 60.72  ? 9   DT  C N3     1 
ATOM   1094 C  C4     . DT  C 3 9  ? 4.450   7.394   4.509   1.00 62.32  ? 9   DT  C C4     1 
ATOM   1095 O  O4     . DT  C 3 9  ? 4.686   7.481   3.306   1.00 61.73  ? 9   DT  C O4     1 
ATOM   1096 C  C5     . DT  C 3 9  ? 5.483   7.139   5.480   1.00 61.40  ? 9   DT  C C5     1 
ATOM   1097 C  C7     . DT  C 3 9  ? 6.903   6.981   5.038   1.00 71.91  ? 9   DT  C C7     1 
ATOM   1098 C  C6     . DT  C 3 9  ? 5.134   7.042   6.770   1.00 60.81  ? 9   DT  C C6     1 
ATOM   1099 H  "H5'"  . DT  C 3 9  ? 6.095   8.405   11.388  1.00 68.76  ? 9   DT  C "H5'"  1 
ATOM   1100 H  "H5''" . DT  C 3 9  ? 6.272   6.974   12.032  1.00 68.76  ? 9   DT  C "H5''" 1 
ATOM   1101 H  "H4'"  . DT  C 3 9  ? 4.125   7.185   11.260  1.00 74.67  ? 9   DT  C "H4'"  1 
ATOM   1102 H  "H3'"  . DT  C 3 9  ? 5.585   5.379   9.623   1.00 93.95  ? 9   DT  C "H3'"  1 
ATOM   1103 H  "HO3'" . DT  C 3 9  ? 4.007   4.114   11.168  1.00 100.37 ? 9   DT  C "HO3'" 1 
ATOM   1104 H  "H2'"  . DT  C 3 9  ? 3.656   4.990   8.462   1.00 91.35  ? 9   DT  C "H2'"  1 
ATOM   1105 H  "H2''" . DT  C 3 9  ? 2.745   5.432   9.674   1.00 91.35  ? 9   DT  C "H2''" 1 
ATOM   1106 H  "H1'"  . DT  C 3 9  ? 2.694   7.472   8.838   1.00 80.92  ? 9   DT  C "H1'"  1 
ATOM   1107 H  H3     . DT  C 3 9  ? 2.543   7.673   4.465   1.00 73.13  ? 9   DT  C H3     1 
ATOM   1108 H  H71    . DT  C 3 9  ? 6.954   6.261   4.390   1.00 86.56  ? 9   DT  C H71    1 
ATOM   1109 H  H72    . DT  C 3 9  ? 7.201   7.811   4.633   1.00 86.56  ? 9   DT  C H72    1 
ATOM   1110 H  H73    . DT  C 3 9  ? 7.453   6.773   5.809   1.00 86.56  ? 9   DT  C H73    1 
ATOM   1111 H  H6     . DT  C 3 9  ? 5.801   6.874   7.397   1.00 73.23  ? 9   DT  C H6     1 
ATOM   1112 P  P      . DG  D 4 1  ? -8.336  -7.796  -11.761 1.00 72.78  ? 10  DG  D P      1 
ATOM   1113 O  OP1    . DG  D 4 1  ? -8.269  -9.106  -12.437 1.00 103.15 ? 10  DG  D OP1    1 
ATOM   1114 O  OP2    . DG  D 4 1  ? -8.566  -7.715  -10.307 1.00 72.83  ? 10  DG  D OP2    1 
ATOM   1115 O  "O5'"  . DG  D 4 1  ? -6.920  -7.126  -11.961 1.00 69.27  ? 10  DG  D "O5'"  1 
ATOM   1116 C  "C5'"  . DG  D 4 1  ? -5.830  -7.976  -12.178 1.00 92.30  ? 10  DG  D "C5'"  1 
ATOM   1117 C  "C4'"  . DG  D 4 1  ? -4.507  -7.345  -11.792 1.00 80.69  ? 10  DG  D "C4'"  1 
ATOM   1118 O  "O4'"  . DG  D 4 1  ? -4.636  -6.613  -10.559 1.00 73.90  ? 10  DG  D "O4'"  1 
ATOM   1119 C  "C3'"  . DG  D 4 1  ? -3.426  -8.360  -11.518 1.00 81.34  ? 10  DG  D "C3'"  1 
ATOM   1120 O  "O3'"  . DG  D 4 1  ? -2.839  -8.779  -12.721 1.00 88.33  ? 10  DG  D "O3'"  1 
ATOM   1121 C  "C2'"  . DG  D 4 1  ? -2.480  -7.613  -10.603 1.00 66.80  ? 10  DG  D "C2'"  1 
ATOM   1122 C  "C1'"  . DG  D 4 1  ? -3.431  -6.725  -9.808  1.00 68.72  ? 10  DG  D "C1'"  1 
ATOM   1123 N  N9     . DG  D 4 1  ? -3.777  -7.206  -8.468  1.00 70.05  ? 10  DG  D N9     1 
ATOM   1124 C  C8     . DG  D 4 1  ? -5.039  -7.242  -7.910  1.00 79.87  ? 10  DG  D C8     1 
ATOM   1125 N  N7     . DG  D 4 1  ? -5.059  -7.683  -6.679  1.00 81.71  ? 10  DG  D N7     1 
ATOM   1126 C  C5     . DG  D 4 1  ? -3.724  -7.946  -6.400  1.00 81.26  ? 10  DG  D C5     1 
ATOM   1127 C  C6     . DG  D 4 1  ? -3.125  -8.445  -5.218  1.00 85.79  ? 10  DG  D C6     1 
ATOM   1128 O  O6     . DG  D 4 1  ? -3.681  -8.755  -4.148  1.00 85.56  ? 10  DG  D O6     1 
ATOM   1129 N  N1     . DG  D 4 1  ? -1.739  -8.568  -5.350  1.00 77.88  ? 10  DG  D N1     1 
ATOM   1130 C  C2     . DG  D 4 1  ? -1.029  -8.244  -6.490  1.00 88.15  ? 10  DG  D C2     1 
ATOM   1131 N  N2     . DG  D 4 1  ? 0.305   -8.426  -6.438  1.00 96.98  ? 10  DG  D N2     1 
ATOM   1132 N  N3     . DG  D 4 1  ? -1.584  -7.776  -7.607  1.00 75.95  ? 10  DG  D N3     1 
ATOM   1133 C  C4     . DG  D 4 1  ? -2.923  -7.651  -7.491  1.00 72.24  ? 10  DG  D C4     1 
ATOM   1134 H  "H5'"  . DG  D 4 1  ? -5.801  -8.211  -13.119 1.00 111.02 ? 10  DG  D "H5'"  1 
ATOM   1135 H  "H5''" . DG  D 4 1  ? -5.956  -8.783  -11.655 1.00 111.02 ? 10  DG  D "H5''" 1 
ATOM   1136 H  "H4'"  . DG  D 4 1  ? -4.238  -6.722  -12.485 1.00 97.08  ? 10  DG  D "H4'"  1 
ATOM   1137 H  "H3'"  . DG  D 4 1  ? -3.780  -9.129  -11.045 1.00 97.87  ? 10  DG  D "H3'"  1 
ATOM   1138 H  "H2'"  . DG  D 4 1  ? -1.996  -8.221  -10.023 1.00 80.42  ? 10  DG  D "H2'"  1 
ATOM   1139 H  "H2''" . DG  D 4 1  ? -1.843  -7.085  -11.109 1.00 80.42  ? 10  DG  D "H2''" 1 
ATOM   1140 H  "H1'"  . DG  D 4 1  ? -3.011  -5.854  -9.726  1.00 82.73  ? 10  DG  D "H1'"  1 
ATOM   1141 H  H8     . DG  D 4 1  ? -5.805  -6.976  -8.367  1.00 96.10  ? 10  DG  D H8     1 
ATOM   1142 H  H1     . DG  D 4 1  ? -1.298  -8.867  -4.675  1.00 93.71  ? 10  DG  D H1     1 
ATOM   1143 H  H21    . DG  D 4 1  ? 0.791   -8.239  -7.122  1.00 116.63 ? 10  DG  D H21    1 
ATOM   1144 H  H22    . DG  D 4 1  ? 0.670   -8.728  -5.719  1.00 116.63 ? 10  DG  D H22    1 
ATOM   1145 P  P      . DG  D 4 2  ? -2.935  -10.325 -13.132 1.00 91.17  ? 11  DG  D P      1 
ATOM   1146 O  OP1    . DG  D 4 2  ? -2.557  -10.418 -14.568 1.00 80.88  ? 11  DG  D OP1    1 
ATOM   1147 O  OP2    . DG  D 4 2  ? -4.234  -10.863 -12.657 1.00 78.16  ? 11  DG  D OP2    1 
ATOM   1148 O  "O5'"  . DG  D 4 2  ? -1.826  -11.000 -12.201 1.00 83.47  ? 11  DG  D "O5'"  1 
ATOM   1149 C  "C5'"  . DG  D 4 2  ? -0.468  -10.595 -12.325 1.00 86.92  ? 11  DG  D "C5'"  1 
ATOM   1150 C  "C4'"  . DG  D 4 2  ? 0.353   -11.175 -11.201 1.00 86.26  ? 11  DG  D "C4'"  1 
ATOM   1151 O  "O4'"  . DG  D 4 2  ? -0.218  -10.753 -9.950  1.00 95.25  ? 11  DG  D "O4'"  1 
ATOM   1152 C  "C3'"  . DG  D 4 2  ? 0.378   -12.692 -11.185 1.00 100.05 ? 11  DG  D "C3'"  1 
ATOM   1153 O  "O3'"  . DG  D 4 2  ? 1.645   -13.168 -11.639 1.00 108.14 ? 11  DG  D "O3'"  1 
ATOM   1154 C  "C2'"  . DG  D 4 2  ? 0.077   -13.096 -9.736  1.00 102.77 ? 11  DG  D "C2'"  1 
ATOM   1155 C  "C1'"  . DG  D 4 2  ? -0.174  -11.784 -8.998  1.00 87.32  ? 11  DG  D "C1'"  1 
ATOM   1156 N  N9     . DG  D 4 2  ? -1.435  -11.755 -8.274  1.00 81.85  ? 11  DG  D N9     1 
ATOM   1157 C  C8     . DG  D 4 2  ? -2.678  -11.506 -8.808  1.00 84.51  ? 11  DG  D C8     1 
ATOM   1158 N  N7     . DG  D 4 2  ? -3.635  -11.524 -7.922  1.00 85.64  ? 11  DG  D N7     1 
ATOM   1159 C  C5     . DG  D 4 2  ? -2.983  -11.804 -6.726  1.00 79.46  ? 11  DG  D C5     1 
ATOM   1160 C  C6     . DG  D 4 2  ? -3.507  -11.956 -5.423  1.00 91.18  ? 11  DG  D C6     1 
ATOM   1161 O  O6     . DG  D 4 2  ? -4.685  -11.866 -5.060  1.00 100.69 ? 11  DG  D O6     1 
ATOM   1162 N  N1     . DG  D 4 2  ? -2.511  -12.231 -4.490  1.00 92.70  ? 11  DG  D N1     1 
ATOM   1163 C  C2     . DG  D 4 2  ? -1.174  -12.346 -4.782  1.00 97.64  ? 11  DG  D C2     1 
ATOM   1164 N  N2     . DG  D 4 2  ? -0.369  -12.616 -3.744  1.00 94.28  ? 11  DG  D N2     1 
ATOM   1165 N  N3     . DG  D 4 2  ? -0.663  -12.211 -6.010  1.00 80.56  ? 11  DG  D N3     1 
ATOM   1166 C  C4     . DG  D 4 2  ? -1.627  -11.942 -6.926  1.00 75.02  ? 11  DG  D C4     1 
ATOM   1167 H  "H5'"  . DG  D 4 2  ? -0.417  -9.627  -12.294 1.00 104.57 ? 11  DG  D "H5'"  1 
ATOM   1168 H  "H5''" . DG  D 4 2  ? -0.117  -10.904 -13.174 1.00 104.57 ? 11  DG  D "H5''" 1 
ATOM   1169 H  "H4'"  . DG  D 4 2  ? 1.267   -10.851 -11.241 1.00 103.77 ? 11  DG  D "H4'"  1 
ATOM   1170 H  "H3'"  . DG  D 4 2  ? -0.341  -13.027 -11.743 1.00 120.31 ? 11  DG  D "H3'"  1 
ATOM   1171 H  "H2'"  . DG  D 4 2  ? -0.705  -13.666 -9.695  1.00 123.58 ? 11  DG  D "H2'"  1 
ATOM   1172 H  "H2''" . DG  D 4 2  ? 0.832   -13.566 -9.348  1.00 123.58 ? 11  DG  D "H2''" 1 
ATOM   1173 H  "H1'"  . DG  D 4 2  ? 0.569   -11.632 -8.394  1.00 105.04 ? 11  DG  D "H1'"  1 
ATOM   1174 H  H8     . DG  D 4 2  ? -2.821  -11.341 -9.712  1.00 101.67 ? 11  DG  D H8     1 
ATOM   1175 H  H1     . DG  D 4 2  ? -2.750  -12.337 -3.670  1.00 111.50 ? 11  DG  D H1     1 
ATOM   1176 H  H21    . DG  D 4 2  ? 0.478   -12.702 -3.868  1.00 113.40 ? 11  DG  D H21    1 
ATOM   1177 H  H22    . DG  D 4 2  ? -0.699  -12.703 -2.955  1.00 113.40 ? 11  DG  D H22    1 
ATOM   1178 P  P      . DA  D 4 3  ? 1.867   -14.736 -11.901 1.00 113.17 ? 12  DA  D P      1 
ATOM   1179 O  OP1    . DA  D 4 3  ? 3.116   -14.883 -12.692 1.00 95.59  ? 12  DA  D OP1    1 
ATOM   1180 O  OP2    . DA  D 4 3  ? 0.600   -15.288 -12.434 1.00 99.22  ? 12  DA  D OP2    1 
ATOM   1181 O  "O5'"  . DA  D 4 3  ? 2.083   -15.314 -10.425 1.00 90.21  ? 12  DA  D "O5'"  1 
ATOM   1182 C  "C5'"  . DA  D 4 3  ? 3.122   -14.787 -9.621  1.00 101.93 ? 12  DA  D "C5'"  1 
ATOM   1183 C  "C4'"  . DA  D 4 3  ? 3.105   -15.415 -8.251  1.00 107.52 ? 12  DA  D "C4'"  1 
ATOM   1184 O  "O4'"  . DA  D 4 3  ? 1.897   -15.022 -7.553  1.00 104.53 ? 12  DA  D "O4'"  1 
ATOM   1185 C  "C3'"  . DA  D 4 3  ? 3.115   -16.942 -8.272  1.00 125.95 ? 12  DA  D "C3'"  1 
ATOM   1186 O  "O3'"  . DA  D 4 3  ? 4.141   -17.441 -7.447  1.00 129.10 ? 12  DA  D "O3'"  1 
ATOM   1187 C  "C2'"  . DA  D 4 3  ? 1.723   -17.338 -7.777  1.00 118.60 ? 12  DA  D "C2'"  1 
ATOM   1188 C  "C1'"  . DA  D 4 3  ? 1.311   -16.145 -6.942  1.00 106.71 ? 12  DA  D "C1'"  1 
ATOM   1189 N  N9     . DA  D 4 3  ? -0.124  -15.942 -6.887  1.00 95.80  ? 12  DA  D N9     1 
ATOM   1190 C  C8     . DA  D 4 3  ? -0.969  -15.773 -7.945  1.00 95.91  ? 12  DA  D C8     1 
ATOM   1191 N  N7     . DA  D 4 3  ? -2.222  -15.600 -7.595  1.00 92.14  ? 12  DA  D N7     1 
ATOM   1192 C  C5     . DA  D 4 3  ? -2.192  -15.665 -6.212  1.00 93.21  ? 12  DA  D C5     1 
ATOM   1193 C  C6     . DA  D 4 3  ? -3.200  -15.554 -5.234  1.00 93.51  ? 12  DA  D C6     1 
ATOM   1194 N  N6     . DA  D 4 3  ? -4.480  -15.351 -5.532  1.00 87.58  ? 12  DA  D N6     1 
ATOM   1195 N  N1     . DA  D 4 3  ? -2.835  -15.661 -3.937  1.00 98.56  ? 12  DA  D N1     1 
ATOM   1196 C  C2     . DA  D 4 3  ? -1.541  -15.862 -3.648  1.00 111.90 ? 12  DA  D C2     1 
ATOM   1197 N  N3     . DA  D 4 3  ? -0.502  -15.979 -4.482  1.00 109.33 ? 12  DA  D N3     1 
ATOM   1198 C  C4     . DA  D 4 3  ? -0.903  -15.871 -5.760  1.00 95.81  ? 12  DA  D C4     1 
ATOM   1199 H  "H5'"  . DA  D 4 3  ? 3.006   -13.828 -9.536  1.00 122.58 ? 12  DA  D "H5'"  1 
ATOM   1200 H  "H5''" . DA  D 4 3  ? 3.976   -14.964 -10.046 1.00 122.58 ? 12  DA  D "H5''" 1 
ATOM   1201 H  "H4'"  . DA  D 4 3  ? 3.863   -15.101 -7.732  1.00 129.29 ? 12  DA  D "H4'"  1 
ATOM   1202 H  "H3'"  . DA  D 4 3  ? 3.230   -17.251 -9.183  1.00 151.41 ? 12  DA  D "H3'"  1 
ATOM   1203 H  "H2'"  . DA  D 4 3  ? 1.113   -17.476 -8.519  1.00 142.58 ? 12  DA  D "H2'"  1 
ATOM   1204 H  "H2''" . DA  D 4 3  ? 1.756   -18.147 -7.244  1.00 142.58 ? 12  DA  D "H2''" 1 
ATOM   1205 H  "H1'"  . DA  D 4 3  ? 1.654   -16.243 -6.039  1.00 128.32 ? 12  DA  D "H1'"  1 
ATOM   1206 H  H8     . DA  D 4 3  ? -0.684  -15.780 -8.830  1.00 115.35 ? 12  DA  D H8     1 
ATOM   1207 H  H61    . DA  D 4 3  ? -5.064  -15.290 -4.903  1.00 105.35 ? 12  DA  D H61    1 
ATOM   1208 H  H62    . DA  D 4 3  ? -4.726  -15.281 -6.353  1.00 105.35 ? 12  DA  D H62    1 
ATOM   1209 H  H2     . DA  D 4 3  ? -1.338  -15.929 -2.742  1.00 134.54 ? 12  DA  D H2     1 
ATOM   1210 P  P      . DA  D 4 4  ? 4.344   -19.022 -7.320  1.00 124.98 ? 13  DA  D P      1 
ATOM   1211 O  OP1    . DA  D 4 4  ? 5.774   -19.216 -6.985  1.00 122.68 ? 13  DA  D OP1    1 
ATOM   1212 O  OP2    . DA  D 4 4  ? 3.741   -19.637 -8.532  1.00 96.63  ? 13  DA  D OP2    1 
ATOM   1213 O  "O5'"  . DA  D 4 4  ? 3.436   -19.420 -6.064  1.00 98.77  ? 13  DA  D "O5'"  1 
ATOM   1214 C  "C5'"  . DA  D 4 4  ? 3.693   -18.837 -4.798  1.00 103.27 ? 13  DA  D "C5'"  1 
ATOM   1215 C  "C4'"  . DA  D 4 4  ? 2.564   -19.130 -3.836  1.00 117.30 ? 13  DA  D "C4'"  1 
ATOM   1216 O  "O4'"  . DA  D 4 4  ? 1.333   -18.620 -4.379  1.00 119.68 ? 13  DA  D "O4'"  1 
ATOM   1217 C  "C3'"  . DA  D 4 4  ? 2.308   -20.620 -3.589  1.00 130.74 ? 13  DA  D "C3'"  1 
ATOM   1218 O  "O3'"  . DA  D 4 4  ? 2.762   -21.009 -2.305  1.00 131.40 ? 13  DA  D "O3'"  1 
ATOM   1219 C  "C2'"  . DA  D 4 4  ? 0.787   -20.792 -3.740  1.00 123.26 ? 13  DA  D "C2'"  1 
ATOM   1220 C  "C1'"  . DA  D 4 4  ? 0.276   -19.370 -3.842  1.00 115.72 ? 13  DA  D "C1'"  1 
ATOM   1221 N  N9     . DA  D 4 4  ? -0.894  -19.220 -4.694  1.00 107.39 ? 13  DA  D N9     1 
ATOM   1222 C  C8     . DA  D 4 4  ? -0.926  -19.178 -6.060  1.00 105.31 ? 13  DA  D C8     1 
ATOM   1223 N  N7     . DA  D 4 4  ? -2.133  -19.017 -6.553  1.00 102.31 ? 13  DA  D N7     1 
ATOM   1224 C  C5     . DA  D 4 4  ? -2.944  -18.947 -5.430  1.00 100.85 ? 13  DA  D C5     1 
ATOM   1225 C  C6     . DA  D 4 4  ? -4.336  -18.782 -5.267  1.00 109.87 ? 13  DA  D C6     1 
ATOM   1226 N  N6     . DA  D 4 4  ? -5.188  -18.654 -6.291  1.00 109.62 ? 13  DA  D N6     1 
ATOM   1227 N  N1     . DA  D 4 4  ? -4.822  -18.754 -4.005  1.00 110.55 ? 13  DA  D N1     1 
ATOM   1228 C  C2     . DA  D 4 4  ? -3.967  -18.884 -2.985  1.00 110.88 ? 13  DA  D C2     1 
ATOM   1229 N  N3     . DA  D 4 4  ? -2.645  -19.046 -3.014  1.00 108.14 ? 13  DA  D N3     1 
ATOM   1230 C  C4     . DA  D 4 4  ? -2.194  -19.070 -4.279  1.00 104.11 ? 13  DA  D C4     1 
ATOM   1231 H  "H5'"  . DA  D 4 4  ? 3.786   -17.876 -4.901  1.00 124.18 ? 13  DA  D "H5'"  1 
ATOM   1232 H  "H5''" . DA  D 4 4  ? 4.520   -19.197 -4.442  1.00 124.18 ? 13  DA  D "H5''" 1 
ATOM   1233 H  "H4'"  . DA  D 4 4  ? 2.744   -18.693 -2.989  1.00 141.02 ? 13  DA  D "H4'"  1 
ATOM   1234 H  "H3'"  . DA  D 4 4  ? 2.758   -21.129 -4.282  1.00 157.15 ? 13  DA  D "H3'"  1 
ATOM   1235 H  "H2'"  . DA  D 4 4  ? 0.571   -21.298 -4.539  1.00 148.18 ? 13  DA  D "H2'"  1 
ATOM   1236 H  "H2''" . DA  D 4 4  ? 0.410   -21.244 -2.969  1.00 148.18 ? 13  DA  D "H2''" 1 
ATOM   1237 H  "H1'"  . DA  D 4 4  ? 0.058   -19.038 -2.957  1.00 139.13 ? 13  DA  D "H1'"  1 
ATOM   1238 H  H8     . DA  D 4 4  ? -0.166  -19.257 -6.590  1.00 126.64 ? 13  DA  D H8     1 
ATOM   1239 H  H61    . DA  D 4 4  ? -6.028  -18.555 -6.142  1.00 131.80 ? 13  DA  D H61    1 
ATOM   1240 H  H62    . DA  D 4 4  ? -4.894  -18.670 -7.099  1.00 131.80 ? 13  DA  D H62    1 
ATOM   1241 H  H2     . DA  D 4 4  ? -4.349  -18.857 -2.136  1.00 133.31 ? 13  DA  D H2     1 
ATOM   1242 P  P      . DT  D 4 5  ? 2.788   -22.569 -1.929  1.00 121.90 ? 14  DT  D P      1 
ATOM   1243 O  OP1    . DT  D 4 5  ? 3.683   -22.758 -0.765  1.00 118.88 ? 14  DT  D OP1    1 
ATOM   1244 O  OP2    . DT  D 4 5  ? 2.994   -23.323 -3.188  1.00 96.20  ? 14  DT  D OP2    1 
ATOM   1245 O  "O5'"  . DT  D 4 5  ? 1.316   -22.850 -1.417  1.00 99.47  ? 14  DT  D "O5'"  1 
ATOM   1246 C  "C5'"  . DT  D 4 5  ? 1.043   -22.700 -0.066  1.00 98.59  ? 14  DT  D "C5'"  1 
ATOM   1247 C  "C4'"  . DT  D 4 5  ? -0.437  -22.771 0.182   1.00 115.05 ? 14  DT  D "C4'"  1 
ATOM   1248 O  "O4'"  . DT  D 4 5  ? -1.146  -22.242 -0.957  1.00 118.50 ? 14  DT  D "O4'"  1 
ATOM   1249 C  "C3'"  . DT  D 4 5  ? -0.968  -24.189 0.371   1.00 126.83 ? 14  DT  D "C3'"  1 
ATOM   1250 O  "O3'"  . DT  D 4 5  ? -1.124  -24.454 1.782   1.00 128.49 ? 14  DT  D "O3'"  1 
ATOM   1251 C  "C2'"  . DT  D 4 5  ? -2.281  -24.225 -0.458  1.00 130.24 ? 14  DT  D "C2'"  1 
ATOM   1252 C  "C1'"  . DT  D 4 5  ? -2.441  -22.793 -0.954  1.00 120.81 ? 14  DT  D "C1'"  1 
ATOM   1253 N  N1     . DT  D 4 5  ? -3.048  -22.656 -2.338  1.00 114.53 ? 14  DT  D N1     1 
ATOM   1254 C  C2     . DT  D 4 5  ? -4.392  -22.367 -2.453  1.00 115.11 ? 14  DT  D C2     1 
ATOM   1255 O  O2     . DT  D 4 5  ? -5.131  -22.233 -1.495  1.00 117.28 ? 14  DT  D O2     1 
ATOM   1256 N  N3     . DT  D 4 5  ? -4.847  -22.249 -3.739  1.00 110.15 ? 14  DT  D N3     1 
ATOM   1257 C  C4     . DT  D 4 5  ? -4.109  -22.382 -4.898  1.00 104.41 ? 14  DT  D C4     1 
ATOM   1258 O  O4     . DT  D 4 5  ? -4.609  -22.261 -6.010  1.00 103.51 ? 14  DT  D O4     1 
ATOM   1259 C  C5     . DT  D 4 5  ? -2.713  -22.675 -4.715  1.00 101.08 ? 14  DT  D C5     1 
ATOM   1260 C  C7     . DT  D 4 5  ? -1.826  -22.836 -5.911  1.00 104.43 ? 14  DT  D C7     1 
ATOM   1261 C  C6     . DT  D 4 5  ? -2.249  -22.796 -3.458  1.00 105.64 ? 14  DT  D C6     1 
ATOM   1262 H  "H5'"  . DT  D 4 5  ? 1.378   -21.840 0.236   1.00 118.56 ? 14  DT  D "H5'"  1 
ATOM   1263 H  "H5''" . DT  D 4 5  ? 1.487   -23.404 0.432   1.00 118.56 ? 14  DT  D "H5''" 1 
ATOM   1264 H  "H4'"  . DT  D 4 5  ? -0.660  -22.235 0.958   1.00 138.31 ? 14  DT  D "H4'"  1 
ATOM   1265 H  "H3'"  . DT  D 4 5  ? -0.371  -24.846 -0.023  1.00 152.46 ? 14  DT  D "H3'"  1 
ATOM   1266 H  "H2'"  . DT  D 4 5  ? -2.205  -24.843 -1.202  1.00 156.54 ? 14  DT  D "H2'"  1 
ATOM   1267 H  "H2''" . DT  D 4 5  ? -3.034  -24.486 0.094   1.00 156.54 ? 14  DT  D "H2''" 1 
ATOM   1268 H  "H1'"  . DT  D 4 5  ? -3.005  -22.303 -0.336  1.00 145.23 ? 14  DT  D "H1'"  1 
ATOM   1269 H  H3     . DT  D 4 5  ? -5.684  -22.073 -3.835  1.00 132.44 ? 14  DT  D H3     1 
ATOM   1270 H  H71    . DT  D 4 5  ? -2.120  -23.607 -6.421  1.00 125.58 ? 14  DT  D H71    1 
ATOM   1271 H  H72    . DT  D 4 5  ? -1.884  -22.036 -6.457  1.00 125.58 ? 14  DT  D H72    1 
ATOM   1272 H  H73    . DT  D 4 5  ? -0.913  -22.966 -5.611  1.00 125.58 ? 14  DT  D H73    1 
ATOM   1273 H  H6     . DT  D 4 5  ? -1.346  -22.982 -3.337  1.00 127.03 ? 14  DT  D H6     1 
ATOM   1274 P  P      . DT  D 4 6  ? -2.384  -25.254 2.370   1.00 137.82 ? 15  DT  D P      1 
ATOM   1275 O  OP1    . DT  D 4 6  ? -2.094  -25.523 3.799   1.00 126.30 ? 15  DT  D OP1    1 
ATOM   1276 O  OP2    . DT  D 4 6  ? -2.699  -26.353 1.427   1.00 132.26 ? 15  DT  D OP2    1 
ATOM   1277 O  "O5'"  . DT  D 4 6  ? -3.574  -24.191 2.285   1.00 135.27 ? 15  DT  D "O5'"  1 
ATOM   1278 C  "C5'"  . DT  D 4 6  ? -4.701  -24.314 3.128   1.00 132.97 ? 15  DT  D "C5'"  1 
ATOM   1279 C  "C4'"  . DT  D 4 6  ? -5.881  -24.912 2.382   1.00 135.89 ? 15  DT  D "C4'"  1 
ATOM   1280 O  "O4'"  . DT  D 4 6  ? -5.813  -24.562 0.979   1.00 134.83 ? 15  DT  D "O4'"  1 
ATOM   1281 C  "C3'"  . DT  D 4 6  ? -5.952  -26.440 2.392   1.00 142.63 ? 15  DT  D "C3'"  1 
ATOM   1282 O  "O3'"  . DT  D 4 6  ? -6.794  -26.924 3.474   1.00 144.13 ? 15  DT  D "O3'"  1 
ATOM   1283 C  "C2'"  . DT  D 4 6  ? -6.494  -26.803 0.991   1.00 136.35 ? 15  DT  D "C2'"  1 
ATOM   1284 C  "C1'"  . DT  D 4 6  ? -6.663  -25.449 0.292   1.00 132.24 ? 15  DT  D "C1'"  1 
ATOM   1285 N  N1     . DT  D 4 6  ? -6.324  -25.476 -1.184  1.00 123.01 ? 15  DT  D N1     1 
ATOM   1286 C  C2     . DT  D 4 6  ? -7.281  -25.091 -2.103  1.00 120.64 ? 15  DT  D C2     1 
ATOM   1287 O  O2     . DT  D 4 6  ? -8.390  -24.699 -1.789  1.00 116.10 ? 15  DT  D O2     1 
ATOM   1288 N  N3     . DT  D 4 6  ? -6.891  -25.173 -3.413  1.00 115.77 ? 15  DT  D N3     1 
ATOM   1289 C  C4     . DT  D 4 6  ? -5.670  -25.602 -3.896  1.00 115.48 ? 15  DT  D C4     1 
ATOM   1290 O  O4     . DT  D 4 6  ? -5.418  -25.639 -5.098  1.00 107.43 ? 15  DT  D O4     1 
ATOM   1291 C  C5     . DT  D 4 6  ? -4.711  -26.005 -2.886  1.00 117.22 ? 15  DT  D C5     1 
ATOM   1292 C  C7     . DT  D 4 6  ? -3.346  -26.489 -3.292  1.00 111.49 ? 15  DT  D C7     1 
ATOM   1293 C  C6     . DT  D 4 6  ? -5.081  -25.927 -1.593  1.00 116.64 ? 15  DT  D C6     1 
ATOM   1294 H  "H5'"  . DT  D 4 6  ? -4.946  -23.438 3.463   1.00 159.82 ? 15  DT  D "H5'"  1 
ATOM   1295 H  "H5''" . DT  D 4 6  ? -4.476  -24.887 3.878   1.00 159.82 ? 15  DT  D "H5''" 1 
ATOM   1296 H  "H4'"  . DT  D 4 6  ? -6.694  -24.546 2.764   1.00 163.33 ? 15  DT  D "H4'"  1 
ATOM   1297 H  "H3'"  . DT  D 4 6  ? -5.059  -26.804 2.488   1.00 171.41 ? 15  DT  D "H3'"  1 
ATOM   1298 H  "H2'"  . DT  D 4 6  ? -5.866  -27.364 0.510   1.00 163.88 ? 15  DT  D "H2'"  1 
ATOM   1299 H  "H2''" . DT  D 4 6  ? -7.344  -27.266 1.057   1.00 163.88 ? 15  DT  D "H2''" 1 
ATOM   1300 H  "H1'"  . DT  D 4 6  ? -7.575  -25.131 0.377   1.00 158.94 ? 15  DT  D "H1'"  1 
ATOM   1301 H  H3     . DT  D 4 6  ? -7.471  -24.930 -4.001  1.00 139.18 ? 15  DT  D H3     1 
ATOM   1302 H  H71    . DT  D 4 6  ? -3.443  -27.163 -3.982  1.00 134.04 ? 15  DT  D H71    1 
ATOM   1303 H  H72    . DT  D 4 6  ? -2.833  -25.739 -3.632  1.00 134.04 ? 15  DT  D H72    1 
ATOM   1304 H  H73    . DT  D 4 6  ? -2.903  -26.868 -2.518  1.00 134.04 ? 15  DT  D H73    1 
ATOM   1305 H  H6     . DT  D 4 6  ? -4.471  -26.191 -0.942  1.00 140.23 ? 15  DT  D H6     1 
ATOM   1306 P  P      . DC  D 4 7  ? -8.400  -26.805 3.413   1.00 148.56 ? 16  DC  D P      1 
ATOM   1307 O  OP1    . DC  D 4 7  ? -8.763  -25.625 2.600   1.00 141.26 ? 16  DC  D OP1    1 
ATOM   1308 O  OP2    . DC  D 4 7  ? -8.900  -26.944 4.799   1.00 141.37 ? 16  DC  D OP2    1 
ATOM   1309 O  "O5'"  . DC  D 4 7  ? -8.861  -28.102 2.602   1.00 134.80 ? 16  DC  D "O5'"  1 
ATOM   1310 C  "C5'"  . DC  D 4 7  ? -10.250 -28.411 2.485   1.00 137.86 ? 16  DC  D "C5'"  1 
ATOM   1311 C  "C4'"  . DC  D 4 7  ? -10.998 -27.316 1.745   1.00 129.65 ? 16  DC  D "C4'"  1 
ATOM   1312 O  "O4'"  . DC  D 4 7  ? -10.225 -26.911 0.583   1.00 129.08 ? 16  DC  D "O4'"  1 
ATOM   1313 C  "C3'"  . DC  D 4 7  ? -12.372 -27.722 1.216   1.00 130.85 ? 16  DC  D "C3'"  1 
ATOM   1314 O  "O3'"  . DC  D 4 7  ? -13.304 -26.658 1.375   1.00 128.66 ? 16  DC  D "O3'"  1 
ATOM   1315 C  "C2'"  . DC  D 4 7  ? -12.103 -28.057 -0.251  1.00 121.10 ? 16  DC  D "C2'"  1 
ATOM   1316 C  "C1'"  . DC  D 4 7  ? -10.981 -27.094 -0.603  1.00 127.27 ? 16  DC  D "C1'"  1 
ATOM   1317 N  N1     . DC  D 4 7  ? -10.050 -27.565 -1.685  1.00 119.12 ? 16  DC  D N1     1 
ATOM   1318 C  C2     . DC  D 4 7  ? -10.435 -27.476 -3.031  1.00 117.68 ? 16  DC  D C2     1 
ATOM   1319 O  O2     . DC  D 4 7  ? -11.559 -27.046 -3.309  1.00 117.84 ? 16  DC  D O2     1 
ATOM   1320 N  N3     . DC  D 4 7  ? -9.562  -27.876 -3.992  1.00 110.74 ? 16  DC  D N3     1 
ATOM   1321 C  C4     . DC  D 4 7  ? -8.359  -28.337 -3.651  1.00 111.25 ? 16  DC  D C4     1 
ATOM   1322 N  N4     . DC  D 4 7  ? -7.536  -28.723 -4.628  1.00 108.91 ? 16  DC  D N4     1 
ATOM   1323 C  C5     . DC  D 4 7  ? -7.946  -28.425 -2.291  1.00 118.21 ? 16  DC  D C5     1 
ATOM   1324 C  C6     . DC  D 4 7  ? -8.811  -28.023 -1.351  1.00 119.81 ? 16  DC  D C6     1 
ATOM   1325 H  "H5'"  . DC  D 4 7  ? -10.628 -28.510 3.373   1.00 165.70 ? 16  DC  D "H5'"  1 
ATOM   1326 H  "H5''" . DC  D 4 7  ? -10.351 -29.246 2.004   1.00 165.70 ? 16  DC  D "H5''" 1 
ATOM   1327 H  "H4'"  . DC  D 4 7  ? -11.105 -26.550 2.329   1.00 155.84 ? 16  DC  D "H4'"  1 
ATOM   1328 H  "H3'"  . DC  D 4 7  ? -12.687 -28.515 1.678   1.00 157.28 ? 16  DC  D "H3'"  1 
ATOM   1329 H  "HO3'" . DC  D 4 7  ? -13.686 -26.331 0.703   1.00 154.65 ? 16  DC  D "HO3'" 1 
ATOM   1330 H  "H2'"  . DC  D 4 7  ? -11.823 -28.979 -0.359  1.00 145.58 ? 16  DC  D "H2'"  1 
ATOM   1331 H  "H2''" . DC  D 4 7  ? -12.888 -27.899 -0.799  1.00 145.58 ? 16  DC  D "H2''" 1 
ATOM   1332 H  "H1'"  . DC  D 4 7  ? -11.378 -26.255 -0.881  1.00 152.98 ? 16  DC  D "H1'"  1 
ATOM   1333 H  H41    . DC  D 4 7  ? -6.753  -29.025 -4.438  1.00 130.95 ? 16  DC  D H41    1 
ATOM   1334 H  H42    . DC  D 4 7  ? -7.788  -28.670 -5.449  1.00 130.95 ? 16  DC  D H42    1 
ATOM   1335 H  H5     . DC  D 4 7  ? -7.105  -28.749 -2.063  1.00 142.11 ? 16  DC  D H5     1 
ATOM   1336 H  H6     . DC  D 4 7  ? -8.562  -28.059 -0.456  1.00 144.03 ? 16  DC  D H6     1 
HETATM 1337 N  N1     . DAP E 5 .  ? 10.179  17.049  7.037   1.00 110.31 ? 101 DAP A N1     1 
HETATM 1338 C  C2     . DAP E 5 .  ? 11.523  17.387  6.898   1.00 105.52 ? 101 DAP A C2     1 
HETATM 1339 C  C3     . DAP E 5 .  ? 12.213  16.660  7.845   1.00 105.63 ? 101 DAP A C3     1 
HETATM 1340 C  C4     . DAP E 5 .  ? 11.483  14.879  9.572   1.00 99.69  ? 101 DAP A C4     1 
HETATM 1341 C  C5     . DAP E 5 .  ? 10.415  14.182  10.071  1.00 104.10 ? 101 DAP A C5     1 
HETATM 1342 C  C6     . DAP E 5 .  ? 9.102   14.399  9.559   1.00 95.87  ? 101 DAP A C6     1 
HETATM 1343 C  C7     . DAP E 5 .  ? 8.916   15.330  8.551   1.00 100.37 ? 101 DAP A C7     1 
HETATM 1344 C  C8     . DAP E 5 .  ? 10.049  16.058  8.032   1.00 105.91 ? 101 DAP A C8     1 
HETATM 1345 C  C9     . DAP E 5 .  ? 11.301  15.834  8.528   1.00 98.91  ? 101 DAP A C9     1 
HETATM 1346 C  C10    . DAP E 5 .  ? 7.970   13.550  10.207  1.00 95.60  ? 101 DAP A C10    1 
HETATM 1347 N  N2     . DAP E 5 .  ? 8.119   12.956  11.602  1.00 95.94  ? 101 DAP A N2     1 
HETATM 1348 N  N3     . DAP E 5 .  ? 6.914   13.352  9.540   1.00 103.96 ? 101 DAP A N3     1 
HETATM 1349 C  "C1'"  . DAP E 5 .  ? 11.975  18.380  6.044   1.00 106.21 ? 101 DAP A "C1'"  1 
HETATM 1350 C  "C2'"  . DAP E 5 .  ? 13.345  18.732  5.945   1.00 106.19 ? 101 DAP A "C2'"  1 
HETATM 1351 C  "C3'"  . DAP E 5 .  ? 13.731  19.774  5.120   1.00 119.37 ? 101 DAP A "C3'"  1 
HETATM 1352 C  "C4'"  . DAP E 5 .  ? 12.757  20.511  4.383   1.00 119.18 ? 101 DAP A "C4'"  1 
HETATM 1353 C  "C5'"  . DAP E 5 .  ? 11.396  20.170  4.516   1.00 111.83 ? 101 DAP A "C5'"  1 
HETATM 1354 C  "C6'"  . DAP E 5 .  ? 11.022  19.136  5.342   1.00 109.19 ? 101 DAP A "C6'"  1 
HETATM 1355 C  C11    . DAP E 5 .  ? 13.101  21.734  3.451   1.00 118.88 ? 101 DAP A C11    1 
HETATM 1356 N  N4     . DAP E 5 .  ? 12.711  21.790  2.013   1.00 120.99 ? 101 DAP A N4     1 
HETATM 1357 N  N5     . DAP E 5 .  ? 13.687  22.777  3.932   1.00 130.65 ? 101 DAP A N5     1 
HETATM 1358 H  HN1    . DAP E 5 .  ? 9.411   17.454  6.502   1.00 132.64 ? 101 DAP A HN1    1 
HETATM 1359 H  H3     . DAP E 5 .  ? 13.308  16.716  8.038   1.00 127.02 ? 101 DAP A H3     1 
HETATM 1360 H  H4     . DAP E 5 .  ? 12.478  14.704  9.976   1.00 119.89 ? 101 DAP A H4     1 
HETATM 1361 H  H5     . DAP E 5 .  ? 10.562  13.500  10.815  1.00 125.18 ? 101 DAP A H5     1 
HETATM 1362 H  H7     . DAP E 5 .  ? 7.907   15.514  8.147   1.00 120.71 ? 101 DAP A H7     1 
HETATM 1363 H  HN2    . DAP E 5 .  ? 8.971   13.129  12.158  1.00 115.39 ? 101 DAP A HN2    1 
HETATM 1364 H  HN31   . DAP E 5 .  ? 6.825   13.758  8.578   1.00 125.01 ? 101 DAP A HN31   1 
HETATM 1365 H  HN32   . DAP E 5 .  ? 7.329   12.384  12.035  1.00 115.39 ? 101 DAP A HN32   1 
HETATM 1366 H  "H2'"  . DAP E 5 .  ? 14.087  18.187  6.515   1.00 127.69 ? 101 DAP A "H2'"  1 
HETATM 1367 H  "H3'"  . DAP E 5 .  ? 14.840  20.045  5.028   1.00 143.50 ? 101 DAP A "H3'"  1 
HETATM 1368 H  "H5'"  . DAP E 5 .  ? 10.696  20.683  4.007   1.00 134.46 ? 101 DAP A "H5'"  1 
HETATM 1369 H  "H6'"  . DAP E 5 .  ? 9.948   18.893  5.458   1.00 131.28 ? 101 DAP A "H6'"  1 
HETATM 1370 H  HN4    . DAP E 5 .  ? 12.247  21.033  1.620   1.00 145.44 ? 101 DAP A HN4    1 
HETATM 1371 H  HN51   . DAP E 5 .  ? 13.958  22.807  4.868   1.00 157.04 ? 101 DAP A HN51   1 
HETATM 1372 H  HN52   . DAP E 5 .  ? 12.928  22.572  1.468   1.00 145.44 ? 101 DAP A HN52   1 
HETATM 1373 AS AS     . CAC F 6 .  ? 8.725   5.223   15.447  1.00 119.63 ? 101 CAC C AS     1 
HETATM 1374 N  N1     . DAP G 5 .  ? -5.511  -20.773 0.470   1.00 130.54 ? 101 DAP D N1     1 
HETATM 1375 C  C2     . DAP G 5 .  ? -6.398  -20.988 1.506   1.00 129.07 ? 101 DAP D C2     1 
HETATM 1376 C  C3     . DAP G 5 .  ? -5.779  -20.586 2.663   1.00 125.28 ? 101 DAP D C3     1 
HETATM 1377 C  C4     . DAP G 5 .  ? -3.412  -19.599 3.134   1.00 122.51 ? 101 DAP D C4     1 
HETATM 1378 C  C5     . DAP G 5 .  ? -2.234  -19.219 2.552   1.00 119.42 ? 101 DAP D C5     1 
HETATM 1379 C  C6     . DAP G 5 .  ? -2.058  -19.341 1.139   1.00 124.24 ? 101 DAP D C6     1 
HETATM 1380 C  C7     . DAP G 5 .  ? -3.092  -19.843 0.377   1.00 125.76 ? 101 DAP D C7     1 
HETATM 1381 C  C8     . DAP G 5 .  ? -4.327  -20.244 0.991   1.00 129.40 ? 101 DAP D C8     1 
HETATM 1382 C  C9     . DAP G 5 .  ? -4.489  -20.127 2.338   1.00 126.93 ? 101 DAP D C9     1 
HETATM 1383 C  C10    . DAP G 5 .  ? -0.696  -18.905 0.520   1.00 124.49 ? 101 DAP D C10    1 
HETATM 1384 N  N2     . DAP G 5 .  ? 0.535   -19.706 0.820   1.00 125.60 ? 101 DAP D N2     1 
HETATM 1385 N  N3     . DAP G 5 .  ? -0.589  -17.895 -0.235  1.00 121.78 ? 101 DAP D N3     1 
HETATM 1386 C  "C1'"  . DAP G 5 .  ? -7.675  -21.484 1.314   1.00 128.92 ? 101 DAP D "C1'"  1 
HETATM 1387 C  "C2'"  . DAP G 5 .  ? -8.666  -21.286 2.298   1.00 128.59 ? 101 DAP D "C2'"  1 
HETATM 1388 C  "C3'"  . DAP G 5 .  ? -9.935  -21.757 2.103   1.00 129.83 ? 101 DAP D "C3'"  1 
HETATM 1389 C  "C4'"  . DAP G 5 .  ? -10.263 -22.431 0.912   1.00 133.00 ? 101 DAP D "C4'"  1 
HETATM 1390 C  "C5'"  . DAP G 5 .  ? -9.281  -22.617 -0.069  1.00 130.41 ? 101 DAP D "C5'"  1 
HETATM 1391 C  "C6'"  . DAP G 5 .  ? -8.009  -22.147 0.130   1.00 132.47 ? 101 DAP D "C6'"  1 
HETATM 1392 C  C11    . DAP G 5 .  ? -11.706 -22.972 0.661   1.00 137.89 ? 101 DAP D C11    1 
HETATM 1393 N  N4     . DAP G 5 .  ? -12.216 -23.121 -0.741  1.00 122.70 ? 101 DAP D N4     1 
HETATM 1394 N  N5     . DAP G 5 .  ? -12.451 -23.282 1.660   1.00 145.97 ? 101 DAP D N5     1 
HETATM 1395 H  HN1    . DAP G 5 .  ? -5.693  -20.969 -0.515  1.00 156.90 ? 101 DAP D HN1    1 
HETATM 1396 H  H3     . DAP G 5 .  ? -6.223  -20.617 3.684   1.00 150.60 ? 101 DAP D H3     1 
HETATM 1397 H  H4     . DAP G 5 .  ? -3.536  -19.500 4.211   1.00 147.27 ? 101 DAP D H4     1 
HETATM 1398 H  H5     . DAP G 5 .  ? -1.478  -18.848 3.130   1.00 143.56 ? 101 DAP D H5     1 
HETATM 1399 H  H7     . DAP G 5 .  ? -2.971  -19.938 -0.714  1.00 151.17 ? 101 DAP D H7     1 
HETATM 1400 H  HN2    . DAP G 5 .  ? 0.471   -20.534 1.432   1.00 150.98 ? 101 DAP D HN2    1 
HETATM 1401 H  HN31   . DAP G 5 .  ? -1.430  -17.317 -0.465  1.00 146.40 ? 101 DAP D HN31   1 
HETATM 1402 H  HN32   . DAP G 5 .  ? 1.475   -19.423 0.402   1.00 150.98 ? 101 DAP D HN32   1 
HETATM 1403 H  "H2'"  . DAP G 5 .  ? -8.422  -20.759 3.211   1.00 154.56 ? 101 DAP D "H2'"  1 
HETATM 1404 H  "H3'"  . DAP G 5 .  ? -10.732 -21.601 2.913   1.00 156.06 ? 101 DAP D "H3'"  1 
HETATM 1405 H  "H5'"  . DAP G 5 .  ? -9.509  -23.098 -0.924  1.00 156.75 ? 101 DAP D "H5'"  1 
HETATM 1406 H  "H6'"  . DAP G 5 .  ? -7.238  -22.290 -0.652  1.00 159.23 ? 101 DAP D "H6'"  1 
HETATM 1407 H  HN4    . DAP G 5 .  ? -13.125 -23.460 -0.899  1.00 147.50 ? 101 DAP D HN4    1 
HETATM 1408 H  HN51   . DAP G 5 .  ? -13.354 -23.620 1.513   1.00 175.43 ? 101 DAP D HN51   1 
HETATM 1409 H  HN52   . DAP G 5 .  ? -11.646 -22.883 -1.497  1.00 147.50 ? 101 DAP D HN52   1 
# 
loop_
_pdbx_poly_seq_scheme.asym_id 
_pdbx_poly_seq_scheme.entity_id 
_pdbx_poly_seq_scheme.seq_id 
_pdbx_poly_seq_scheme.mon_id 
_pdbx_poly_seq_scheme.ndb_seq_num 
_pdbx_poly_seq_scheme.pdb_seq_num 
_pdbx_poly_seq_scheme.auth_seq_num 
_pdbx_poly_seq_scheme.pdb_mon_id 
_pdbx_poly_seq_scheme.auth_mon_id 
_pdbx_poly_seq_scheme.pdb_strand_id 
_pdbx_poly_seq_scheme.pdb_ins_code 
_pdbx_poly_seq_scheme.hetero 
A 1 1  DG 1  1  1  DG DG A . n 
A 1 2  DA 2  2  2  DA DA A . n 
A 1 3  DG 3  3  3  DG DG A . n 
A 1 4  DA 4  4  4  DA DA A . n 
A 1 5  DA 5  5  5  DA DA A . n 
A 1 6  DT 6  6  6  DT DT A . n 
A 1 7  DT 7  7  7  DT DT A . n 
A 1 8  DC 8  8  8  DC DC A . n 
A 1 9  DC 9  9  9  DC DC A . n 
A 1 10 DT 10 10 10 DT DT A . n 
A 1 11 DG 11 11 11 DG DG A . n 
A 1 12 DA 12 12 12 DA DA A . n 
A 1 13 DC 13 13 13 DC DC A . n 
A 1 14 DG 14 14 14 DG DG A . n 
A 1 15 DA 15 15 15 DA DA A . n 
A 1 16 DC 16 16 16 DC DC A . n 
A 1 17 DA 17 17 17 DA DA A . n 
A 1 18 DA 18 18 18 DA DA A . n 
A 1 19 DT 19 19 19 DT DT A . n 
A 1 20 DT 20 20 20 DT DT A . n 
A 1 21 DA 21 21 21 DA DA A . n 
B 2 1  DC 1  1  1  DC DC B . n 
B 2 2  DG 2  2  2  DG DG B . n 
B 2 3  DT 3  3  3  DT DT B . n 
B 2 4  DC 4  4  4  DC DC B . n 
B 2 5  DA 5  5  5  DA DA B . n 
C 3 1  DT 1  1  1  DT DT C . n 
C 3 2  DC 2  2  2  DC DC C . n 
C 3 3  DT 3  3  3  DT DT C . n 
C 3 4  DA 4  4  4  DA DA C . n 
C 3 5  DA 5  5  5  DA DA C . n 
C 3 6  DT 6  6  6  DT DT C . n 
C 3 7  DT 7  7  7  DT DT C . n 
C 3 8  DG 8  8  8  DG DG C . n 
C 3 9  DT 9  9  9  DT DT C . n 
D 4 1  DG 1  10 10 DG DG D . n 
D 4 2  DG 2  11 11 DG DG D . n 
D 4 3  DA 3  12 12 DA DA D . n 
D 4 4  DA 4  13 13 DA DA D . n 
D 4 5  DT 5  14 14 DT DT D . n 
D 4 6  DT 6  15 15 DT DT D . n 
D 4 7  DC 7  16 16 DC DC D . n 
# 
_pdbx_contact_author.id                 2 
_pdbx_contact_author.email              hao.yan@asu.edu 
_pdbx_contact_author.name_first         Hao 
_pdbx_contact_author.name_last          Yan 
_pdbx_contact_author.name_mi            ? 
_pdbx_contact_author.role               'principal investigator/group leader' 
_pdbx_contact_author.identifier_ORCID   0000-0001-7397-9852 
# 
loop_
_pdbx_nonpoly_scheme.asym_id 
_pdbx_nonpoly_scheme.entity_id 
_pdbx_nonpoly_scheme.mon_id 
_pdbx_nonpoly_scheme.ndb_seq_num 
_pdbx_nonpoly_scheme.pdb_seq_num 
_pdbx_nonpoly_scheme.auth_seq_num 
_pdbx_nonpoly_scheme.pdb_mon_id 
_pdbx_nonpoly_scheme.auth_mon_id 
_pdbx_nonpoly_scheme.pdb_strand_id 
_pdbx_nonpoly_scheme.pdb_ins_code 
E 5 DAP 1 101 101 DAP DAP A . 
F 6 CAC 1 101 1   CAC AS  C . 
G 5 DAP 1 101 101 DAP DAP D . 
# 
_pdbx_struct_assembly.id                   1 
_pdbx_struct_assembly.details              author_defined_assembly 
_pdbx_struct_assembly.method_details       ? 
_pdbx_struct_assembly.oligomeric_details   tetrameric 
_pdbx_struct_assembly.oligomeric_count     4 
# 
_pdbx_struct_assembly_gen.assembly_id       1 
_pdbx_struct_assembly_gen.oper_expression   1 
_pdbx_struct_assembly_gen.asym_id_list      A,B,C,D,E,F,G 
# 
_pdbx_struct_oper_list.id                   1 
_pdbx_struct_oper_list.type                 'identity operation' 
_pdbx_struct_oper_list.name                 1_555 
_pdbx_struct_oper_list.symmetry_operation   x,y,z 
_pdbx_struct_oper_list.matrix[1][1]         1.0000000000 
_pdbx_struct_oper_list.matrix[1][2]         0.0000000000 
_pdbx_struct_oper_list.matrix[1][3]         0.0000000000 
_pdbx_struct_oper_list.vector[1]            0.0000000000 
_pdbx_struct_oper_list.matrix[2][1]         0.0000000000 
_pdbx_struct_oper_list.matrix[2][2]         1.0000000000 
_pdbx_struct_oper_list.matrix[2][3]         0.0000000000 
_pdbx_struct_oper_list.vector[2]            0.0000000000 
_pdbx_struct_oper_list.matrix[3][1]         0.0000000000 
_pdbx_struct_oper_list.matrix[3][2]         0.0000000000 
_pdbx_struct_oper_list.matrix[3][3]         1.0000000000 
_pdbx_struct_oper_list.vector[3]            0.0000000000 
# 
_pdbx_audit_revision_history.ordinal             1 
_pdbx_audit_revision_history.data_content_type   'Structure model' 
_pdbx_audit_revision_history.major_revision      1 
_pdbx_audit_revision_history.minor_revision      0 
_pdbx_audit_revision_history.revision_date       2023-12-20 
# 
_pdbx_audit_revision_details.ordinal             1 
_pdbx_audit_revision_details.revision_ordinal    1 
_pdbx_audit_revision_details.data_content_type   'Structure model' 
_pdbx_audit_revision_details.provider            repository 
_pdbx_audit_revision_details.type                'Initial release' 
_pdbx_audit_revision_details.description         ? 
_pdbx_audit_revision_details.details             ? 
# 
loop_
_software.citation_id 
_software.classification 
_software.compiler_name 
_software.compiler_version 
_software.contact_author 
_software.contact_author_email 
_software.date 
_software.description 
_software.dependencies 
_software.hardware 
_software.language 
_software.location 
_software.mods 
_software.name 
_software.os 
_software.os_version 
_software.type 
_software.version 
_software.pdbx_ordinal 
? refinement       ? ? ? ? ? ? ? ? ? ? ? PHENIX   ? ? ? '(1.19.2_4158: ???)' 1 
? 'data scaling'   ? ? ? ? ? ? ? ? ? ? ? HKL-2000 ? ? ? .                    2 
? 'data reduction' ? ? ? ? ? ? ? ? ? ? ? HKL-2000 ? ? ? .                    3 
? phasing          ? ? ? ? ? ? ? ? ? ? ? PHASER   ? ? ? .                    4 
# 
_pdbx_entry_details.entry_id                 8T7X 
_pdbx_entry_details.has_ligand_of_interest   N 
_pdbx_entry_details.compound_details         ? 
_pdbx_entry_details.source_details           ? 
_pdbx_entry_details.nonpolymer_details       ? 
_pdbx_entry_details.sequence_details         ? 
# 
loop_
_pdbx_validate_symm_contact.id 
_pdbx_validate_symm_contact.PDB_model_num 
_pdbx_validate_symm_contact.auth_atom_id_1 
_pdbx_validate_symm_contact.auth_asym_id_1 
_pdbx_validate_symm_contact.auth_comp_id_1 
_pdbx_validate_symm_contact.auth_seq_id_1 
_pdbx_validate_symm_contact.PDB_ins_code_1 
_pdbx_validate_symm_contact.label_alt_id_1 
_pdbx_validate_symm_contact.site_symmetry_1 
_pdbx_validate_symm_contact.auth_atom_id_2 
_pdbx_validate_symm_contact.auth_asym_id_2 
_pdbx_validate_symm_contact.auth_comp_id_2 
_pdbx_validate_symm_contact.auth_seq_id_2 
_pdbx_validate_symm_contact.PDB_ins_code_2 
_pdbx_validate_symm_contact.label_alt_id_2 
_pdbx_validate_symm_contact.site_symmetry_2 
_pdbx_validate_symm_contact.dist 
1 1 H22 A DG 1  ? ? 1_555 N3 C DC  2   ? ? 1_545 1.55 
2 1 N7  D DG 10 ? ? 1_555 AS C CAC 101 ? ? 3_555 1.84 
# 
loop_
_pdbx_validate_rmsd_angle.id 
_pdbx_validate_rmsd_angle.PDB_model_num 
_pdbx_validate_rmsd_angle.auth_atom_id_1 
_pdbx_validate_rmsd_angle.auth_asym_id_1 
_pdbx_validate_rmsd_angle.auth_comp_id_1 
_pdbx_validate_rmsd_angle.auth_seq_id_1 
_pdbx_validate_rmsd_angle.PDB_ins_code_1 
_pdbx_validate_rmsd_angle.label_alt_id_1 
_pdbx_validate_rmsd_angle.auth_atom_id_2 
_pdbx_validate_rmsd_angle.auth_asym_id_2 
_pdbx_validate_rmsd_angle.auth_comp_id_2 
_pdbx_validate_rmsd_angle.auth_seq_id_2 
_pdbx_validate_rmsd_angle.PDB_ins_code_2 
_pdbx_validate_rmsd_angle.label_alt_id_2 
_pdbx_validate_rmsd_angle.auth_atom_id_3 
_pdbx_validate_rmsd_angle.auth_asym_id_3 
_pdbx_validate_rmsd_angle.auth_comp_id_3 
_pdbx_validate_rmsd_angle.auth_seq_id_3 
_pdbx_validate_rmsd_angle.PDB_ins_code_3 
_pdbx_validate_rmsd_angle.label_alt_id_3 
_pdbx_validate_rmsd_angle.angle_value 
_pdbx_validate_rmsd_angle.angle_target_value 
_pdbx_validate_rmsd_angle.angle_deviation 
_pdbx_validate_rmsd_angle.angle_standard_deviation 
_pdbx_validate_rmsd_angle.linker_flag 
1 1 "O4'" A DT 7  ? ? "C1'" A DT 7  ? ? N1    A DT 7  ? ? 111.00 108.30 2.70  0.30 N 
2 1 "O4'" C DT 9  ? ? "C4'" C DT 9  ? ? "C3'" C DT 9  ? ? 102.04 104.50 -2.46 0.40 N 
3 1 "O4'" D DT 15 ? ? "C1'" D DT 15 ? ? N1    D DT 15 ? ? 110.60 108.30 2.30  0.30 N 
# 
loop_
_pdbx_unobs_or_zero_occ_atoms.id 
_pdbx_unobs_or_zero_occ_atoms.PDB_model_num 
_pdbx_unobs_or_zero_occ_atoms.polymer_flag 
_pdbx_unobs_or_zero_occ_atoms.occupancy_flag 
_pdbx_unobs_or_zero_occ_atoms.auth_asym_id 
_pdbx_unobs_or_zero_occ_atoms.auth_comp_id 
_pdbx_unobs_or_zero_occ_atoms.auth_seq_id 
_pdbx_unobs_or_zero_occ_atoms.PDB_ins_code 
_pdbx_unobs_or_zero_occ_atoms.auth_atom_id 
_pdbx_unobs_or_zero_occ_atoms.label_alt_id 
_pdbx_unobs_or_zero_occ_atoms.label_asym_id 
_pdbx_unobs_or_zero_occ_atoms.label_comp_id 
_pdbx_unobs_or_zero_occ_atoms.label_seq_id 
_pdbx_unobs_or_zero_occ_atoms.label_atom_id 
1 1 N 1 C CAC 101 ? O1 ? F CAC 1 O1 
2 1 N 1 C CAC 101 ? O2 ? F CAC 1 O2 
3 1 N 1 C CAC 101 ? C1 ? F CAC 1 C1 
4 1 N 1 C CAC 101 ? C2 ? F CAC 1 C2 
# 
loop_
_chem_comp_atom.comp_id 
_chem_comp_atom.atom_id 
_chem_comp_atom.type_symbol 
_chem_comp_atom.pdbx_aromatic_flag 
_chem_comp_atom.pdbx_stereo_config 
_chem_comp_atom.pdbx_ordinal 
CAC AS     AS N N 1   
CAC O1     O  N N 2   
CAC O2     O  N N 3   
CAC C1     C  N N 4   
CAC C2     C  N N 5   
CAC H11    H  N N 6   
CAC H12    H  N N 7   
CAC H13    H  N N 8   
CAC H21    H  N N 9   
CAC H22    H  N N 10  
CAC H23    H  N N 11  
DA  OP3    O  N N 12  
DA  P      P  N N 13  
DA  OP1    O  N N 14  
DA  OP2    O  N N 15  
DA  "O5'"  O  N N 16  
DA  "C5'"  C  N N 17  
DA  "C4'"  C  N R 18  
DA  "O4'"  O  N N 19  
DA  "C3'"  C  N S 20  
DA  "O3'"  O  N N 21  
DA  "C2'"  C  N N 22  
DA  "C1'"  C  N R 23  
DA  N9     N  Y N 24  
DA  C8     C  Y N 25  
DA  N7     N  Y N 26  
DA  C5     C  Y N 27  
DA  C6     C  Y N 28  
DA  N6     N  N N 29  
DA  N1     N  Y N 30  
DA  C2     C  Y N 31  
DA  N3     N  Y N 32  
DA  C4     C  Y N 33  
DA  HOP3   H  N N 34  
DA  HOP2   H  N N 35  
DA  "H5'"  H  N N 36  
DA  "H5''" H  N N 37  
DA  "H4'"  H  N N 38  
DA  "H3'"  H  N N 39  
DA  "HO3'" H  N N 40  
DA  "H2'"  H  N N 41  
DA  "H2''" H  N N 42  
DA  "H1'"  H  N N 43  
DA  H8     H  N N 44  
DA  H61    H  N N 45  
DA  H62    H  N N 46  
DA  H2     H  N N 47  
DAP N1     N  Y N 48  
DAP C2     C  Y N 49  
DAP C3     C  Y N 50  
DAP C4     C  Y N 51  
DAP C5     C  Y N 52  
DAP C6     C  Y N 53  
DAP C7     C  Y N 54  
DAP C8     C  Y N 55  
DAP C9     C  Y N 56  
DAP C10    C  N N 57  
DAP N2     N  N N 58  
DAP N3     N  N N 59  
DAP "C1'"  C  Y N 60  
DAP "C2'"  C  Y N 61  
DAP "C3'"  C  Y N 62  
DAP "C4'"  C  Y N 63  
DAP "C5'"  C  Y N 64  
DAP "C6'"  C  Y N 65  
DAP C11    C  N N 66  
DAP N4     N  N N 67  
DAP N5     N  N N 68  
DAP HN1    H  N N 69  
DAP H3     H  N N 70  
DAP H4     H  N N 71  
DAP H5     H  N N 72  
DAP H7     H  N N 73  
DAP HN2    H  N N 74  
DAP HN31   H  N N 75  
DAP HN32   H  N N 76  
DAP "H2'"  H  N N 77  
DAP "H3'"  H  N N 78  
DAP "H5'"  H  N N 79  
DAP "H6'"  H  N N 80  
DAP HN4    H  N N 81  
DAP HN51   H  N N 82  
DAP HN52   H  N N 83  
DC  OP3    O  N N 84  
DC  P      P  N N 85  
DC  OP1    O  N N 86  
DC  OP2    O  N N 87  
DC  "O5'"  O  N N 88  
DC  "C5'"  C  N N 89  
DC  "C4'"  C  N R 90  
DC  "O4'"  O  N N 91  
DC  "C3'"  C  N S 92  
DC  "O3'"  O  N N 93  
DC  "C2'"  C  N N 94  
DC  "C1'"  C  N R 95  
DC  N1     N  N N 96  
DC  C2     C  N N 97  
DC  O2     O  N N 98  
DC  N3     N  N N 99  
DC  C4     C  N N 100 
DC  N4     N  N N 101 
DC  C5     C  N N 102 
DC  C6     C  N N 103 
DC  HOP3   H  N N 104 
DC  HOP2   H  N N 105 
DC  "H5'"  H  N N 106 
DC  "H5''" H  N N 107 
DC  "H4'"  H  N N 108 
DC  "H3'"  H  N N 109 
DC  "HO3'" H  N N 110 
DC  "H2'"  H  N N 111 
DC  "H2''" H  N N 112 
DC  "H1'"  H  N N 113 
DC  H41    H  N N 114 
DC  H42    H  N N 115 
DC  H5     H  N N 116 
DC  H6     H  N N 117 
DG  OP3    O  N N 118 
DG  P      P  N N 119 
DG  OP1    O  N N 120 
DG  OP2    O  N N 121 
DG  "O5'"  O  N N 122 
DG  "C5'"  C  N N 123 
DG  "C4'"  C  N R 124 
DG  "O4'"  O  N N 125 
DG  "C3'"  C  N S 126 
DG  "O3'"  O  N N 127 
DG  "C2'"  C  N N 128 
DG  "C1'"  C  N R 129 
DG  N9     N  Y N 130 
DG  C8     C  Y N 131 
DG  N7     N  Y N 132 
DG  C5     C  Y N 133 
DG  C6     C  N N 134 
DG  O6     O  N N 135 
DG  N1     N  N N 136 
DG  C2     C  N N 137 
DG  N2     N  N N 138 
DG  N3     N  N N 139 
DG  C4     C  Y N 140 
DG  HOP3   H  N N 141 
DG  HOP2   H  N N 142 
DG  "H5'"  H  N N 143 
DG  "H5''" H  N N 144 
DG  "H4'"  H  N N 145 
DG  "H3'"  H  N N 146 
DG  "HO3'" H  N N 147 
DG  "H2'"  H  N N 148 
DG  "H2''" H  N N 149 
DG  "H1'"  H  N N 150 
DG  H8     H  N N 151 
DG  H1     H  N N 152 
DG  H21    H  N N 153 
DG  H22    H  N N 154 
DT  OP3    O  N N 155 
DT  P      P  N N 156 
DT  OP1    O  N N 157 
DT  OP2    O  N N 158 
DT  "O5'"  O  N N 159 
DT  "C5'"  C  N N 160 
DT  "C4'"  C  N R 161 
DT  "O4'"  O  N N 162 
DT  "C3'"  C  N S 163 
DT  "O3'"  O  N N 164 
DT  "C2'"  C  N N 165 
DT  "C1'"  C  N R 166 
DT  N1     N  N N 167 
DT  C2     C  N N 168 
DT  O2     O  N N 169 
DT  N3     N  N N 170 
DT  C4     C  N N 171 
DT  O4     O  N N 172 
DT  C5     C  N N 173 
DT  C7     C  N N 174 
DT  C6     C  N N 175 
DT  HOP3   H  N N 176 
DT  HOP2   H  N N 177 
DT  "H5'"  H  N N 178 
DT  "H5''" H  N N 179 
DT  "H4'"  H  N N 180 
DT  "H3'"  H  N N 181 
DT  "HO3'" H  N N 182 
DT  "H2'"  H  N N 183 
DT  "H2''" H  N N 184 
DT  "H1'"  H  N N 185 
DT  H3     H  N N 186 
DT  H71    H  N N 187 
DT  H72    H  N N 188 
DT  H73    H  N N 189 
DT  H6     H  N N 190 
# 
loop_
_chem_comp_bond.comp_id 
_chem_comp_bond.atom_id_1 
_chem_comp_bond.atom_id_2 
_chem_comp_bond.value_order 
_chem_comp_bond.pdbx_aromatic_flag 
_chem_comp_bond.pdbx_stereo_config 
_chem_comp_bond.pdbx_ordinal 
CAC AS    O1     doub N N 1   
CAC AS    O2     sing N N 2   
CAC AS    C1     sing N N 3   
CAC AS    C2     sing N N 4   
CAC C1    H11    sing N N 5   
CAC C1    H12    sing N N 6   
CAC C1    H13    sing N N 7   
CAC C2    H21    sing N N 8   
CAC C2    H22    sing N N 9   
CAC C2    H23    sing N N 10  
DA  OP3   P      sing N N 11  
DA  OP3   HOP3   sing N N 12  
DA  P     OP1    doub N N 13  
DA  P     OP2    sing N N 14  
DA  P     "O5'"  sing N N 15  
DA  OP2   HOP2   sing N N 16  
DA  "O5'" "C5'"  sing N N 17  
DA  "C5'" "C4'"  sing N N 18  
DA  "C5'" "H5'"  sing N N 19  
DA  "C5'" "H5''" sing N N 20  
DA  "C4'" "O4'"  sing N N 21  
DA  "C4'" "C3'"  sing N N 22  
DA  "C4'" "H4'"  sing N N 23  
DA  "O4'" "C1'"  sing N N 24  
DA  "C3'" "O3'"  sing N N 25  
DA  "C3'" "C2'"  sing N N 26  
DA  "C3'" "H3'"  sing N N 27  
DA  "O3'" "HO3'" sing N N 28  
DA  "C2'" "C1'"  sing N N 29  
DA  "C2'" "H2'"  sing N N 30  
DA  "C2'" "H2''" sing N N 31  
DA  "C1'" N9     sing N N 32  
DA  "C1'" "H1'"  sing N N 33  
DA  N9    C8     sing Y N 34  
DA  N9    C4     sing Y N 35  
DA  C8    N7     doub Y N 36  
DA  C8    H8     sing N N 37  
DA  N7    C5     sing Y N 38  
DA  C5    C6     sing Y N 39  
DA  C5    C4     doub Y N 40  
DA  C6    N6     sing N N 41  
DA  C6    N1     doub Y N 42  
DA  N6    H61    sing N N 43  
DA  N6    H62    sing N N 44  
DA  N1    C2     sing Y N 45  
DA  C2    N3     doub Y N 46  
DA  C2    H2     sing N N 47  
DA  N3    C4     sing Y N 48  
DAP N1    C2     sing Y N 49  
DAP N1    C8     sing Y N 50  
DAP N1    HN1    sing N N 51  
DAP C2    C3     doub Y N 52  
DAP C2    "C1'"  sing Y N 53  
DAP C3    C9     sing Y N 54  
DAP C3    H3     sing N N 55  
DAP C4    C5     doub Y N 56  
DAP C4    C9     sing Y N 57  
DAP C4    H4     sing N N 58  
DAP C5    C6     sing Y N 59  
DAP C5    H5     sing N N 60  
DAP C6    C7     doub Y N 61  
DAP C6    C10    sing N N 62  
DAP C7    C8     sing Y N 63  
DAP C7    H7     sing N N 64  
DAP C8    C9     doub Y N 65  
DAP C10   N2     doub N N 66  
DAP C10   N3     sing N N 67  
DAP N2    HN2    sing N N 68  
DAP N3    HN31   sing N N 69  
DAP N3    HN32   sing N N 70  
DAP "C1'" "C2'"  doub Y N 71  
DAP "C1'" "C6'"  sing Y N 72  
DAP "C2'" "C3'"  sing Y N 73  
DAP "C2'" "H2'"  sing N N 74  
DAP "C3'" "C4'"  doub Y N 75  
DAP "C3'" "H3'"  sing N N 76  
DAP "C4'" "C5'"  sing Y N 77  
DAP "C4'" C11    sing N N 78  
DAP "C5'" "C6'"  doub Y N 79  
DAP "C5'" "H5'"  sing N N 80  
DAP "C6'" "H6'"  sing N N 81  
DAP C11   N4     doub N N 82  
DAP C11   N5     sing N N 83  
DAP N4    HN4    sing N N 84  
DAP N5    HN51   sing N N 85  
DAP N5    HN52   sing N N 86  
DC  OP3   P      sing N N 87  
DC  OP3   HOP3   sing N N 88  
DC  P     OP1    doub N N 89  
DC  P     OP2    sing N N 90  
DC  P     "O5'"  sing N N 91  
DC  OP2   HOP2   sing N N 92  
DC  "O5'" "C5'"  sing N N 93  
DC  "C5'" "C4'"  sing N N 94  
DC  "C5'" "H5'"  sing N N 95  
DC  "C5'" "H5''" sing N N 96  
DC  "C4'" "O4'"  sing N N 97  
DC  "C4'" "C3'"  sing N N 98  
DC  "C4'" "H4'"  sing N N 99  
DC  "O4'" "C1'"  sing N N 100 
DC  "C3'" "O3'"  sing N N 101 
DC  "C3'" "C2'"  sing N N 102 
DC  "C3'" "H3'"  sing N N 103 
DC  "O3'" "HO3'" sing N N 104 
DC  "C2'" "C1'"  sing N N 105 
DC  "C2'" "H2'"  sing N N 106 
DC  "C2'" "H2''" sing N N 107 
DC  "C1'" N1     sing N N 108 
DC  "C1'" "H1'"  sing N N 109 
DC  N1    C2     sing N N 110 
DC  N1    C6     sing N N 111 
DC  C2    O2     doub N N 112 
DC  C2    N3     sing N N 113 
DC  N3    C4     doub N N 114 
DC  C4    N4     sing N N 115 
DC  C4    C5     sing N N 116 
DC  N4    H41    sing N N 117 
DC  N4    H42    sing N N 118 
DC  C5    C6     doub N N 119 
DC  C5    H5     sing N N 120 
DC  C6    H6     sing N N 121 
DG  OP3   P      sing N N 122 
DG  OP3   HOP3   sing N N 123 
DG  P     OP1    doub N N 124 
DG  P     OP2    sing N N 125 
DG  P     "O5'"  sing N N 126 
DG  OP2   HOP2   sing N N 127 
DG  "O5'" "C5'"  sing N N 128 
DG  "C5'" "C4'"  sing N N 129 
DG  "C5'" "H5'"  sing N N 130 
DG  "C5'" "H5''" sing N N 131 
DG  "C4'" "O4'"  sing N N 132 
DG  "C4'" "C3'"  sing N N 133 
DG  "C4'" "H4'"  sing N N 134 
DG  "O4'" "C1'"  sing N N 135 
DG  "C3'" "O3'"  sing N N 136 
DG  "C3'" "C2'"  sing N N 137 
DG  "C3'" "H3'"  sing N N 138 
DG  "O3'" "HO3'" sing N N 139 
DG  "C2'" "C1'"  sing N N 140 
DG  "C2'" "H2'"  sing N N 141 
DG  "C2'" "H2''" sing N N 142 
DG  "C1'" N9     sing N N 143 
DG  "C1'" "H1'"  sing N N 144 
DG  N9    C8     sing Y N 145 
DG  N9    C4     sing Y N 146 
DG  C8    N7     doub Y N 147 
DG  C8    H8     sing N N 148 
DG  N7    C5     sing Y N 149 
DG  C5    C6     sing N N 150 
DG  C5    C4     doub Y N 151 
DG  C6    O6     doub N N 152 
DG  C6    N1     sing N N 153 
DG  N1    C2     sing N N 154 
DG  N1    H1     sing N N 155 
DG  C2    N2     sing N N 156 
DG  C2    N3     doub N N 157 
DG  N2    H21    sing N N 158 
DG  N2    H22    sing N N 159 
DG  N3    C4     sing N N 160 
DT  OP3   P      sing N N 161 
DT  OP3   HOP3   sing N N 162 
DT  P     OP1    doub N N 163 
DT  P     OP2    sing N N 164 
DT  P     "O5'"  sing N N 165 
DT  OP2   HOP2   sing N N 166 
DT  "O5'" "C5'"  sing N N 167 
DT  "C5'" "C4'"  sing N N 168 
DT  "C5'" "H5'"  sing N N 169 
DT  "C5'" "H5''" sing N N 170 
DT  "C4'" "O4'"  sing N N 171 
DT  "C4'" "C3'"  sing N N 172 
DT  "C4'" "H4'"  sing N N 173 
DT  "O4'" "C1'"  sing N N 174 
DT  "C3'" "O3'"  sing N N 175 
DT  "C3'" "C2'"  sing N N 176 
DT  "C3'" "H3'"  sing N N 177 
DT  "O3'" "HO3'" sing N N 178 
DT  "C2'" "C1'"  sing N N 179 
DT  "C2'" "H2'"  sing N N 180 
DT  "C2'" "H2''" sing N N 181 
DT  "C1'" N1     sing N N 182 
DT  "C1'" "H1'"  sing N N 183 
DT  N1    C2     sing N N 184 
DT  N1    C6     sing N N 185 
DT  C2    O2     doub N N 186 
DT  C2    N3     sing N N 187 
DT  N3    C4     sing N N 188 
DT  N3    H3     sing N N 189 
DT  C4    O4     doub N N 190 
DT  C4    C5     sing N N 191 
DT  C5    C7     sing N N 192 
DT  C5    C6     doub N N 193 
DT  C7    H71    sing N N 194 
DT  C7    H72    sing N N 195 
DT  C7    H73    sing N N 196 
DT  C6    H6     sing N N 197 
# 
loop_
_ndb_struct_conf_na.entry_id 
_ndb_struct_conf_na.feature 
8T7X 'double helix'        
8T7X 'a-form double helix' 
8T7X 'b-form double helix' 
# 
loop_
_ndb_struct_na_base_pair.model_number 
_ndb_struct_na_base_pair.i_label_asym_id 
_ndb_struct_na_base_pair.i_label_comp_id 
_ndb_struct_na_base_pair.i_label_seq_id 
_ndb_struct_na_base_pair.i_symmetry 
_ndb_struct_na_base_pair.j_label_asym_id 
_ndb_struct_na_base_pair.j_label_comp_id 
_ndb_struct_na_base_pair.j_label_seq_id 
_ndb_struct_na_base_pair.j_symmetry 
_ndb_struct_na_base_pair.shear 
_ndb_struct_na_base_pair.stretch 
_ndb_struct_na_base_pair.stagger 
_ndb_struct_na_base_pair.buckle 
_ndb_struct_na_base_pair.propeller 
_ndb_struct_na_base_pair.opening 
_ndb_struct_na_base_pair.pair_number 
_ndb_struct_na_base_pair.pair_name 
_ndb_struct_na_base_pair.i_auth_asym_id 
_ndb_struct_na_base_pair.i_auth_seq_id 
_ndb_struct_na_base_pair.i_PDB_ins_code 
_ndb_struct_na_base_pair.j_auth_asym_id 
_ndb_struct_na_base_pair.j_auth_seq_id 
_ndb_struct_na_base_pair.j_PDB_ins_code 
_ndb_struct_na_base_pair.hbond_type_28 
_ndb_struct_na_base_pair.hbond_type_12 
1 A DG 3  1_555 D DC 7 1_555 0.522  -0.155 1.053  15.074  -18.412 -4.555 1  A_DG3:DC16_D A 3  ? D 16 ? 19 1 
1 A DA 4  1_555 D DT 6 1_555 -0.343 0.342  0.543  6.130   -20.078 0.395  2  A_DA4:DT15_D A 4  ? D 15 ? 20 1 
1 A DA 5  1_555 D DT 5 1_555 0.831  0.408  0.637  5.998   -21.528 5.729  3  A_DA5:DT14_D A 5  ? D 14 ? ?  ? 
1 A DT 6  1_555 D DA 4 1_555 -0.150 0.006  0.393  7.009   -24.561 1.459  4  A_DT6:DA13_D A 6  ? D 13 ? 20 1 
1 A DT 7  1_555 D DA 3 1_555 -0.021 -0.190 0.137  -0.457  -25.571 -8.048 5  A_DT7:DA12_D A 7  ? D 12 ? 20 1 
1 A DC 8  1_555 D DG 2 1_555 -1.085 0.000  0.806  -10.233 -26.215 -2.422 6  A_DC8:DG11_D A 8  ? D 11 ? 19 1 
1 A DC 9  1_555 D DG 1 1_555 0.654  -0.232 1.574  -21.582 -16.341 -9.478 7  A_DC9:DG10_D A 9  ? D 10 ? 19 1 
1 A DT 10 1_555 B DA 5 1_555 -1.389 0.002  0.550  -5.359  -10.186 6.279  8  A_DT10:DA5_B A 10 ? B 5  ? 20 1 
1 A DG 11 1_555 B DC 4 1_555 0.812  -0.063 0.575  13.000  -12.061 1.617  9  A_DG11:DC4_B A 11 ? B 4  ? 19 1 
1 A DA 12 1_555 B DT 3 1_555 0.052  -0.270 0.191  3.325   -19.722 5.844  10 A_DA12:DT3_B A 12 ? B 3  ? 20 1 
1 A DC 13 1_555 B DG 2 1_555 -0.514 -0.052 0.604  -7.713  -13.884 6.474  11 A_DC13:DG2_B A 13 ? B 2  ? 19 1 
1 A DG 14 1_555 B DC 1 1_555 0.412  -0.138 0.990  2.557   -16.920 2.237  12 A_DG14:DC1_B A 14 ? B 1  ? 19 1 
1 A DA 15 1_555 C DT 9 1_555 -0.458 -0.131 1.325  15.189  -11.825 7.444  13 A_DA15:DT9_C A 15 ? C 9  ? 20 1 
1 A DC 16 1_555 C DG 8 1_555 0.567  0.069  0.696  16.646  -15.346 4.704  14 A_DC16:DG8_C A 16 ? C 8  ? 19 1 
1 A DA 17 1_555 C DT 7 1_555 0.256  -0.094 0.231  10.951  -22.454 7.064  15 A_DA17:DT7_C A 17 ? C 7  ? 20 1 
1 A DA 18 1_555 C DT 6 1_555 -0.190 0.168  -0.009 4.041   -21.877 13.897 16 A_DA18:DT6_C A 18 ? C 6  ? 20 1 
1 A DT 19 1_555 C DA 5 1_555 -0.400 -0.068 0.185  -0.633  -27.581 7.097  17 A_DT19:DA5_C A 19 ? C 5  ? 20 1 
1 A DT 20 1_555 C DA 4 1_555 -0.737 0.133  -0.274 0.749   -23.689 0.126  18 A_DT20:DA4_C A 20 ? C 4  ? 20 1 
1 A DA 21 1_555 C DT 3 1_555 1.115  -0.190 0.235  -6.060  -29.494 -5.562 19 A_DA21:DT3_C A 21 ? C 3  ? 20 1 
# 
loop_
_ndb_struct_na_base_pair_step.model_number 
_ndb_struct_na_base_pair_step.i_label_asym_id_1 
_ndb_struct_na_base_pair_step.i_label_comp_id_1 
_ndb_struct_na_base_pair_step.i_label_seq_id_1 
_ndb_struct_na_base_pair_step.i_symmetry_1 
_ndb_struct_na_base_pair_step.j_label_asym_id_1 
_ndb_struct_na_base_pair_step.j_label_comp_id_1 
_ndb_struct_na_base_pair_step.j_label_seq_id_1 
_ndb_struct_na_base_pair_step.j_symmetry_1 
_ndb_struct_na_base_pair_step.i_label_asym_id_2 
_ndb_struct_na_base_pair_step.i_label_comp_id_2 
_ndb_struct_na_base_pair_step.i_label_seq_id_2 
_ndb_struct_na_base_pair_step.i_symmetry_2 
_ndb_struct_na_base_pair_step.j_label_asym_id_2 
_ndb_struct_na_base_pair_step.j_label_comp_id_2 
_ndb_struct_na_base_pair_step.j_label_seq_id_2 
_ndb_struct_na_base_pair_step.j_symmetry_2 
_ndb_struct_na_base_pair_step.shift 
_ndb_struct_na_base_pair_step.slide 
_ndb_struct_na_base_pair_step.rise 
_ndb_struct_na_base_pair_step.tilt 
_ndb_struct_na_base_pair_step.roll 
_ndb_struct_na_base_pair_step.twist 
_ndb_struct_na_base_pair_step.x_displacement 
_ndb_struct_na_base_pair_step.y_displacement 
_ndb_struct_na_base_pair_step.helical_rise 
_ndb_struct_na_base_pair_step.inclination 
_ndb_struct_na_base_pair_step.tip 
_ndb_struct_na_base_pair_step.helical_twist 
_ndb_struct_na_base_pair_step.step_number 
_ndb_struct_na_base_pair_step.step_name 
_ndb_struct_na_base_pair_step.i_auth_asym_id_1 
_ndb_struct_na_base_pair_step.i_auth_seq_id_1 
_ndb_struct_na_base_pair_step.i_PDB_ins_code_1 
_ndb_struct_na_base_pair_step.j_auth_asym_id_1 
_ndb_struct_na_base_pair_step.j_auth_seq_id_1 
_ndb_struct_na_base_pair_step.j_PDB_ins_code_1 
_ndb_struct_na_base_pair_step.i_auth_asym_id_2 
_ndb_struct_na_base_pair_step.i_auth_seq_id_2 
_ndb_struct_na_base_pair_step.i_PDB_ins_code_2 
_ndb_struct_na_base_pair_step.j_auth_asym_id_2 
_ndb_struct_na_base_pair_step.j_auth_seq_id_2 
_ndb_struct_na_base_pair_step.j_PDB_ins_code_2 
1 A DG 3  1_555 D DC 7 1_555 A DA 4  1_555 D DT 6 1_555 -0.084 -0.374 3.470 5.867  -0.884 34.682 -0.480 1.066  3.419 -1.469 -9.753 
35.171 1  AA_DG3DA4:DT15DC16_DD A 3  ? D 16 ? A 4  ? D 15 ? 
1 A DA 4  1_555 D DT 6 1_555 A DA 5  1_555 D DT 5 1_555 0.351  -0.291 3.191 -0.942 -1.592 40.668 -0.247 -0.606 3.191 -2.290 1.354 
40.708 2  AA_DA4DA5:DT14DT15_DD A 4  ? D 15 ? A 5  ? D 14 ? 
1 A DA 5  1_555 D DT 5 1_555 A DT 6  1_555 D DA 4 1_555 0.046  -0.945 3.208 1.420  0.226  28.959 -1.937 0.214  3.199 0.451  -2.838 
28.994 3  AA_DA5DT6:DA13DT14_DD A 5  ? D 14 ? A 6  ? D 13 ? 
1 A DT 6  1_555 D DA 4 1_555 A DT 7  1_555 D DA 3 1_555 -0.386 -0.895 3.433 4.051  -1.020 32.173 -1.414 1.437  3.386 -1.831 -7.271 
32.436 4  AA_DT6DT7:DA12DA13_DD A 6  ? D 13 ? A 7  ? D 12 ? 
1 A DT 7  1_555 D DA 3 1_555 A DC 8  1_555 D DG 2 1_555 0.450  -0.535 3.494 -4.540 -3.271 31.820 -0.343 -1.669 3.435 -5.908 8.201 
32.295 5  AA_DT7DC8:DG11DA12_DD A 7  ? D 12 ? A 8  ? D 11 ? 
1 A DC 8  1_555 D DG 2 1_555 A DC 9  1_555 D DG 1 1_555 0.169  -1.673 3.632 -6.951 1.202  46.802 -2.193 -0.833 3.533 1.503  8.693 
47.301 6  AA_DC8DC9:DG10DG11_DD A 8  ? D 11 ? A 9  ? D 10 ? 
1 A DC 9  1_555 D DG 1 1_555 A DT 10 1_555 B DA 5 1_555 -0.585 -1.781 2.709 9.644  0.253  12.687 -6.570 7.547  1.779 0.980  
-37.359 15.927 7  AA_DC9DT10:DA5DG10_BD A 9  ? D 10 ? A 10 ? B 5  ? 
1 A DT 10 1_555 B DA 5 1_555 A DG 11 1_555 B DC 4 1_555 -0.498 1.237  3.057 -0.014 4.419  41.220 1.298  0.702  3.167 6.255  0.020 
41.446 8  AA_DT10DG11:DC4DA5_BB A 10 ? B 5  ? A 11 ? B 4  ? 
1 A DG 11 1_555 B DC 4 1_555 A DA 12 1_555 B DT 3 1_555 0.405  -0.171 3.498 3.687  2.673  33.771 -0.749 -0.061 3.498 4.575  -6.310 
34.068 9  AA_DG11DA12:DT3DC4_BB A 11 ? B 4  ? A 12 ? B 3  ? 
1 A DA 12 1_555 B DT 3 1_555 A DC 13 1_555 B DG 2 1_555 0.844  -0.955 3.525 -3.824 -0.215 31.346 -1.713 -2.306 3.407 -0.397 7.044 
31.574 10 AA_DA12DC13:DG2DT3_BB A 12 ? B 3  ? A 13 ? B 2  ? 
1 A DC 13 1_555 B DG 2 1_555 A DG 14 1_555 B DC 1 1_555 -0.254 -0.345 3.026 -4.361 1.124  39.516 -0.628 -0.096 3.026 1.656  6.425 
39.761 11 AA_DC13DG14:DC1DG2_BB A 13 ? B 2  ? A 14 ? B 1  ? 
1 A DG 14 1_555 B DC 1 1_555 A DA 15 1_555 C DT 9 1_555 -0.699 -0.704 2.769 -2.517 -2.195 29.578 -0.974 0.906  2.861 -4.282 4.911 
29.762 12 AA_DG14DA15:DT9DC1_CB A 14 ? B 1  ? A 15 ? C 9  ? 
1 A DA 15 1_555 C DT 9 1_555 A DC 16 1_555 C DG 8 1_555 0.366  -0.590 3.304 3.983  4.366  34.334 -1.654 -0.002 3.227 7.328  -6.685 
34.824 13 AA_DA15DC16:DG8DT9_CC A 15 ? C 9  ? A 16 ? C 8  ? 
1 A DC 16 1_555 C DG 8 1_555 A DA 17 1_555 C DT 7 1_555 0.072  0.434  3.322 3.136  3.047  36.948 0.266  0.314  3.340 4.787  -4.926 
37.197 14 AA_DC16DA17:DT7DG8_CC A 16 ? C 8  ? A 17 ? C 7  ? 
1 A DA 17 1_555 C DT 7 1_555 A DA 18 1_555 C DT 6 1_555 0.210  -0.384 3.381 -0.834 2.646  30.931 -1.240 -0.557 3.331 4.949  1.559 
31.053 15 AA_DA17DA18:DT6DT7_CC A 17 ? C 7  ? A 18 ? C 6  ? 
1 A DA 18 1_555 C DT 6 1_555 A DT 19 1_555 C DA 5 1_555 -0.357 -0.599 3.481 -2.098 -2.110 31.524 -0.681 0.238  3.528 -3.872 3.850 
31.660 16 AA_DA18DT19:DA5DT6_CC A 18 ? C 6  ? A 19 ? C 5  ? 
1 A DT 19 1_555 C DA 5 1_555 A DT 20 1_555 C DA 4 1_555 -0.388 -0.320 3.182 4.728  5.264  34.572 -1.277 1.312  3.024 8.744  -7.854 
35.267 17 AA_DT19DT20:DA4DA5_CC A 19 ? C 5  ? A 20 ? C 4  ? 
1 A DT 20 1_555 C DA 4 1_555 A DA 21 1_555 C DT 3 1_555 -0.292 0.266  3.879 -5.313 2.148  42.724 0.109  -0.227 3.894 2.933  7.253 
43.089 18 AA_DT20DA21:DT3DA4_CC A 20 ? C 4  ? A 21 ? C 3  ? 
# 
loop_
_pdbx_audit_support.funding_organization 
_pdbx_audit_support.country 
_pdbx_audit_support.grant_number 
_pdbx_audit_support.ordinal 
'National Science Foundation (NSF, United States)'                                         'United States' 1360635     1 
'National Institutes of Health/National Institute of General Medical Sciences (NIH/NIGMS)' 'United States' R01GM104960 2 
'National Science Foundation (NSF, United States)'                                         'United States' NSF2004250  3 
# 
loop_
_pdbx_entity_nonpoly.entity_id 
_pdbx_entity_nonpoly.name 
_pdbx_entity_nonpoly.comp_id 
5 '6-AMIDINE-2-(4-AMIDINO-PHENYL)INDOLE' DAP 
6 'CACODYLATE ION'                       CAC 
# 
_pdbx_initial_refinement_model.id               1 
_pdbx_initial_refinement_model.entity_id_list   ? 
_pdbx_initial_refinement_model.type             'experimental model' 
_pdbx_initial_refinement_model.source_name      PDB 
_pdbx_initial_refinement_model.accession_code   5KEK 
_pdbx_initial_refinement_model.details          ? 
# 
